data_8DPT
#
_entry.id   8DPT
#
_cell.length_a   1.00
_cell.length_b   1.00
_cell.length_c   1.00
_cell.angle_alpha   90.00
_cell.angle_beta   90.00
_cell.angle_gamma   90.00
#
_symmetry.space_group_name_H-M   'P 1'
#
loop_
_entity.id
_entity.type
_entity.pdbx_description
1 polymer 'Interleukin-6 receptor subunit beta'
2 polymer Interleukin-11
3 polymer 'Interleukin-11 receptor subunit alpha'
4 branched beta-D-mannopyranose-(1-4)-2-acetamido-2-deoxy-beta-D-glucopyranose-(1-4)-2-acetamido-2-deoxy-beta-D-glucopyranose
5 branched 2-acetamido-2-deoxy-beta-D-glucopyranose-(1-4)-2-acetamido-2-deoxy-beta-D-glucopyranose
6 non-polymer 2-acetamido-2-deoxy-beta-D-glucopyranose
#
loop_
_entity_poly.entity_id
_entity_poly.type
_entity_poly.pdbx_seq_one_letter_code
_entity_poly.pdbx_strand_id
1 'polypeptide(L)'
;GELLDPCGYISPESPVVQLHSNFTAVCVLKEKCMDYFHVNANYIVWKTNHFTIPKEQYTIINRTASSVTFTDIASLNIQL
TCNILTFGQLEQNVYGITIISGLPPEKPKNLSCIVNEGKKMRCEWDGGRETHLETNFTLKSEWATHKFADCKAKRDTPTS
CTVDYSTVYFVNIEVWVEAENALGKVTSDHINFDPVYKVKPNPPHNLSVINSEELSSILKLTWTNPSIKSVIILKYNIQY
RTKDASTWSQIPPEDTASTRSSFTVQDLKPFTEYVFRIRCMKEDGKGYWSDWSEEASGITYEDRPSKAPSFWYKIDPSHT
QGYRTVQLVWKTLPPFEANGKILDYEVTLTRWKSHLQNYTVNATKLTVNLTNDRYLATLTVRNLVGKSDAAVLTIPACDF
QATHPVMDLKAFPKDNMLWVEWTTPRESVKKYILEWCVLSDKAPCITDWQQEDGTVHRTYLRGNLAESKCYLITVTPVYA
DGPGSPESIKAYLKQAPPSKGPTVRTKKVGKNEAVLEWDQLPVDVQNGFIRNYTIFYRTIIGNETAVNVDSSHTEYTLSS
LTSDTLYMVRMAAYTDEGGKDGPEFTFTTPK
;
A,D
2 'polypeptide(L)'
;GSPDPRAELDSTVLLTRSLLADTRQLAAQLRDKFPADGDHNLDSLPTLAMSAGALGALQLPGVLTRLRADLLSYLRHVQW
LRRAGGSSLKTLEPELGTLQARLDRLLRRLQLLMSRLALPQPPPDPPAPPLAPPSSAWGGIRAAHAILGGLHLTLDWAVR
GLLLLKTRL
;
B,E
3 'polypeptide(L)'
;GSSPCPQAWGPPGVQYGQPGRSVKLCCPGVTAGDPVSWFRDGEPKLLQGPDSGLGHELVLAQADSTDEGTYICQTLDGAL
GGTVTLQLGYPPARPVVSCQAADYENFSCTWSPSQISGLPTRYLTSYRKKTVLGADSQRRSPSTGPWPCPQDPLGAARCV
VHGAEFWSQYRINVTEVNPLGASTRLLDVSLQSILRPDPPQGLRVESVPGYPRRLRASWTYPASWPSQPHFLLKFRLQYR
PAQHPAWSTVEPAGLEEVITDAVAGLPHAVRVSARDFLDAGTWSTWSPEAWGTPSTGT
;
C,F
#
loop_
_chem_comp.id
_chem_comp.type
_chem_comp.name
_chem_comp.formula
BMA D-saccharide, beta linking beta-D-mannopyranose 'C6 H12 O6'
NAG D-saccharide, beta linking 2-acetamido-2-deoxy-beta-D-glucopyranose 'C8 H15 N O6'
#
# COMPACT_ATOMS: atom_id res chain seq x y z
N LEU A 3 -5.27 23.04 46.61
CA LEU A 3 -4.48 21.82 46.50
C LEU A 3 -4.79 21.10 45.20
N LEU A 4 -6.08 20.92 44.94
CA LEU A 4 -6.53 20.24 43.74
C LEU A 4 -6.23 21.11 42.51
N ASP A 5 -6.19 20.43 41.35
CA ASP A 5 -5.86 20.87 39.99
C ASP A 5 -4.38 21.27 39.91
N PRO A 6 -3.72 21.08 38.75
CA PRO A 6 -2.30 21.43 38.65
C PRO A 6 -2.05 22.87 39.07
N CYS A 7 -1.32 23.08 40.17
CA CYS A 7 -1.06 24.44 40.59
C CYS A 7 0.20 24.99 39.91
N GLY A 8 0.09 26.25 39.53
CA GLY A 8 1.11 27.03 38.85
C GLY A 8 1.26 26.57 37.42
N TYR A 9 2.34 27.01 36.78
CA TYR A 9 2.59 26.65 35.39
C TYR A 9 4.06 26.78 35.03
N ILE A 10 4.44 26.20 33.89
CA ILE A 10 5.79 26.30 33.36
C ILE A 10 5.72 27.16 32.11
N SER A 11 6.68 28.05 31.93
CA SER A 11 6.65 28.86 30.73
C SER A 11 8.01 28.80 30.04
N PRO A 12 8.05 28.73 28.71
CA PRO A 12 6.95 28.71 27.73
C PRO A 12 6.23 27.35 27.65
N GLU A 13 4.93 27.39 27.31
CA GLU A 13 4.06 26.22 27.29
C GLU A 13 4.73 24.97 26.72
N SER A 14 5.19 25.02 25.48
CA SER A 14 5.83 23.88 24.83
C SER A 14 6.75 24.40 23.74
N PRO A 15 7.93 24.88 24.14
CA PRO A 15 8.87 25.45 23.18
C PRO A 15 9.61 24.43 22.34
N VAL A 16 10.03 24.88 21.17
CA VAL A 16 10.90 24.14 20.27
C VAL A 16 12.07 25.06 19.98
N VAL A 17 13.29 24.56 20.17
CA VAL A 17 14.47 25.39 19.95
C VAL A 17 15.46 24.66 19.04
N GLN A 18 16.39 25.43 18.51
CA GLN A 18 17.42 24.90 17.63
C GLN A 18 18.59 24.33 18.43
N LEU A 19 19.14 23.22 17.96
CA LEU A 19 20.30 22.62 18.62
C LEU A 19 21.42 23.64 18.74
N HIS A 20 22.13 23.62 19.87
CA HIS A 20 23.26 24.49 20.18
C HIS A 20 22.83 25.90 20.55
N SER A 21 21.53 26.14 20.73
CA SER A 21 20.99 27.43 21.11
C SER A 21 20.83 27.47 22.62
N ASN A 22 20.26 28.56 23.14
CA ASN A 22 20.04 28.66 24.57
C ASN A 22 18.54 28.60 24.86
N PHE A 23 18.21 28.04 26.02
CA PHE A 23 16.83 27.93 26.45
C PHE A 23 16.71 28.19 27.94
N THR A 24 15.80 29.09 28.33
CA THR A 24 15.58 29.41 29.73
C THR A 24 14.18 28.93 30.11
N ALA A 25 14.08 28.16 31.18
CA ALA A 25 12.79 27.65 31.65
C ALA A 25 12.46 28.29 32.99
N VAL A 26 11.20 28.71 33.14
CA VAL A 26 10.73 29.33 34.37
C VAL A 26 9.57 28.54 34.99
N CYS A 27 9.71 28.18 36.26
CA CYS A 27 8.66 27.51 37.01
C CYS A 27 8.09 28.52 37.99
N VAL A 28 6.78 28.73 37.96
CA VAL A 28 6.15 29.67 38.88
C VAL A 28 5.08 28.93 39.68
N LEU A 29 5.10 29.13 41.00
CA LEU A 29 4.17 28.50 41.92
C LEU A 29 2.98 29.40 42.23
N LYS A 30 1.79 28.81 42.25
CA LYS A 30 0.60 29.57 42.61
C LYS A 30 0.62 29.88 44.10
N GLU A 31 0.04 31.02 44.45
CA GLU A 31 0.01 31.46 45.84
C GLU A 31 -0.57 30.41 46.77
N LYS A 32 -1.68 29.77 46.38
CA LYS A 32 -2.29 28.76 47.24
C LYS A 32 -1.32 27.63 47.58
N CYS A 33 -0.56 27.13 46.59
CA CYS A 33 0.40 26.06 46.89
C CYS A 33 1.52 26.56 47.79
N MET A 34 2.02 27.76 47.52
CA MET A 34 3.11 28.32 48.33
C MET A 34 2.72 28.49 49.79
N ASP A 35 1.49 28.95 50.06
CA ASP A 35 1.06 29.13 51.45
C ASP A 35 0.93 27.79 52.19
N TYR A 36 0.23 26.83 51.58
CA TYR A 36 -0.05 25.50 52.13
C TYR A 36 1.20 24.72 52.55
N PHE A 37 2.22 24.63 51.68
CA PHE A 37 3.40 23.85 52.02
C PHE A 37 4.47 24.64 52.76
N HIS A 38 4.33 25.96 52.83
CA HIS A 38 5.31 26.80 53.52
C HIS A 38 6.67 26.64 52.84
N VAL A 39 6.68 26.86 51.53
CA VAL A 39 7.87 26.75 50.71
C VAL A 39 7.94 27.93 49.76
N ASN A 40 9.03 28.00 48.99
CA ASN A 40 9.20 29.05 48.00
C ASN A 40 10.18 28.56 46.95
N ALA A 41 10.44 29.41 45.96
CA ALA A 41 11.35 29.13 44.84
C ALA A 41 12.62 28.39 45.23
N ASN A 42 13.24 28.77 46.36
CA ASN A 42 14.46 28.10 46.79
C ASN A 42 14.29 26.61 47.03
N TYR A 43 13.06 26.14 47.21
CA TYR A 43 12.78 24.73 47.46
C TYR A 43 12.47 23.95 46.18
N ILE A 44 12.45 24.62 45.03
CA ILE A 44 12.16 23.97 43.77
C ILE A 44 13.38 23.20 43.28
N VAL A 45 13.16 21.95 42.88
CA VAL A 45 14.20 21.11 42.28
C VAL A 45 13.73 20.71 40.89
N TRP A 46 14.66 20.66 39.95
CA TRP A 46 14.36 20.32 38.57
C TRP A 46 14.95 18.96 38.21
N LYS A 47 14.17 18.17 37.49
CA LYS A 47 14.60 16.85 37.03
C LYS A 47 14.27 16.70 35.56
N THR A 48 15.12 15.95 34.85
CA THR A 48 14.83 15.65 33.45
C THR A 48 15.14 14.19 33.19
N ASN A 49 14.18 13.49 32.57
CA ASN A 49 14.34 12.08 32.24
C ASN A 49 14.95 11.29 33.39
N HIS A 50 14.37 11.45 34.58
CA HIS A 50 14.81 10.76 35.79
C HIS A 50 16.20 11.18 36.25
N PHE A 51 16.82 12.21 35.67
CA PHE A 51 18.14 12.65 36.10
C PHE A 51 18.05 13.98 36.83
N THR A 52 18.61 14.00 38.04
CA THR A 52 18.62 15.19 38.90
C THR A 52 19.50 16.31 38.35
N ILE A 53 18.93 17.50 38.19
CA ILE A 53 19.72 18.65 37.73
C ILE A 53 20.57 19.16 38.88
N PRO A 54 21.87 19.34 38.71
CA PRO A 54 22.73 19.81 39.82
C PRO A 54 22.32 21.17 40.37
N LYS A 55 22.09 21.21 41.69
CA LYS A 55 21.71 22.38 42.48
C LYS A 55 22.38 23.69 42.08
N GLU A 56 23.63 23.61 41.62
CA GLU A 56 24.39 24.78 41.24
C GLU A 56 23.83 25.48 40.01
N GLN A 57 22.96 24.83 39.25
CA GLN A 57 22.38 25.40 38.05
C GLN A 57 21.06 26.14 38.28
N TYR A 58 20.53 26.19 39.50
CA TYR A 58 19.28 26.91 39.66
C TYR A 58 19.54 28.41 39.80
N THR A 59 18.53 29.20 39.43
CA THR A 59 18.57 30.65 39.60
C THR A 59 17.20 31.13 40.06
N ILE A 60 17.11 31.66 41.27
CA ILE A 60 15.85 32.17 41.79
C ILE A 60 15.59 33.56 41.23
N ILE A 61 14.57 33.69 40.37
CA ILE A 61 14.25 34.98 39.77
C ILE A 61 13.40 35.83 40.71
N ASN A 62 12.53 35.20 41.50
CA ASN A 62 11.73 35.93 42.48
C ASN A 62 11.33 34.92 43.55
N ARG A 63 10.77 35.43 44.65
CA ARG A 63 10.41 34.48 45.70
C ARG A 63 9.32 33.51 45.27
N THR A 64 8.63 33.80 44.17
CA THR A 64 7.54 32.97 43.67
C THR A 64 7.98 32.01 42.55
N ALA A 65 9.10 32.29 41.89
CA ALA A 65 9.52 31.49 40.74
C ALA A 65 11.01 31.23 40.74
N SER A 66 11.37 30.05 40.25
CA SER A 66 12.75 29.62 40.10
C SER A 66 12.98 29.35 38.62
N SER A 67 14.24 29.46 38.19
CA SER A 67 14.52 29.21 36.78
C SER A 67 15.91 28.60 36.60
N VAL A 68 16.06 27.88 35.49
CA VAL A 68 17.30 27.25 35.08
C VAL A 68 17.57 27.65 33.64
N THR A 69 18.85 27.67 33.27
CA THR A 69 19.26 28.02 31.92
C THR A 69 20.18 26.94 31.38
N PHE A 70 19.78 26.32 30.28
CA PHE A 70 20.57 25.30 29.61
C PHE A 70 21.33 25.95 28.47
N THR A 71 22.59 25.59 28.31
CA THR A 71 23.41 26.13 27.24
C THR A 71 23.94 25.01 26.36
N ASP A 72 24.08 25.32 25.07
CA ASP A 72 24.58 24.38 24.07
C ASP A 72 23.78 23.08 24.10
N ILE A 73 22.45 23.22 24.14
CA ILE A 73 21.53 22.08 24.20
C ILE A 73 21.92 21.02 23.17
N ALA A 74 22.14 19.79 23.63
CA ALA A 74 22.53 18.71 22.75
C ALA A 74 21.61 17.50 22.79
N SER A 75 20.61 17.47 23.66
CA SER A 75 19.68 16.34 23.73
C SER A 75 18.43 16.66 22.92
N LEU A 76 18.01 15.69 22.13
CA LEU A 76 16.85 15.82 21.24
C LEU A 76 15.50 15.93 21.95
N ASN A 77 15.31 15.36 23.14
CA ASN A 77 13.96 15.41 23.72
C ASN A 77 13.95 15.61 25.25
N ILE A 78 14.56 16.69 25.75
CA ILE A 78 14.52 16.94 27.18
C ILE A 78 13.09 16.99 27.69
N GLN A 79 12.78 16.12 28.65
CA GLN A 79 11.48 16.10 29.32
C GLN A 79 11.69 16.87 30.62
N LEU A 80 11.05 18.02 30.77
CA LEU A 80 11.23 18.84 31.96
C LEU A 80 10.02 18.80 32.89
N THR A 81 10.31 18.64 34.19
CA THR A 81 9.33 18.57 35.26
C THR A 81 9.75 19.50 36.38
N CYS A 82 8.79 20.16 37.01
CA CYS A 82 9.03 21.08 38.11
C CYS A 82 8.42 20.49 39.38
N ASN A 83 9.23 20.38 40.44
CA ASN A 83 8.76 19.81 41.69
C ASN A 83 9.11 20.67 42.89
N ILE A 84 8.35 20.45 43.96
CA ILE A 84 8.52 21.08 45.27
C ILE A 84 8.92 20.01 46.26
N LEU A 85 9.77 20.38 47.23
CA LEU A 85 10.20 19.43 48.24
C LEU A 85 9.31 19.46 49.48
N THR A 86 8.16 20.13 49.36
CA THR A 86 7.12 20.31 50.36
C THR A 86 7.56 20.12 51.81
N PHE A 87 6.81 19.29 52.54
CA PHE A 87 7.05 18.97 53.95
C PHE A 87 8.50 18.61 54.23
N GLY A 88 9.34 18.51 53.21
CA GLY A 88 10.73 18.14 53.36
C GLY A 88 10.94 16.67 53.11
N GLN A 89 11.94 16.37 52.29
CA GLN A 89 12.30 15.02 51.89
C GLN A 89 11.14 14.32 51.20
N LEU A 90 10.39 15.08 50.40
CA LEU A 90 9.27 14.55 49.64
C LEU A 90 9.08 15.44 48.42
N GLU A 91 9.14 14.83 47.25
CA GLU A 91 8.98 15.53 45.98
C GLU A 91 7.58 15.30 45.44
N GLN A 92 6.92 16.39 45.04
CA GLN A 92 5.57 16.35 44.49
C GLN A 92 5.58 17.12 43.17
N ASN A 93 4.82 16.63 42.19
CA ASN A 93 4.80 17.24 40.87
C ASN A 93 3.93 18.48 40.81
N VAL A 94 4.53 19.58 40.35
CA VAL A 94 3.89 20.87 40.18
C VAL A 94 3.33 21.00 38.76
N TYR A 95 4.24 20.90 37.79
CA TYR A 95 3.93 21.04 36.38
C TYR A 95 5.02 20.32 35.59
N GLY A 96 4.83 20.25 34.27
CA GLY A 96 5.79 19.62 33.40
C GLY A 96 5.64 20.09 31.98
N ILE A 97 6.74 19.97 31.22
CA ILE A 97 6.76 20.33 29.81
C ILE A 97 7.74 19.42 29.10
N THR A 98 7.57 19.30 27.78
CA THR A 98 8.49 18.53 26.95
C THR A 98 9.26 19.50 26.06
N ILE A 99 10.58 19.40 26.10
CA ILE A 99 11.45 20.25 25.29
C ILE A 99 11.90 19.45 24.07
N ILE A 100 11.59 19.95 22.88
CA ILE A 100 12.00 19.29 21.65
C ILE A 100 13.02 20.20 20.98
N SER A 101 14.03 19.60 20.36
CA SER A 101 15.08 20.37 19.71
C SER A 101 15.39 19.81 18.34
N GLY A 102 16.02 20.64 17.52
CA GLY A 102 16.38 20.24 16.17
C GLY A 102 16.97 21.39 15.39
N LEU A 103 16.74 21.37 14.09
CA LEU A 103 17.21 22.40 13.18
C LEU A 103 16.09 22.77 12.23
N PRO A 104 16.11 23.98 11.68
CA PRO A 104 15.05 24.36 10.75
C PRO A 104 15.28 23.66 9.43
N PRO A 105 14.23 23.47 8.62
CA PRO A 105 14.44 22.77 7.36
C PRO A 105 15.25 23.59 6.37
N GLU A 106 16.09 22.88 5.61
CA GLU A 106 16.91 23.48 4.57
C GLU A 106 16.08 23.69 3.31
N LYS A 107 16.51 24.64 2.49
CA LYS A 107 15.77 24.92 1.26
C LYS A 107 15.90 23.71 0.33
N PRO A 108 14.80 23.04 -0.02
CA PRO A 108 14.88 21.90 -0.92
C PRO A 108 15.58 22.25 -2.23
N LYS A 109 16.47 21.36 -2.67
CA LYS A 109 17.20 21.60 -3.91
C LYS A 109 17.10 20.38 -4.80
N ASN A 110 17.47 20.59 -6.07
CA ASN A 110 17.43 19.56 -7.10
C ASN A 110 15.99 19.03 -7.23
N LEU A 111 15.04 19.95 -7.17
CA LEU A 111 13.63 19.64 -7.30
C LEU A 111 13.34 19.24 -8.74
N SER A 112 12.69 18.09 -8.93
CA SER A 112 12.34 17.68 -10.29
C SER A 112 11.00 16.97 -10.30
N CYS A 113 10.30 17.10 -11.43
CA CYS A 113 8.99 16.52 -11.63
C CYS A 113 8.99 15.67 -12.89
N ILE A 114 7.99 14.80 -13.01
CA ILE A 114 7.86 13.88 -14.14
C ILE A 114 6.38 13.56 -14.30
N VAL A 115 5.92 13.51 -15.55
CA VAL A 115 4.54 13.19 -15.89
C VAL A 115 4.52 11.84 -16.61
N ASN A 116 4.28 10.75 -15.89
CA ASN A 116 4.18 9.47 -16.56
C ASN A 116 2.84 9.39 -17.28
N GLU A 117 2.86 9.15 -18.59
CA GLU A 117 1.63 9.06 -19.38
C GLU A 117 0.59 8.20 -18.66
N GLY A 118 -0.62 8.74 -18.53
CA GLY A 118 -1.70 8.02 -17.88
C GLY A 118 -1.77 8.21 -16.38
N LYS A 119 -0.74 8.81 -15.78
CA LYS A 119 -0.67 9.09 -14.36
C LYS A 119 -0.55 10.59 -14.16
N LYS A 120 -0.80 11.04 -12.94
CA LYS A 120 -0.68 12.47 -12.66
C LYS A 120 0.77 12.82 -12.34
N MET A 121 1.06 14.11 -12.42
CA MET A 121 2.40 14.63 -12.17
C MET A 121 2.95 14.19 -10.82
N ARG A 122 4.23 13.84 -10.81
CA ARG A 122 4.92 13.42 -9.60
C ARG A 122 6.20 14.23 -9.52
N CYS A 123 6.50 14.79 -8.35
CA CYS A 123 7.71 15.58 -8.16
C CYS A 123 8.57 15.02 -7.06
N GLU A 124 9.89 15.16 -7.24
CA GLU A 124 10.88 14.67 -6.31
C GLU A 124 11.81 15.81 -5.93
N TRP A 125 12.35 15.75 -4.72
CA TRP A 125 13.28 16.78 -4.27
C TRP A 125 14.21 16.18 -3.23
N ASP A 126 15.37 16.83 -3.06
CA ASP A 126 16.36 16.40 -2.08
C ASP A 126 16.14 17.06 -0.73
N GLY A 127 15.89 16.24 0.29
CA GLY A 127 15.76 16.76 1.65
C GLY A 127 17.14 16.99 2.25
N GLY A 128 17.23 17.94 3.18
CA GLY A 128 18.55 18.18 3.73
C GLY A 128 18.85 17.42 5.01
N ARG A 129 19.55 18.06 5.95
CA ARG A 129 19.90 17.42 7.20
C ARG A 129 18.67 16.88 7.92
N GLU A 130 18.84 15.72 8.57
CA GLU A 130 17.75 15.15 9.34
C GLU A 130 17.36 16.10 10.45
N THR A 131 16.05 16.28 10.67
CA THR A 131 15.61 17.21 11.70
C THR A 131 15.04 16.54 12.93
N HIS A 132 14.70 15.26 12.86
CA HIS A 132 14.13 14.47 13.96
C HIS A 132 12.74 14.93 14.39
N LEU A 133 12.13 15.87 13.68
CA LEU A 133 10.80 16.37 13.99
C LEU A 133 9.87 16.09 12.83
N GLU A 134 8.57 16.01 13.13
CA GLU A 134 7.59 15.79 12.07
C GLU A 134 7.58 17.02 11.17
N THR A 135 8.01 16.85 9.92
CA THR A 135 8.09 17.93 8.96
C THR A 135 7.14 17.67 7.80
N ASN A 136 6.30 18.67 7.50
CA ASN A 136 5.35 18.56 6.41
C ASN A 136 5.94 19.15 5.14
N PHE A 137 5.64 18.50 4.03
CA PHE A 137 6.07 18.94 2.71
C PHE A 137 4.81 19.12 1.88
N THR A 138 4.68 20.29 1.27
CA THR A 138 3.52 20.64 0.47
C THR A 138 3.98 21.18 -0.87
N LEU A 139 3.53 20.54 -1.95
CA LEU A 139 3.90 20.99 -3.28
C LEU A 139 2.95 22.11 -3.64
N LYS A 140 3.51 23.27 -3.96
CA LYS A 140 2.72 24.43 -4.32
C LYS A 140 2.85 24.72 -5.81
N SER A 141 1.75 25.13 -6.44
CA SER A 141 1.77 25.45 -7.85
C SER A 141 0.71 26.50 -8.10
N GLU A 142 1.06 27.52 -8.90
CA GLU A 142 0.08 28.57 -9.15
C GLU A 142 0.42 29.35 -10.41
N TRP A 143 -0.61 29.81 -11.10
CA TRP A 143 -0.44 30.70 -12.22
C TRP A 143 -0.43 32.12 -11.68
N ALA A 144 -0.05 33.08 -12.52
CA ALA A 144 -0.04 34.45 -12.04
C ALA A 144 -1.43 34.90 -11.61
N THR A 145 -2.47 34.22 -12.06
CA THR A 145 -3.87 34.57 -11.77
C THR A 145 -4.62 33.43 -11.09
N HIS A 146 -3.94 32.43 -10.53
CA HIS A 146 -4.64 31.30 -9.92
C HIS A 146 -3.75 30.34 -9.14
N LYS A 147 -4.21 29.95 -7.95
CA LYS A 147 -3.50 29.02 -7.08
C LYS A 147 -4.13 27.64 -7.20
N PHE A 148 -3.28 26.63 -7.40
CA PHE A 148 -3.75 25.25 -7.54
C PHE A 148 -3.81 24.54 -6.19
N ALA A 149 -4.55 23.43 -6.18
CA ALA A 149 -4.70 22.62 -4.97
C ALA A 149 -3.34 22.19 -4.43
N ASP A 150 -3.17 22.32 -3.11
CA ASP A 150 -1.94 21.89 -2.46
C ASP A 150 -1.77 20.37 -2.54
N CYS A 151 -0.52 19.94 -2.65
CA CYS A 151 -0.16 18.51 -2.71
C CYS A 151 0.56 18.21 -1.40
N LYS A 152 -0.03 17.35 -0.57
CA LYS A 152 0.57 17.00 0.72
C LYS A 152 1.37 15.71 0.59
N ALA A 153 2.67 15.79 0.88
CA ALA A 153 3.52 14.61 0.80
C ALA A 153 3.03 13.52 1.74
N LYS A 154 3.30 12.27 1.39
CA LYS A 154 2.91 11.15 2.23
C LYS A 154 3.98 10.88 3.30
N ARG A 155 3.53 10.40 4.46
CA ARG A 155 4.46 10.09 5.55
C ARG A 155 5.58 9.18 5.09
N ASP A 156 5.25 8.13 4.33
CA ASP A 156 6.24 7.19 3.83
C ASP A 156 7.23 7.86 2.88
N THR A 157 6.73 8.66 1.95
CA THR A 157 7.53 9.36 0.95
C THR A 157 7.53 10.86 1.20
N PRO A 158 8.34 11.34 2.16
CA PRO A 158 8.37 12.78 2.45
C PRO A 158 9.12 13.59 1.40
N THR A 159 9.86 12.95 0.50
CA THR A 159 10.63 13.65 -0.51
C THR A 159 9.95 13.64 -1.87
N SER A 160 8.69 13.21 -1.93
CA SER A 160 7.95 13.12 -3.17
C SER A 160 6.48 13.39 -2.88
N CYS A 161 5.77 13.95 -3.85
CA CYS A 161 4.35 14.19 -3.72
C CYS A 161 3.72 13.98 -5.09
N THR A 162 2.45 13.57 -5.09
CA THR A 162 1.72 13.34 -6.34
C THR A 162 0.42 14.13 -6.29
N VAL A 163 0.34 15.17 -7.13
CA VAL A 163 -0.83 16.05 -7.17
C VAL A 163 -2.11 15.27 -7.45
N ASP A 164 -3.24 15.90 -7.14
CA ASP A 164 -4.56 15.29 -7.31
C ASP A 164 -5.29 15.77 -8.55
N TYR A 165 -4.67 16.64 -9.36
CA TYR A 165 -5.30 17.15 -10.57
C TYR A 165 -4.57 16.57 -11.78
N SER A 166 -5.34 16.31 -12.85
CA SER A 166 -4.73 15.76 -14.04
C SER A 166 -3.86 16.79 -14.76
N THR A 167 -2.79 16.30 -15.37
CA THR A 167 -1.85 17.14 -16.09
C THR A 167 -2.50 17.82 -17.30
N VAL A 168 -2.19 19.09 -17.50
CA VAL A 168 -2.69 19.86 -18.63
C VAL A 168 -1.48 20.39 -19.40
N TYR A 169 -1.19 19.75 -20.53
CA TYR A 169 -0.05 20.09 -21.38
C TYR A 169 -0.27 21.41 -22.13
N PHE A 170 0.86 21.99 -22.57
CA PHE A 170 0.95 23.21 -23.36
C PHE A 170 0.64 24.50 -22.59
N VAL A 171 0.63 24.47 -21.27
CA VAL A 171 0.41 25.66 -20.45
C VAL A 171 1.50 25.68 -19.39
N ASN A 172 2.21 26.80 -19.28
CA ASN A 172 3.26 26.89 -18.29
C ASN A 172 2.67 26.92 -16.90
N ILE A 173 3.25 26.14 -15.99
CA ILE A 173 2.81 26.05 -14.61
C ILE A 173 4.01 26.34 -13.72
N GLU A 174 3.79 27.13 -12.67
CA GLU A 174 4.87 27.50 -11.77
C GLU A 174 4.76 26.54 -10.58
N VAL A 175 5.83 25.79 -10.30
CA VAL A 175 5.81 24.82 -9.22
C VAL A 175 7.01 24.97 -8.29
N TRP A 176 6.78 24.70 -7.01
CA TRP A 176 7.81 24.74 -5.97
C TRP A 176 7.28 23.99 -4.76
N VAL A 177 8.20 23.60 -3.87
CA VAL A 177 7.83 22.86 -2.66
C VAL A 177 8.14 23.72 -1.45
N GLU A 178 7.25 23.67 -0.46
CA GLU A 178 7.36 24.44 0.78
C GLU A 178 7.56 23.49 1.95
N ALA A 179 8.70 23.63 2.63
CA ALA A 179 9.02 22.79 3.79
C ALA A 179 8.82 23.65 5.03
N GLU A 180 8.07 23.12 5.99
CA GLU A 180 7.79 23.84 7.23
C GLU A 180 7.64 22.87 8.40
N ASN A 181 8.19 23.27 9.54
CA ASN A 181 8.04 22.50 10.77
C ASN A 181 8.02 23.48 11.94
N ALA A 182 7.63 22.96 13.10
CA ALA A 182 7.50 23.73 14.34
C ALA A 182 8.61 24.74 14.59
N LEU A 183 9.80 24.48 14.08
CA LEU A 183 10.95 25.36 14.30
C LEU A 183 11.22 26.33 13.16
N GLY A 184 10.49 26.26 12.06
CA GLY A 184 10.75 27.19 10.98
C GLY A 184 10.02 26.95 9.68
N LYS A 185 9.90 27.98 8.86
CA LYS A 185 9.25 27.90 7.56
C LYS A 185 10.20 28.41 6.50
N VAL A 186 10.28 27.69 5.38
CA VAL A 186 11.13 28.10 4.27
C VAL A 186 10.56 27.51 2.98
N THR A 187 10.82 28.18 1.87
CA THR A 187 10.34 27.77 0.56
C THR A 187 11.53 27.49 -0.35
N SER A 188 11.39 26.49 -1.22
CA SER A 188 12.46 26.23 -2.16
C SER A 188 12.42 27.28 -3.27
N ASP A 189 13.41 27.26 -4.16
CA ASP A 189 13.34 28.19 -5.28
C ASP A 189 12.22 27.79 -6.22
N HIS A 190 11.67 28.78 -6.91
CA HIS A 190 10.59 28.51 -7.85
C HIS A 190 11.15 28.11 -9.22
N ILE A 191 10.51 27.12 -9.86
CA ILE A 191 10.86 26.70 -11.21
C ILE A 191 9.66 26.94 -12.11
N ASN A 192 9.92 27.05 -13.41
CA ASN A 192 8.87 27.33 -14.37
C ASN A 192 9.13 26.42 -15.57
N PHE A 193 8.08 25.73 -16.02
CA PHE A 193 8.22 24.81 -17.14
C PHE A 193 6.84 24.45 -17.68
N ASP A 194 6.84 23.91 -18.89
CA ASP A 194 5.63 23.43 -19.53
C ASP A 194 5.57 21.93 -19.28
N PRO A 195 4.55 21.41 -18.60
CA PRO A 195 4.49 19.96 -18.32
C PRO A 195 4.79 19.07 -19.53
N VAL A 196 4.55 19.56 -20.75
CA VAL A 196 4.80 18.76 -21.95
C VAL A 196 6.26 18.35 -22.04
N TYR A 197 7.16 19.08 -21.37
CA TYR A 197 8.58 18.78 -21.42
C TYR A 197 9.04 17.93 -20.24
N LYS A 198 8.11 17.37 -19.46
CA LYS A 198 8.46 16.54 -18.32
C LYS A 198 7.69 15.23 -18.37
N VAL A 199 7.29 14.81 -19.58
CA VAL A 199 6.53 13.58 -19.76
C VAL A 199 7.48 12.39 -19.85
N LYS A 200 7.06 11.26 -19.26
CA LYS A 200 7.83 10.02 -19.31
C LYS A 200 6.88 8.99 -19.90
N PRO A 201 6.85 8.85 -21.23
CA PRO A 201 5.95 7.89 -21.86
C PRO A 201 6.26 6.45 -21.46
N ASN A 202 5.29 5.58 -21.66
CA ASN A 202 5.51 4.17 -21.43
C ASN A 202 6.31 3.62 -22.61
N PRO A 203 6.95 2.46 -22.47
CA PRO A 203 7.72 1.93 -23.59
C PRO A 203 6.81 1.26 -24.60
N PRO A 204 7.25 1.18 -25.86
CA PRO A 204 6.43 0.54 -26.89
C PRO A 204 6.08 -0.89 -26.52
N HIS A 205 4.89 -1.32 -26.92
CA HIS A 205 4.44 -2.67 -26.64
C HIS A 205 3.96 -3.32 -27.93
N ASN A 206 3.60 -4.60 -27.83
CA ASN A 206 3.15 -5.39 -28.97
C ASN A 206 4.28 -5.52 -29.99
N LEU A 207 5.50 -5.65 -29.49
CA LEU A 207 6.67 -5.76 -30.35
C LEU A 207 6.70 -7.11 -31.05
N SER A 208 6.86 -7.08 -32.37
CA SER A 208 6.90 -8.31 -33.16
C SER A 208 8.07 -8.23 -34.14
N VAL A 209 8.77 -9.34 -34.30
CA VAL A 209 9.89 -9.45 -35.24
C VAL A 209 9.46 -10.37 -36.37
N ILE A 210 9.51 -9.87 -37.60
CA ILE A 210 9.08 -10.64 -38.75
C ILE A 210 10.19 -10.57 -39.80
N ASN A 211 10.51 -11.73 -40.38
CA ASN A 211 11.50 -11.82 -41.43
C ASN A 211 10.91 -11.39 -42.77
N SER A 212 11.68 -11.62 -43.84
CA SER A 212 11.33 -11.28 -45.21
C SER A 212 11.99 -12.38 -46.03
N GLU A 213 11.18 -13.15 -46.76
CA GLU A 213 11.81 -14.21 -47.53
C GLU A 213 12.61 -13.78 -48.76
N GLU A 214 13.17 -12.57 -48.76
CA GLU A 214 13.95 -12.12 -49.91
C GLU A 214 15.43 -12.44 -49.70
N LEU A 215 16.09 -11.70 -48.82
CA LEU A 215 17.48 -11.83 -48.44
C LEU A 215 17.56 -12.29 -46.99
N SER A 216 18.79 -12.53 -46.55
CA SER A 216 19.09 -13.03 -45.21
C SER A 216 19.64 -11.98 -44.25
N SER A 217 19.81 -10.72 -44.66
CA SER A 217 20.39 -9.74 -43.74
C SER A 217 19.39 -8.65 -43.31
N ILE A 218 18.10 -8.91 -43.40
CA ILE A 218 17.06 -7.94 -43.04
C ILE A 218 15.96 -8.62 -42.24
N LEU A 219 15.53 -7.94 -41.17
CA LEU A 219 14.47 -8.31 -40.25
C LEU A 219 13.61 -7.07 -40.06
N LYS A 220 12.29 -7.22 -40.10
CA LYS A 220 11.40 -6.08 -39.96
C LYS A 220 10.79 -6.05 -38.56
N LEU A 221 10.94 -4.91 -37.90
CA LEU A 221 10.43 -4.67 -36.55
C LEU A 221 9.09 -3.93 -36.62
N THR A 222 8.11 -4.40 -35.85
CA THR A 222 6.83 -3.74 -35.75
C THR A 222 6.47 -3.63 -34.28
N TRP A 223 5.70 -2.60 -33.95
CA TRP A 223 5.30 -2.34 -32.57
C TRP A 223 4.16 -1.33 -32.57
N THR A 224 3.55 -1.16 -31.41
CA THR A 224 2.46 -0.21 -31.22
C THR A 224 3.01 0.94 -30.38
N ASN A 225 2.93 2.16 -30.92
CA ASN A 225 3.42 3.31 -30.18
C ASN A 225 2.51 3.64 -29.00
N PRO A 226 3.03 4.34 -27.99
CA PRO A 226 2.20 4.70 -26.84
C PRO A 226 1.24 5.84 -27.19
N SER A 227 0.07 5.81 -26.53
CA SER A 227 -0.96 6.81 -26.78
C SER A 227 -0.43 8.24 -26.75
N ILE A 228 0.62 8.50 -25.96
CA ILE A 228 1.19 9.83 -25.83
C ILE A 228 1.64 10.43 -27.15
N LYS A 229 1.62 9.66 -28.24
CA LYS A 229 2.03 10.19 -29.54
C LYS A 229 1.11 11.30 -30.03
N SER A 230 -0.08 11.43 -29.44
CA SER A 230 -1.01 12.48 -29.85
C SER A 230 -0.59 13.86 -29.38
N VAL A 231 0.33 13.97 -28.43
CA VAL A 231 0.76 15.25 -27.90
C VAL A 231 2.19 15.57 -28.30
N ILE A 232 3.07 14.58 -28.32
CA ILE A 232 4.47 14.80 -28.67
C ILE A 232 4.87 13.85 -29.79
N ILE A 233 5.92 14.23 -30.51
CA ILE A 233 6.48 13.39 -31.56
C ILE A 233 7.55 12.51 -30.94
N LEU A 234 7.47 11.21 -31.18
CA LEU A 234 8.38 10.26 -30.58
C LEU A 234 9.67 10.05 -31.38
N LYS A 235 10.72 9.70 -30.64
CA LYS A 235 12.06 9.40 -31.12
C LYS A 235 12.40 8.03 -30.52
N TYR A 236 13.27 7.26 -31.17
CA TYR A 236 13.56 5.94 -30.62
C TYR A 236 15.05 5.62 -30.59
N ASN A 237 15.35 4.57 -29.84
CA ASN A 237 16.69 3.99 -29.70
C ASN A 237 16.55 2.49 -29.88
N ILE A 238 17.11 1.96 -30.95
CA ILE A 238 17.05 0.53 -31.24
C ILE A 238 18.42 -0.10 -30.98
N GLN A 239 18.45 -1.10 -30.11
CA GLN A 239 19.66 -1.83 -29.75
C GLN A 239 19.52 -3.28 -30.21
N TYR A 240 20.65 -3.89 -30.58
CA TYR A 240 20.61 -5.27 -31.05
C TYR A 240 21.94 -5.95 -30.82
N ARG A 241 21.87 -7.28 -30.68
CA ARG A 241 23.04 -8.12 -30.45
C ARG A 241 22.67 -9.55 -30.83
N THR A 242 23.68 -10.39 -30.96
CA THR A 242 23.45 -11.79 -31.28
C THR A 242 23.01 -12.52 -30.01
N LYS A 243 22.23 -13.59 -30.19
CA LYS A 243 21.73 -14.37 -29.06
C LYS A 243 22.82 -14.74 -28.06
N ASP A 244 24.08 -14.78 -28.49
CA ASP A 244 25.15 -15.16 -27.59
C ASP A 244 26.03 -13.99 -27.17
N ALA A 245 25.93 -12.85 -27.86
CA ALA A 245 26.72 -11.68 -27.50
C ALA A 245 26.39 -11.24 -26.07
N SER A 246 27.35 -10.58 -25.43
CA SER A 246 27.16 -10.12 -24.06
C SER A 246 26.75 -8.66 -23.97
N THR A 247 27.08 -7.84 -24.96
CA THR A 247 26.74 -6.42 -24.94
C THR A 247 25.87 -6.04 -26.12
N TRP A 248 25.16 -4.91 -25.96
CA TRP A 248 24.27 -4.35 -26.96
C TRP A 248 24.96 -3.31 -27.84
N SER A 249 24.55 -3.27 -29.10
CA SER A 249 24.99 -2.28 -30.06
C SER A 249 23.85 -1.28 -30.22
N GLN A 250 24.07 -0.21 -30.99
CA GLN A 250 22.98 0.74 -31.10
C GLN A 250 22.97 1.43 -32.47
N ILE A 251 21.76 1.60 -33.00
CA ILE A 251 21.50 2.28 -34.27
C ILE A 251 21.82 3.75 -34.06
N PRO A 252 22.34 4.47 -35.05
CA PRO A 252 22.63 5.90 -34.87
C PRO A 252 21.36 6.67 -34.56
N PRO A 253 21.31 7.37 -33.41
CA PRO A 253 20.11 8.14 -33.03
C PRO A 253 19.49 8.95 -34.16
N GLU A 254 20.34 9.56 -34.98
CA GLU A 254 19.86 10.36 -36.10
C GLU A 254 18.95 9.58 -37.04
N ASP A 255 19.18 8.27 -37.16
CA ASP A 255 18.39 7.43 -38.04
C ASP A 255 17.00 7.12 -37.48
N THR A 256 16.80 7.28 -36.17
CA THR A 256 15.51 7.03 -35.51
C THR A 256 15.08 8.27 -34.75
N ALA A 257 15.20 9.44 -35.38
CA ALA A 257 14.90 10.72 -34.74
C ALA A 257 13.46 11.19 -34.92
N SER A 258 12.56 10.39 -35.48
CA SER A 258 11.19 10.88 -35.63
C SER A 258 10.19 9.74 -35.56
N THR A 259 8.96 10.10 -35.18
CA THR A 259 7.84 9.18 -35.00
C THR A 259 7.72 8.17 -36.12
N ARG A 260 7.53 6.90 -35.75
CA ARG A 260 7.38 5.80 -36.68
C ARG A 260 6.85 4.60 -35.90
N SER A 261 6.31 3.62 -36.63
CA SER A 261 5.74 2.43 -36.02
C SER A 261 6.38 1.15 -36.56
N SER A 262 7.51 1.26 -37.26
CA SER A 262 8.19 0.11 -37.84
C SER A 262 9.62 0.53 -38.17
N PHE A 263 10.48 -0.46 -38.34
CA PHE A 263 11.87 -0.21 -38.68
C PHE A 263 12.51 -1.46 -39.25
N THR A 264 13.28 -1.28 -40.32
CA THR A 264 13.98 -2.37 -40.99
C THR A 264 15.47 -2.34 -40.62
N VAL A 265 15.92 -3.38 -39.93
CA VAL A 265 17.32 -3.52 -39.53
C VAL A 265 18.08 -4.23 -40.64
N GLN A 266 19.21 -3.68 -41.03
CA GLN A 266 20.06 -4.22 -42.09
C GLN A 266 21.40 -4.65 -41.50
N ASP A 267 22.24 -5.25 -42.35
CA ASP A 267 23.58 -5.71 -41.97
C ASP A 267 23.57 -6.74 -40.84
N LEU A 268 22.60 -7.66 -40.86
CA LEU A 268 22.55 -8.70 -39.83
C LEU A 268 23.27 -9.96 -40.32
N LYS A 269 23.89 -10.67 -39.38
CA LYS A 269 24.60 -11.89 -39.74
C LYS A 269 23.63 -12.99 -40.14
N PRO A 270 23.98 -13.82 -41.11
CA PRO A 270 23.07 -14.90 -41.53
C PRO A 270 22.81 -15.89 -40.41
N PHE A 271 21.64 -16.51 -40.47
CA PHE A 271 21.16 -17.52 -39.51
C PHE A 271 21.54 -17.27 -38.06
N THR A 272 21.39 -16.04 -37.61
CA THR A 272 21.71 -15.72 -36.24
C THR A 272 20.40 -15.25 -35.61
N GLU A 273 20.16 -15.62 -34.36
CA GLU A 273 18.94 -15.19 -33.70
C GLU A 273 19.23 -13.90 -32.95
N TYR A 274 18.36 -12.92 -33.12
CA TYR A 274 18.53 -11.62 -32.49
C TYR A 274 17.36 -11.26 -31.61
N VAL A 275 17.67 -10.59 -30.52
CA VAL A 275 16.69 -10.12 -29.54
C VAL A 275 16.73 -8.60 -29.62
N PHE A 276 15.55 -7.97 -29.60
CA PHE A 276 15.49 -6.53 -29.71
C PHE A 276 14.72 -5.94 -28.54
N ARG A 277 15.07 -4.69 -28.22
CA ARG A 277 14.42 -3.91 -27.17
C ARG A 277 14.54 -2.44 -27.58
N ILE A 278 13.49 -1.68 -27.30
CA ILE A 278 13.40 -0.27 -27.69
C ILE A 278 12.80 0.61 -26.59
N ARG A 279 13.10 1.90 -26.69
CA ARG A 279 12.61 2.93 -25.79
C ARG A 279 12.37 4.18 -26.63
N CYS A 280 11.53 5.08 -26.12
CA CYS A 280 11.23 6.27 -26.90
C CYS A 280 11.06 7.51 -26.04
N MET A 281 11.19 8.67 -26.69
CA MET A 281 10.99 9.94 -26.02
C MET A 281 10.80 11.05 -27.04
N LYS A 282 10.42 12.23 -26.53
CA LYS A 282 10.23 13.43 -27.34
C LYS A 282 11.50 13.74 -28.12
N GLU A 283 11.33 14.14 -29.39
CA GLU A 283 12.47 14.43 -30.24
C GLU A 283 13.48 15.42 -29.65
N ASP A 284 13.04 16.40 -28.85
CA ASP A 284 14.03 17.34 -28.35
C ASP A 284 14.81 16.92 -27.10
N GLY A 285 14.69 15.71 -26.57
CA GLY A 285 15.54 15.46 -25.42
C GLY A 285 15.22 16.11 -24.09
N LYS A 286 14.10 16.80 -23.94
CA LYS A 286 13.78 17.46 -22.67
C LYS A 286 12.87 16.60 -21.80
N GLY A 287 13.48 15.98 -20.78
CA GLY A 287 12.80 15.10 -19.85
C GLY A 287 13.69 13.93 -19.47
N TYR A 288 13.05 12.83 -19.07
CA TYR A 288 13.74 11.61 -18.66
C TYR A 288 13.31 10.44 -19.55
N TRP A 289 14.28 9.60 -19.88
CA TRP A 289 14.09 8.42 -20.70
C TRP A 289 13.19 7.37 -20.06
N SER A 290 12.31 6.79 -20.87
CA SER A 290 11.40 5.73 -20.44
C SER A 290 12.15 4.42 -20.24
N ASP A 291 11.45 3.43 -19.69
CA ASP A 291 12.03 2.12 -19.51
C ASP A 291 12.13 1.37 -20.84
N TRP A 292 12.87 0.27 -20.82
CA TRP A 292 13.03 -0.57 -22.01
C TRP A 292 11.75 -1.34 -22.31
N SER A 293 11.44 -1.48 -23.60
CA SER A 293 10.28 -2.27 -24.00
C SER A 293 10.52 -3.76 -23.72
N GLU A 294 9.51 -4.58 -24.02
CA GLU A 294 9.66 -6.02 -23.89
C GLU A 294 10.60 -6.55 -24.97
N GLU A 295 11.34 -7.61 -24.65
CA GLU A 295 12.25 -8.18 -25.64
C GLU A 295 11.46 -8.92 -26.73
N ALA A 296 12.05 -8.94 -27.93
CA ALA A 296 11.47 -9.61 -29.09
C ALA A 296 12.55 -10.44 -29.79
N SER A 297 12.17 -11.63 -30.27
CA SER A 297 13.11 -12.53 -30.93
C SER A 297 12.72 -12.77 -32.39
N GLY A 298 13.72 -13.08 -33.21
CA GLY A 298 13.50 -13.35 -34.62
C GLY A 298 14.64 -14.14 -35.23
N ILE A 299 14.37 -14.73 -36.39
CA ILE A 299 15.33 -15.55 -37.13
C ILE A 299 15.37 -15.11 -38.59
N THR A 300 16.57 -14.98 -39.13
CA THR A 300 16.79 -14.59 -40.53
C THR A 300 16.46 -15.73 -41.50
N TYR A 301 16.23 -15.35 -42.76
CA TYR A 301 15.94 -16.28 -43.84
C TYR A 301 17.17 -17.07 -44.27
N GLU A 302 16.94 -18.10 -45.08
CA GLU A 302 18.00 -18.93 -45.64
C GLU A 302 18.81 -18.26 -46.74
N ASP A 303 20.04 -18.73 -46.87
CA ASP A 303 21.06 -18.29 -47.81
C ASP A 303 22.08 -19.42 -47.89
N ARG A 304 23.01 -19.37 -48.83
CA ARG A 304 23.75 -20.57 -49.13
C ARG A 304 25.23 -20.47 -48.72
N PRO A 305 25.96 -21.59 -48.67
CA PRO A 305 27.38 -21.54 -48.29
C PRO A 305 28.26 -20.68 -49.19
N SER A 306 29.23 -20.00 -48.59
CA SER A 306 29.97 -18.95 -49.28
C SER A 306 31.23 -19.49 -49.95
N LYS A 307 31.63 -20.72 -49.63
CA LYS A 307 32.78 -21.40 -50.22
C LYS A 307 32.54 -22.90 -50.12
N ALA A 308 33.30 -23.67 -50.89
CA ALA A 308 33.18 -25.12 -50.80
C ALA A 308 33.81 -25.65 -49.51
N PRO A 309 33.25 -26.71 -48.94
CA PRO A 309 33.86 -27.32 -47.75
C PRO A 309 35.21 -27.95 -48.03
N SER A 310 36.00 -28.10 -46.97
CA SER A 310 37.18 -28.94 -47.05
C SER A 310 36.77 -30.39 -47.28
N PHE A 311 37.57 -31.09 -48.09
CA PHE A 311 37.14 -32.37 -48.65
C PHE A 311 38.36 -33.26 -48.82
N TRP A 312 38.32 -34.48 -48.27
CA TRP A 312 39.44 -35.40 -48.41
C TRP A 312 38.89 -36.82 -48.36
N TYR A 313 39.78 -37.81 -48.39
CA TYR A 313 39.35 -39.20 -48.43
C TYR A 313 40.41 -40.13 -47.87
N LYS A 314 39.98 -41.36 -47.60
CA LYS A 314 40.84 -42.47 -47.21
C LYS A 314 40.48 -43.68 -48.07
N ILE A 315 41.48 -44.49 -48.40
CA ILE A 315 41.32 -45.60 -49.32
C ILE A 315 41.92 -46.87 -48.73
N ASP A 316 41.23 -47.99 -48.93
CA ASP A 316 41.65 -49.29 -48.42
C ASP A 316 41.27 -50.35 -49.43
N PRO A 317 41.90 -51.53 -49.38
CA PRO A 317 41.53 -52.62 -50.28
C PRO A 317 40.11 -53.10 -50.04
N SER A 318 39.40 -53.40 -51.12
CA SER A 318 38.04 -53.90 -50.99
C SER A 318 38.05 -55.42 -50.78
N HIS A 319 36.93 -55.94 -50.28
CA HIS A 319 36.73 -57.38 -50.21
C HIS A 319 36.35 -58.00 -51.55
N THR A 320 36.05 -57.20 -52.57
CA THR A 320 35.70 -57.72 -53.89
C THR A 320 36.88 -57.57 -54.82
N GLN A 321 37.34 -58.69 -55.38
CA GLN A 321 38.51 -58.68 -56.26
C GLN A 321 38.33 -57.69 -57.39
N GLY A 322 39.32 -56.83 -57.58
CA GLY A 322 39.30 -55.86 -58.67
C GLY A 322 38.75 -54.50 -58.30
N TYR A 323 38.25 -54.34 -57.07
CA TYR A 323 37.65 -53.09 -56.64
C TYR A 323 38.44 -52.51 -55.48
N ARG A 324 38.26 -51.20 -55.24
CA ARG A 324 38.87 -50.50 -54.13
C ARG A 324 37.79 -49.81 -53.31
N THR A 325 37.86 -49.95 -51.98
CA THR A 325 36.96 -49.26 -51.07
C THR A 325 37.53 -47.89 -50.72
N VAL A 326 36.83 -46.83 -51.11
CA VAL A 326 37.27 -45.46 -50.86
C VAL A 326 36.31 -44.85 -49.85
N GLN A 327 36.85 -44.41 -48.72
CA GLN A 327 36.08 -43.73 -47.68
C GLN A 327 36.22 -42.22 -47.84
N LEU A 328 35.19 -41.57 -48.37
CA LEU A 328 35.19 -40.12 -48.44
C LEU A 328 34.72 -39.55 -47.10
N VAL A 329 35.44 -38.56 -46.61
CA VAL A 329 35.12 -37.91 -45.34
C VAL A 329 35.24 -36.41 -45.52
N TRP A 330 34.42 -35.67 -44.77
CA TRP A 330 34.47 -34.22 -44.78
C TRP A 330 34.07 -33.71 -43.40
N LYS A 331 34.27 -32.41 -43.19
CA LYS A 331 33.97 -31.75 -41.93
C LYS A 331 32.77 -30.84 -42.06
N THR A 332 31.92 -30.85 -41.02
CA THR A 332 30.80 -29.92 -40.93
C THR A 332 31.32 -28.49 -41.01
N LEU A 333 30.75 -27.71 -41.94
CA LEU A 333 31.10 -26.31 -42.10
C LEU A 333 30.94 -25.56 -40.80
N PRO A 334 31.78 -24.56 -40.52
CA PRO A 334 31.53 -23.71 -39.36
C PRO A 334 30.22 -22.97 -39.51
N PRO A 335 29.55 -22.67 -38.39
CA PRO A 335 28.23 -22.02 -38.49
C PRO A 335 28.23 -20.76 -39.35
N PHE A 336 29.27 -19.92 -39.26
CA PHE A 336 29.29 -18.69 -40.03
C PHE A 336 29.48 -18.97 -41.52
N GLU A 337 30.01 -20.14 -41.85
CA GLU A 337 30.18 -20.58 -43.24
C GLU A 337 29.05 -21.47 -43.73
N ALA A 338 28.39 -22.18 -42.82
CA ALA A 338 27.29 -23.06 -43.22
C ALA A 338 26.12 -22.25 -43.74
N ASN A 339 25.89 -21.07 -43.16
CA ASN A 339 24.83 -20.16 -43.57
C ASN A 339 23.45 -20.79 -43.42
N GLY A 340 23.29 -21.63 -42.40
CA GLY A 340 22.01 -22.27 -42.17
C GLY A 340 21.98 -23.74 -41.84
N LYS A 341 20.76 -24.26 -41.67
CA LYS A 341 20.58 -25.67 -41.38
C LYS A 341 21.03 -26.48 -42.58
N ILE A 342 21.93 -27.43 -42.35
CA ILE A 342 22.29 -28.35 -43.42
C ILE A 342 21.14 -29.30 -43.68
N LEU A 343 20.62 -29.29 -44.91
CA LEU A 343 19.52 -30.17 -45.28
C LEU A 343 20.02 -31.54 -45.69
N ASP A 344 21.02 -31.58 -46.57
CA ASP A 344 21.64 -32.82 -47.02
C ASP A 344 22.89 -32.47 -47.83
N TYR A 345 23.58 -33.51 -48.31
CA TYR A 345 24.76 -33.40 -49.13
C TYR A 345 24.54 -34.08 -50.47
N GLU A 346 25.32 -33.68 -51.47
CA GLU A 346 25.34 -34.39 -52.74
C GLU A 346 26.78 -34.69 -53.14
N VAL A 347 27.07 -35.95 -53.42
CA VAL A 347 28.36 -36.40 -53.93
C VAL A 347 28.20 -36.76 -55.40
N THR A 348 29.16 -36.35 -56.24
CA THR A 348 29.26 -36.87 -57.60
C THR A 348 30.60 -37.56 -57.86
N LEU A 349 30.57 -38.53 -58.77
CA LEU A 349 31.72 -39.32 -59.16
C LEU A 349 31.69 -39.45 -60.68
N THR A 350 32.77 -39.05 -61.35
CA THR A 350 32.86 -39.12 -62.80
C THR A 350 34.14 -39.82 -63.22
N ARG A 351 34.01 -40.94 -63.94
CA ARG A 351 35.18 -41.61 -64.47
C ARG A 351 35.57 -40.92 -65.77
N TRP A 352 36.87 -40.82 -66.02
CA TRP A 352 37.38 -40.19 -67.23
C TRP A 352 36.62 -40.68 -68.45
N LYS A 353 35.95 -39.75 -69.13
CA LYS A 353 35.20 -40.04 -70.36
C LYS A 353 34.02 -40.98 -70.13
N SER A 354 33.42 -40.97 -68.94
CA SER A 354 32.27 -41.81 -68.65
C SER A 354 31.13 -40.96 -68.09
N HIS A 355 29.99 -41.63 -67.85
CA HIS A 355 28.79 -40.94 -67.38
C HIS A 355 28.85 -40.65 -65.88
N LEU A 356 28.44 -39.44 -65.51
CA LEU A 356 28.45 -39.05 -64.10
C LEU A 356 27.44 -39.84 -63.28
N GLN A 357 27.85 -40.24 -62.09
CA GLN A 357 26.99 -40.81 -61.06
C GLN A 357 26.86 -39.81 -59.91
N ASN A 358 25.66 -39.68 -59.36
CA ASN A 358 25.44 -38.81 -58.21
C ASN A 358 24.80 -39.60 -57.08
N TYR A 359 25.17 -39.24 -55.84
CA TYR A 359 24.64 -39.87 -54.64
C TYR A 359 24.33 -38.80 -53.61
N THR A 360 23.09 -38.78 -53.13
CA THR A 360 22.72 -37.95 -51.99
C THR A 360 22.99 -38.68 -50.68
N VAL A 361 23.67 -38.00 -49.76
CA VAL A 361 24.14 -38.59 -48.52
C VAL A 361 23.77 -37.68 -47.36
N ASN A 362 23.24 -38.25 -46.29
CA ASN A 362 22.89 -37.50 -45.08
C ASN A 362 23.78 -38.00 -43.93
N ALA A 363 25.06 -37.64 -44.02
CA ALA A 363 26.10 -38.12 -43.11
C ALA A 363 27.43 -37.51 -43.55
N THR A 364 28.52 -37.83 -42.85
CA THR A 364 29.82 -37.26 -43.21
C THR A 364 30.80 -38.33 -43.67
N LYS A 365 30.28 -39.47 -44.14
CA LYS A 365 31.11 -40.55 -44.65
C LYS A 365 30.27 -41.37 -45.62
N LEU A 366 30.91 -41.92 -46.64
CA LEU A 366 30.22 -42.80 -47.58
C LEU A 366 31.16 -43.89 -48.06
N THR A 367 30.71 -45.15 -47.98
CA THR A 367 31.48 -46.26 -48.50
C THR A 367 30.94 -46.65 -49.86
N VAL A 368 31.80 -46.65 -50.88
CA VAL A 368 31.43 -47.00 -52.24
C VAL A 368 32.44 -48.01 -52.77
N ASN A 369 32.01 -48.83 -53.73
CA ASN A 369 32.91 -49.77 -54.38
C ASN A 369 33.28 -49.19 -55.74
N LEU A 370 34.55 -48.85 -55.91
CA LEU A 370 35.06 -48.28 -57.15
C LEU A 370 35.95 -49.29 -57.86
N THR A 371 36.04 -49.17 -59.18
CA THR A 371 36.99 -49.98 -59.93
C THR A 371 38.41 -49.44 -59.70
N ASN A 372 39.37 -49.97 -60.46
CA ASN A 372 40.76 -49.54 -60.37
C ASN A 372 41.09 -48.36 -61.29
N ASP A 373 40.10 -47.79 -61.95
CA ASP A 373 40.37 -46.64 -62.81
C ASP A 373 40.39 -45.34 -62.01
N ARG A 374 40.81 -44.27 -62.68
CA ARG A 374 40.83 -42.95 -62.07
C ARG A 374 39.44 -42.34 -62.09
N TYR A 375 39.05 -41.72 -60.98
CA TYR A 375 37.78 -41.02 -60.86
C TYR A 375 37.99 -39.58 -60.42
N LEU A 376 37.07 -38.72 -60.86
CA LEU A 376 36.93 -37.37 -60.32
C LEU A 376 35.78 -37.33 -59.33
N ALA A 377 36.04 -36.87 -58.11
CA ALA A 377 35.01 -36.75 -57.09
C ALA A 377 34.80 -35.29 -56.72
N THR A 378 33.52 -34.91 -56.61
CA THR A 378 33.10 -33.58 -56.20
C THR A 378 32.09 -33.68 -55.06
N LEU A 379 32.04 -32.65 -54.23
CA LEU A 379 31.04 -32.57 -53.16
C LEU A 379 30.46 -31.18 -53.08
N THR A 380 29.14 -31.10 -53.11
CA THR A 380 28.40 -29.86 -52.85
C THR A 380 27.41 -30.11 -51.72
N VAL A 381 27.09 -29.04 -50.99
CA VAL A 381 26.08 -29.08 -49.94
C VAL A 381 24.92 -28.20 -50.38
N ARG A 382 23.70 -28.65 -50.10
CA ARG A 382 22.52 -27.97 -50.59
C ARG A 382 21.64 -27.54 -49.43
N ASN A 383 21.14 -26.31 -49.51
CA ASN A 383 20.09 -25.79 -48.65
C ASN A 383 18.93 -25.33 -49.52
N LEU A 384 17.93 -24.71 -48.88
CA LEU A 384 16.73 -24.28 -49.59
C LEU A 384 17.06 -23.38 -50.78
N VAL A 385 18.16 -22.62 -50.70
CA VAL A 385 18.45 -21.65 -51.75
C VAL A 385 19.19 -22.29 -52.92
N GLY A 386 20.10 -23.23 -52.66
CA GLY A 386 20.84 -23.87 -53.73
C GLY A 386 22.00 -24.68 -53.21
N LYS A 387 22.90 -25.02 -54.13
CA LYS A 387 24.05 -25.86 -53.85
C LYS A 387 25.33 -25.02 -53.83
N SER A 388 26.27 -25.42 -52.98
CA SER A 388 27.56 -24.75 -52.94
C SER A 388 28.38 -25.10 -54.18
N ASP A 389 29.39 -24.29 -54.45
CA ASP A 389 30.46 -24.72 -55.34
C ASP A 389 31.10 -26.01 -54.86
N ALA A 390 31.67 -26.77 -55.79
CA ALA A 390 32.20 -28.09 -55.51
C ALA A 390 33.67 -28.01 -55.14
N ALA A 391 34.10 -28.86 -54.21
CA ALA A 391 35.51 -29.14 -54.00
C ALA A 391 35.94 -30.25 -54.95
N VAL A 392 37.03 -30.04 -55.68
CA VAL A 392 37.49 -31.00 -56.68
C VAL A 392 38.92 -31.41 -56.36
N LEU A 393 39.18 -32.72 -56.46
CA LEU A 393 40.49 -33.29 -56.23
C LEU A 393 40.76 -34.32 -57.32
N THR A 394 42.03 -34.47 -57.70
CA THR A 394 42.44 -35.63 -58.48
C THR A 394 42.99 -36.67 -57.51
N ILE A 395 42.37 -37.84 -57.50
CA ILE A 395 42.90 -39.02 -56.81
C ILE A 395 43.64 -39.88 -57.84
N PRO A 396 44.97 -39.96 -57.80
CA PRO A 396 45.70 -40.61 -58.89
C PRO A 396 45.46 -42.12 -58.86
N ALA A 397 45.80 -42.76 -59.98
CA ALA A 397 45.76 -44.21 -60.03
C ALA A 397 46.78 -44.83 -59.09
N CYS A 398 46.56 -46.12 -58.77
CA CYS A 398 47.36 -46.78 -57.74
C CYS A 398 48.83 -46.93 -58.15
N ASP A 399 49.13 -46.82 -59.44
CA ASP A 399 50.49 -46.95 -59.94
C ASP A 399 51.20 -45.61 -60.10
N PHE A 400 50.56 -44.52 -59.69
CA PHE A 400 51.15 -43.19 -59.84
C PHE A 400 52.37 -43.02 -58.93
N PRO B 5 4.31 35.92 -35.12
CA PRO B 5 3.16 35.72 -34.21
C PRO B 5 3.56 35.86 -32.74
N ARG B 6 2.74 35.29 -31.86
CA ARG B 6 3.00 35.32 -30.43
C ARG B 6 2.94 33.91 -29.86
N ALA B 7 3.76 33.69 -28.83
CA ALA B 7 3.85 32.39 -28.16
C ALA B 7 2.56 32.02 -27.44
N GLU B 8 1.88 33.00 -26.84
CA GLU B 8 0.62 32.69 -26.16
C GLU B 8 -0.43 32.21 -27.14
N LEU B 9 -0.51 32.82 -28.32
CA LEU B 9 -1.47 32.36 -29.31
C LEU B 9 -1.10 30.97 -29.86
N ASP B 10 0.18 30.69 -30.10
CA ASP B 10 0.58 29.34 -30.51
C ASP B 10 0.14 28.28 -29.52
N SER B 11 0.38 28.53 -28.24
CA SER B 11 0.09 27.54 -27.22
C SER B 11 -1.39 27.20 -27.11
N THR B 12 -2.28 28.18 -27.19
CA THR B 12 -3.70 27.87 -27.07
C THR B 12 -4.22 27.00 -28.21
N VAL B 13 -3.77 27.23 -29.44
CA VAL B 13 -4.24 26.39 -30.54
C VAL B 13 -3.74 24.96 -30.36
N LEU B 14 -2.47 24.81 -29.94
CA LEU B 14 -1.90 23.49 -29.71
C LEU B 14 -2.66 22.70 -28.65
N LEU B 15 -3.06 23.35 -27.55
CA LEU B 15 -3.80 22.64 -26.50
C LEU B 15 -5.19 22.26 -26.97
N THR B 16 -5.83 23.07 -27.80
CA THR B 16 -7.14 22.70 -28.31
C THR B 16 -7.03 21.46 -29.18
N ARG B 17 -5.99 21.38 -30.02
CA ARG B 17 -5.80 20.18 -30.83
C ARG B 17 -5.60 18.96 -29.95
N SER B 18 -4.87 19.13 -28.84
CA SER B 18 -4.70 18.04 -27.87
C SER B 18 -6.03 17.62 -27.27
N LEU B 19 -6.84 18.60 -26.86
CA LEU B 19 -8.15 18.31 -26.28
C LEU B 19 -9.09 17.73 -27.33
N LEU B 20 -9.01 18.23 -28.56
CA LEU B 20 -9.84 17.68 -29.64
C LEU B 20 -9.55 16.20 -29.82
N ALA B 21 -8.27 15.82 -29.84
CA ALA B 21 -7.92 14.41 -29.99
C ALA B 21 -8.47 13.60 -28.81
N ASP B 22 -8.37 14.15 -27.59
CA ASP B 22 -8.90 13.45 -26.44
C ASP B 22 -10.41 13.27 -26.56
N THR B 23 -11.10 14.30 -27.06
CA THR B 23 -12.55 14.22 -27.16
C THR B 23 -12.98 13.22 -28.22
N ARG B 24 -12.32 13.23 -29.38
CA ARG B 24 -12.63 12.26 -30.43
C ARG B 24 -12.43 10.82 -29.95
N GLN B 25 -11.33 10.56 -29.23
CA GLN B 25 -11.07 9.18 -28.81
C GLN B 25 -12.12 8.71 -27.82
N LEU B 26 -12.49 9.56 -26.86
CA LEU B 26 -13.48 9.15 -25.87
C LEU B 26 -14.86 9.02 -26.50
N ALA B 27 -15.21 9.92 -27.41
CA ALA B 27 -16.48 9.79 -28.13
C ALA B 27 -16.56 8.50 -28.94
N ALA B 28 -15.46 8.12 -29.61
CA ALA B 28 -15.52 6.89 -30.40
C ALA B 28 -15.52 5.64 -29.52
N GLN B 29 -14.73 5.64 -28.46
CA GLN B 29 -14.77 4.53 -27.51
C GLN B 29 -16.15 4.40 -26.86
N LEU B 30 -16.77 5.52 -26.49
CA LEU B 30 -18.07 5.45 -25.82
C LEU B 30 -19.15 4.87 -26.74
N ARG B 31 -19.23 5.34 -27.98
CA ARG B 31 -20.24 4.78 -28.87
C ARG B 31 -19.91 3.33 -29.19
N ASP B 32 -18.62 2.98 -29.13
CA ASP B 32 -18.17 1.61 -29.36
C ASP B 32 -18.71 0.69 -28.28
N LYS B 33 -18.79 1.20 -27.04
CA LYS B 33 -19.24 0.43 -25.89
C LYS B 33 -20.74 0.52 -25.72
N PHE B 34 -21.35 1.66 -26.04
CA PHE B 34 -22.79 1.87 -25.87
C PHE B 34 -23.21 2.39 -27.23
N PRO B 35 -23.38 1.47 -28.20
CA PRO B 35 -23.75 1.84 -29.57
C PRO B 35 -25.03 2.62 -29.76
N ALA B 36 -25.12 3.90 -29.40
CA ALA B 36 -26.39 4.55 -29.64
C ALA B 36 -26.53 4.71 -31.15
N ASP B 37 -27.72 4.43 -31.66
CA ASP B 37 -27.97 4.58 -33.08
C ASP B 37 -29.04 5.64 -33.23
N GLY B 38 -28.78 6.64 -34.06
CA GLY B 38 -29.75 7.71 -34.24
C GLY B 38 -29.19 9.02 -33.75
N ASP B 39 -29.72 10.13 -34.25
CA ASP B 39 -29.25 11.43 -33.81
C ASP B 39 -29.91 11.89 -32.51
N HIS B 40 -29.07 12.11 -31.50
CA HIS B 40 -29.50 12.43 -30.15
C HIS B 40 -29.41 13.94 -29.95
N ASN B 41 -30.37 14.52 -29.21
CA ASN B 41 -30.32 15.96 -28.98
C ASN B 41 -30.60 16.31 -27.52
N LEU B 42 -30.17 17.52 -27.16
CA LEU B 42 -30.42 18.17 -25.86
C LEU B 42 -30.80 19.60 -26.18
N ASP B 43 -31.84 20.12 -25.53
CA ASP B 43 -32.29 21.48 -25.81
C ASP B 43 -31.25 22.53 -25.44
N SER B 44 -30.42 22.27 -24.43
CA SER B 44 -29.46 23.26 -23.96
C SER B 44 -28.22 23.41 -24.82
N LEU B 45 -27.97 22.48 -25.85
CA LEU B 45 -26.71 22.93 -26.43
C LEU B 45 -26.93 24.00 -27.51
N PRO B 46 -25.94 24.86 -27.74
CA PRO B 46 -26.08 25.91 -28.76
C PRO B 46 -26.12 25.31 -30.15
N THR B 47 -26.79 26.01 -31.07
CA THR B 47 -26.70 25.67 -32.48
C THR B 47 -25.42 26.29 -33.05
N LEU B 48 -24.54 25.47 -33.60
CA LEU B 48 -23.27 25.97 -34.15
C LEU B 48 -23.49 26.52 -35.56
N ALA B 49 -24.11 27.70 -35.61
CA ALA B 49 -24.53 28.30 -36.88
C ALA B 49 -23.33 28.99 -37.52
N MET B 50 -22.45 28.19 -38.15
CA MET B 50 -21.26 28.69 -38.83
C MET B 50 -20.97 27.78 -40.02
N SER B 51 -21.03 28.34 -41.23
CA SER B 51 -20.78 27.62 -42.47
C SER B 51 -19.33 27.59 -42.97
N ALA B 52 -18.40 28.25 -42.29
CA ALA B 52 -16.98 28.16 -42.65
C ALA B 52 -16.77 28.69 -44.07
N GLY B 53 -17.80 29.36 -44.57
CA GLY B 53 -17.86 29.97 -45.88
C GLY B 53 -16.76 31.00 -45.90
N ALA B 54 -16.94 31.96 -45.01
CA ALA B 54 -16.01 33.04 -44.78
C ALA B 54 -15.91 33.20 -43.27
N LEU B 55 -14.69 33.04 -42.75
CA LEU B 55 -14.41 33.05 -41.33
C LEU B 55 -13.27 34.02 -41.05
N GLY B 56 -12.49 34.36 -42.07
CA GLY B 56 -11.49 35.39 -41.89
C GLY B 56 -12.17 36.71 -41.65
N ALA B 57 -13.30 36.93 -42.35
CA ALA B 57 -13.98 38.21 -42.36
C ALA B 57 -14.38 38.61 -40.95
N LEU B 58 -14.84 37.65 -40.15
CA LEU B 58 -15.35 37.94 -38.82
C LEU B 58 -14.24 38.61 -37.99
N GLN B 59 -14.66 39.52 -37.12
CA GLN B 59 -13.72 40.28 -36.33
C GLN B 59 -13.35 39.54 -35.04
N LEU B 60 -12.35 40.10 -34.35
CA LEU B 60 -11.73 39.38 -33.24
C LEU B 60 -12.66 39.16 -32.04
N PRO B 61 -13.41 40.15 -31.55
CA PRO B 61 -14.27 39.89 -30.38
C PRO B 61 -15.30 38.78 -30.58
N GLY B 62 -15.94 38.73 -31.75
CA GLY B 62 -16.97 37.72 -31.97
C GLY B 62 -16.48 36.29 -31.97
N VAL B 63 -15.34 36.02 -32.61
CA VAL B 63 -14.82 34.65 -32.60
C VAL B 63 -14.57 34.18 -31.17
N LEU B 64 -13.92 35.03 -30.37
CA LEU B 64 -13.60 34.67 -28.99
C LEU B 64 -14.85 34.63 -28.12
N THR B 65 -15.78 35.57 -28.32
CA THR B 65 -17.03 35.59 -27.56
C THR B 65 -17.86 34.33 -27.78
N ARG B 66 -17.99 33.88 -29.03
CA ARG B 66 -18.79 32.69 -29.29
C ARG B 66 -18.16 31.45 -28.68
N LEU B 67 -16.83 31.32 -28.76
CA LEU B 67 -16.18 30.18 -28.13
C LEU B 67 -16.41 30.16 -26.63
N ARG B 68 -16.30 31.32 -25.97
CA ARG B 68 -16.50 31.38 -24.52
C ARG B 68 -17.91 30.96 -24.12
N ALA B 69 -18.93 31.46 -24.83
CA ALA B 69 -20.30 31.09 -24.48
C ALA B 69 -20.54 29.61 -24.70
N ASP B 70 -20.08 29.07 -25.82
CA ASP B 70 -20.29 27.65 -26.10
C ASP B 70 -19.55 26.79 -25.09
N LEU B 71 -18.27 27.11 -24.84
CA LEU B 71 -17.46 26.31 -23.95
C LEU B 71 -17.97 26.35 -22.51
N LEU B 72 -18.49 27.50 -22.07
CA LEU B 72 -19.08 27.56 -20.74
C LEU B 72 -20.31 26.66 -20.63
N SER B 73 -21.14 26.62 -21.67
CA SER B 73 -22.28 25.70 -21.64
C SER B 73 -21.81 24.25 -21.59
N TYR B 74 -20.79 23.92 -22.39
CA TYR B 74 -20.26 22.56 -22.39
C TYR B 74 -19.63 22.21 -21.05
N LEU B 75 -18.94 23.16 -20.42
CA LEU B 75 -18.36 22.90 -19.12
C LEU B 75 -19.40 22.56 -18.05
N ARG B 76 -20.46 23.35 -17.98
CA ARG B 76 -21.55 23.03 -17.03
C ARG B 76 -22.07 21.63 -17.29
N HIS B 77 -22.23 21.28 -18.56
CA HIS B 77 -22.80 19.99 -18.93
C HIS B 77 -21.85 18.87 -18.57
N VAL B 78 -20.55 19.07 -18.74
CA VAL B 78 -19.59 18.05 -18.33
C VAL B 78 -19.67 17.87 -16.82
N GLN B 79 -19.71 18.98 -16.09
CA GLN B 79 -19.86 18.94 -14.63
C GLN B 79 -21.17 18.29 -14.25
N TRP B 80 -22.25 18.62 -14.95
CA TRP B 80 -23.55 17.99 -14.72
C TRP B 80 -23.47 16.47 -14.85
N LEU B 81 -22.74 15.96 -15.84
CA LEU B 81 -22.62 14.51 -15.98
C LEU B 81 -21.97 13.89 -14.75
N ARG B 82 -20.90 14.51 -14.24
CA ARG B 82 -20.18 13.92 -13.10
C ARG B 82 -21.04 13.89 -11.84
N ARG B 83 -21.79 14.96 -11.57
CA ARG B 83 -22.48 15.06 -10.28
C ARG B 83 -23.71 14.15 -10.24
N ALA B 84 -24.68 14.37 -11.13
CA ALA B 84 -25.94 13.65 -11.11
C ALA B 84 -25.98 12.51 -12.11
N GLY B 85 -24.86 12.18 -12.75
CA GLY B 85 -24.88 11.14 -13.76
C GLY B 85 -25.10 9.77 -13.18
N GLY B 86 -25.61 8.87 -14.03
CA GLY B 86 -25.91 7.52 -13.63
C GLY B 86 -24.67 6.65 -13.57
N SER B 87 -24.76 5.60 -12.76
CA SER B 87 -23.64 4.69 -12.54
C SER B 87 -23.17 4.04 -13.83
N SER B 88 -24.04 4.01 -14.85
CA SER B 88 -23.70 3.36 -16.11
C SER B 88 -22.46 3.97 -16.75
N LEU B 89 -22.16 5.23 -16.45
CA LEU B 89 -21.11 5.97 -17.13
C LEU B 89 -19.85 6.09 -16.29
N LYS B 90 -19.78 5.39 -15.16
CA LYS B 90 -18.57 5.37 -14.36
C LYS B 90 -17.40 4.80 -15.14
N THR B 91 -17.67 3.99 -16.17
CA THR B 91 -16.63 3.44 -17.02
C THR B 91 -15.90 4.51 -17.85
N LEU B 92 -16.46 5.72 -17.95
CA LEU B 92 -15.79 6.75 -18.72
C LEU B 92 -14.75 7.53 -17.93
N GLU B 93 -14.64 7.31 -16.62
CA GLU B 93 -13.51 7.84 -15.87
C GLU B 93 -12.32 6.88 -15.96
N PRO B 94 -11.09 7.38 -15.76
CA PRO B 94 -10.79 8.77 -15.40
C PRO B 94 -10.71 9.64 -16.63
N GLU B 95 -11.03 9.05 -17.78
CA GLU B 95 -10.87 9.78 -19.03
C GLU B 95 -11.79 11.00 -19.07
N LEU B 96 -13.00 10.86 -18.52
CA LEU B 96 -13.94 11.98 -18.50
C LEU B 96 -13.46 13.08 -17.56
N GLY B 97 -12.89 12.72 -16.41
CA GLY B 97 -12.37 13.71 -15.49
C GLY B 97 -11.14 14.46 -15.98
N THR B 98 -10.25 13.79 -16.71
CA THR B 98 -9.12 14.52 -17.30
C THR B 98 -9.62 15.56 -18.30
N LEU B 99 -10.60 15.19 -19.13
CA LEU B 99 -11.19 16.15 -20.05
C LEU B 99 -11.80 17.33 -19.30
N GLN B 100 -12.52 17.05 -18.21
CA GLN B 100 -13.07 18.13 -17.39
C GLN B 100 -11.96 19.03 -16.88
N ALA B 101 -10.89 18.43 -16.36
CA ALA B 101 -9.77 19.21 -15.81
C ALA B 101 -9.05 19.99 -16.89
N ARG B 102 -9.13 19.54 -18.15
CA ARG B 102 -8.46 20.17 -19.27
C ARG B 102 -9.32 21.23 -19.95
N LEU B 103 -10.61 20.94 -20.15
CA LEU B 103 -11.48 21.92 -20.80
C LEU B 103 -11.73 23.12 -19.89
N ASP B 104 -11.97 22.86 -18.61
CA ASP B 104 -12.11 23.96 -17.65
C ASP B 104 -10.85 24.81 -17.62
N ARG B 105 -9.68 24.16 -17.65
CA ARG B 105 -8.41 24.88 -17.63
C ARG B 105 -8.23 25.74 -18.87
N LEU B 106 -8.58 25.20 -20.05
CA LEU B 106 -8.46 25.99 -21.28
C LEU B 106 -9.44 27.15 -21.33
N LEU B 107 -10.66 26.96 -20.85
CA LEU B 107 -11.60 28.07 -20.80
C LEU B 107 -11.09 29.20 -19.91
N ARG B 108 -10.52 28.86 -18.76
CA ARG B 108 -9.95 29.88 -17.87
C ARG B 108 -8.80 30.61 -18.55
N ARG B 109 -7.94 29.87 -19.23
CA ARG B 109 -6.78 30.43 -19.93
C ARG B 109 -7.21 31.42 -20.99
N LEU B 110 -8.36 31.16 -21.63
CA LEU B 110 -8.88 32.04 -22.66
C LEU B 110 -9.26 33.38 -22.04
N GLN B 111 -9.81 33.38 -20.83
CA GLN B 111 -10.12 34.66 -20.19
C GLN B 111 -8.82 35.44 -19.96
N LEU B 112 -7.73 34.73 -19.64
CA LEU B 112 -6.45 35.39 -19.45
C LEU B 112 -5.97 35.94 -20.79
N LEU B 113 -6.15 35.12 -21.84
CA LEU B 113 -5.84 35.51 -23.21
C LEU B 113 -6.56 36.81 -23.58
N MET B 114 -7.83 36.93 -23.19
CA MET B 114 -8.61 38.11 -23.54
C MET B 114 -8.05 39.36 -22.89
N SER B 115 -7.55 39.23 -21.65
CA SER B 115 -6.99 40.39 -20.97
C SER B 115 -5.70 40.85 -21.65
N ARG B 116 -4.80 39.91 -21.93
CA ARG B 116 -3.54 40.24 -22.57
C ARG B 116 -3.73 40.83 -23.97
N LEU B 117 -4.75 40.38 -24.70
CA LEU B 117 -5.05 40.95 -26.00
C LEU B 117 -5.98 42.15 -25.95
N ALA B 118 -6.38 42.59 -24.75
CA ALA B 118 -7.15 43.82 -24.58
C ALA B 118 -8.49 43.76 -25.33
N LEU B 119 -9.10 42.58 -25.39
CA LEU B 119 -10.39 42.48 -26.05
C LEU B 119 -11.50 42.90 -25.09
N PRO B 120 -12.59 43.48 -25.62
CA PRO B 120 -13.69 43.91 -24.74
C PRO B 120 -14.29 42.73 -23.99
N GLN B 121 -14.46 42.91 -22.68
CA GLN B 121 -14.99 41.68 -22.09
C GLN B 121 -16.52 41.70 -22.14
N PRO B 122 -17.14 40.56 -22.40
CA PRO B 122 -18.60 40.51 -22.43
C PRO B 122 -19.18 40.84 -21.08
N PRO B 123 -20.41 41.34 -21.03
CA PRO B 123 -21.05 41.58 -19.74
C PRO B 123 -21.39 40.27 -19.06
N PRO B 124 -21.26 40.19 -17.73
CA PRO B 124 -21.64 38.97 -17.02
C PRO B 124 -23.05 38.51 -17.33
N ASP B 125 -23.19 37.46 -18.12
CA ASP B 125 -24.50 37.03 -18.56
C ASP B 125 -25.18 36.24 -17.45
N PRO B 126 -26.50 36.12 -17.46
CA PRO B 126 -27.18 35.37 -16.41
C PRO B 126 -27.04 33.87 -16.64
N PRO B 127 -26.43 33.15 -15.70
CA PRO B 127 -26.22 31.71 -15.88
C PRO B 127 -27.54 30.97 -16.02
N ALA B 128 -27.51 29.90 -16.80
CA ALA B 128 -28.74 29.17 -17.06
C ALA B 128 -29.08 28.37 -15.82
N PRO B 129 -30.35 28.20 -15.49
CA PRO B 129 -30.71 27.45 -14.29
C PRO B 129 -30.24 26.00 -14.39
N PRO B 130 -30.27 25.25 -13.28
CA PRO B 130 -29.73 23.88 -13.33
C PRO B 130 -30.54 22.95 -14.22
N LEU B 131 -29.83 22.01 -14.82
CA LEU B 131 -30.46 20.95 -15.61
C LEU B 131 -31.00 19.91 -14.64
N ALA B 132 -32.22 19.46 -14.87
CA ALA B 132 -32.73 18.38 -14.04
C ALA B 132 -31.84 17.15 -14.22
N PRO B 133 -31.69 16.33 -13.18
CA PRO B 133 -30.92 15.10 -13.33
C PRO B 133 -31.58 14.18 -14.33
N PRO B 134 -30.80 13.27 -14.93
CA PRO B 134 -31.39 12.30 -15.87
C PRO B 134 -32.42 11.43 -15.17
N SER B 135 -33.42 11.02 -15.95
CA SER B 135 -34.49 10.18 -15.43
C SER B 135 -34.07 8.73 -15.32
N SER B 136 -32.96 8.36 -15.94
CA SER B 136 -32.46 7.00 -15.92
C SER B 136 -31.00 7.00 -16.33
N ALA B 137 -30.35 5.86 -16.11
CA ALA B 137 -28.95 5.69 -16.49
C ALA B 137 -28.76 5.83 -17.98
N TRP B 138 -29.67 5.26 -18.78
CA TRP B 138 -29.54 5.36 -20.23
C TRP B 138 -29.80 6.78 -20.72
N GLY B 139 -30.66 7.53 -20.05
CA GLY B 139 -30.81 8.93 -20.39
C GLY B 139 -29.49 9.66 -20.18
N GLY B 140 -28.75 9.25 -19.15
CA GLY B 140 -27.44 9.82 -18.90
C GLY B 140 -26.44 9.43 -19.98
N ILE B 141 -26.52 8.20 -20.47
CA ILE B 141 -25.66 7.76 -21.56
C ILE B 141 -25.91 8.58 -22.81
N ARG B 142 -27.19 8.81 -23.15
CA ARG B 142 -27.49 9.63 -24.31
C ARG B 142 -26.95 11.05 -24.13
N ALA B 143 -27.01 11.56 -22.89
CA ALA B 143 -26.49 12.88 -22.58
C ALA B 143 -24.97 12.94 -22.77
N ALA B 144 -24.28 11.87 -22.36
CA ALA B 144 -22.83 11.78 -22.58
C ALA B 144 -22.47 11.88 -24.06
N HIS B 145 -23.22 11.18 -24.92
CA HIS B 145 -22.98 11.27 -26.35
C HIS B 145 -23.12 12.70 -26.85
N ALA B 146 -24.14 13.42 -26.38
CA ALA B 146 -24.34 14.79 -26.84
C ALA B 146 -23.20 15.72 -26.44
N ILE B 147 -22.70 15.58 -25.22
CA ILE B 147 -21.65 16.48 -24.77
C ILE B 147 -20.36 16.21 -25.53
N LEU B 148 -19.94 14.94 -25.59
CA LEU B 148 -18.70 14.63 -26.30
C LEU B 148 -18.86 14.84 -27.80
N GLY B 149 -20.01 14.44 -28.35
CA GLY B 149 -20.24 14.68 -29.77
C GLY B 149 -20.31 16.16 -30.08
N GLY B 150 -21.00 16.91 -29.23
CA GLY B 150 -21.12 18.34 -29.42
C GLY B 150 -19.79 19.05 -29.20
N LEU B 151 -19.01 18.57 -28.23
CA LEU B 151 -17.70 19.15 -27.94
C LEU B 151 -16.73 19.00 -29.09
N HIS B 152 -16.67 17.81 -29.71
CA HIS B 152 -15.68 17.59 -30.77
C HIS B 152 -16.01 18.36 -32.04
N LEU B 153 -17.04 19.21 -32.00
CA LEU B 153 -17.27 20.21 -33.04
C LEU B 153 -16.83 21.59 -32.60
N THR B 154 -17.16 21.97 -31.36
CA THR B 154 -16.75 23.26 -30.82
C THR B 154 -15.23 23.39 -30.84
N LEU B 155 -14.53 22.33 -30.43
CA LEU B 155 -13.08 22.33 -30.39
C LEU B 155 -12.48 22.35 -31.79
N ASP B 156 -13.11 21.67 -32.73
CA ASP B 156 -12.61 21.71 -34.11
C ASP B 156 -12.63 23.14 -34.62
N TRP B 157 -13.70 23.88 -34.36
CA TRP B 157 -13.77 25.26 -34.79
C TRP B 157 -12.90 26.16 -33.91
N ALA B 158 -12.62 25.73 -32.68
CA ALA B 158 -11.69 26.46 -31.83
C ALA B 158 -10.28 26.41 -32.42
N VAL B 159 -9.83 25.22 -32.84
CA VAL B 159 -8.52 25.15 -33.51
C VAL B 159 -8.53 26.10 -34.69
N ARG B 160 -9.60 26.04 -35.48
CA ARG B 160 -9.72 26.87 -36.69
C ARG B 160 -9.70 28.34 -36.33
N GLY B 161 -10.48 28.76 -35.32
CA GLY B 161 -10.56 30.17 -34.99
C GLY B 161 -9.22 30.70 -34.52
N LEU B 162 -8.53 29.94 -33.67
CA LEU B 162 -7.23 30.38 -33.15
C LEU B 162 -6.23 30.46 -34.29
N LEU B 163 -6.33 29.54 -35.26
CA LEU B 163 -5.45 29.56 -36.42
C LEU B 163 -5.71 30.81 -37.26
N LEU B 164 -6.97 31.26 -37.32
CA LEU B 164 -7.23 32.50 -38.04
C LEU B 164 -6.53 33.65 -37.34
N LEU B 165 -6.62 33.68 -36.01
CA LEU B 165 -5.93 34.72 -35.26
C LEU B 165 -4.42 34.63 -35.49
N LYS B 166 -3.88 33.40 -35.51
CA LYS B 166 -2.45 33.19 -35.69
C LYS B 166 -1.91 33.81 -36.99
N THR B 167 -2.68 33.75 -38.08
CA THR B 167 -2.15 34.31 -39.32
C THR B 167 -1.90 35.81 -39.22
N ARG B 168 -2.52 36.48 -38.25
CA ARG B 168 -2.37 37.92 -38.07
C ARG B 168 -1.50 38.30 -36.88
N LEU B 169 -1.90 37.91 -35.67
CA LEU B 169 -1.06 38.06 -34.49
C LEU B 169 -0.31 36.78 -34.14
N PRO C 4 -62.99 15.93 -67.76
CA PRO C 4 -62.35 16.05 -66.43
C PRO C 4 -61.78 14.73 -65.93
N CYS C 5 -60.55 14.44 -66.31
CA CYS C 5 -59.82 13.25 -65.87
C CYS C 5 -58.45 13.66 -65.40
N PRO C 6 -57.75 12.80 -64.61
CA PRO C 6 -56.40 13.16 -64.16
C PRO C 6 -55.50 13.63 -65.29
N GLN C 7 -54.96 14.84 -65.21
CA GLN C 7 -54.03 15.29 -66.23
C GLN C 7 -52.84 14.33 -66.33
N ALA C 8 -52.32 14.19 -67.54
CA ALA C 8 -51.41 13.08 -67.81
C ALA C 8 -50.08 13.28 -67.08
N TRP C 9 -49.16 12.35 -67.29
CA TRP C 9 -47.88 12.38 -66.58
C TRP C 9 -46.82 12.95 -67.53
N GLY C 10 -46.54 12.19 -68.58
CA GLY C 10 -45.67 12.62 -69.66
C GLY C 10 -46.49 13.22 -70.78
N PRO C 11 -46.50 12.54 -71.92
CA PRO C 11 -47.25 13.03 -73.09
C PRO C 11 -48.72 13.15 -72.76
N PRO C 12 -49.50 13.91 -73.55
CA PRO C 12 -50.80 14.38 -73.08
C PRO C 12 -51.93 13.36 -73.20
N GLY C 13 -51.74 12.27 -73.94
CA GLY C 13 -52.83 11.34 -74.16
C GLY C 13 -52.50 9.90 -73.84
N VAL C 14 -51.51 9.69 -72.96
CA VAL C 14 -51.06 8.36 -72.56
C VAL C 14 -51.16 8.25 -71.05
N GLN C 15 -51.57 7.08 -70.57
CA GLN C 15 -51.63 6.80 -69.13
C GLN C 15 -50.87 5.51 -68.84
N TYR C 16 -50.59 5.28 -67.56
CA TYR C 16 -49.68 4.23 -67.15
C TYR C 16 -50.35 3.36 -66.08
N GLY C 17 -49.85 2.14 -65.93
CA GLY C 17 -50.37 1.26 -64.89
C GLY C 17 -49.39 0.16 -64.54
N GLN C 18 -49.64 -0.49 -63.39
CA GLN C 18 -48.81 -1.60 -62.96
C GLN C 18 -49.60 -2.91 -63.08
N PRO C 19 -48.98 -3.99 -63.56
CA PRO C 19 -49.67 -5.28 -63.61
C PRO C 19 -50.20 -5.74 -62.26
N GLY C 20 -51.27 -6.52 -62.31
CA GLY C 20 -51.90 -7.07 -61.12
C GLY C 20 -52.57 -6.05 -60.22
N ARG C 21 -52.51 -4.77 -60.54
CA ARG C 21 -53.16 -3.73 -59.77
C ARG C 21 -54.46 -3.38 -60.49
N SER C 22 -55.10 -2.26 -60.15
CA SER C 22 -56.23 -1.77 -60.94
C SER C 22 -55.86 -0.49 -61.68
N VAL C 23 -56.20 -0.43 -62.96
CA VAL C 23 -55.94 0.76 -63.78
C VAL C 23 -57.24 1.23 -64.38
N LYS C 24 -57.44 2.54 -64.42
CA LYS C 24 -58.74 3.13 -64.75
C LYS C 24 -58.48 4.12 -65.89
N LEU C 25 -58.82 3.71 -67.10
CA LEU C 25 -58.64 4.54 -68.28
C LEU C 25 -59.83 5.45 -68.52
N CYS C 26 -59.57 6.63 -69.06
CA CYS C 26 -60.61 7.59 -69.36
C CYS C 26 -60.53 7.91 -70.86
N CYS C 27 -61.66 8.26 -71.44
CA CYS C 27 -61.70 8.68 -72.84
C CYS C 27 -61.42 10.17 -72.94
N PRO C 28 -60.31 10.59 -73.56
CA PRO C 28 -59.90 12.00 -73.50
C PRO C 28 -60.88 13.01 -74.08
N GLY C 29 -61.23 12.86 -75.36
CA GLY C 29 -62.07 13.82 -76.06
C GLY C 29 -63.55 13.55 -76.09
N VAL C 30 -64.16 13.30 -74.93
CA VAL C 30 -65.59 13.05 -74.83
C VAL C 30 -66.14 13.81 -73.64
N THR C 31 -67.27 14.49 -73.84
CA THR C 31 -67.92 15.22 -72.74
C THR C 31 -68.26 14.26 -71.61
N ALA C 32 -67.92 14.65 -70.38
CA ALA C 32 -68.25 13.84 -69.22
C ALA C 32 -69.74 13.63 -69.10
N GLY C 33 -70.15 12.36 -69.17
CA GLY C 33 -71.54 11.96 -69.18
C GLY C 33 -71.97 11.27 -70.46
N ASP C 34 -71.18 11.39 -71.53
CA ASP C 34 -71.49 10.68 -72.76
C ASP C 34 -71.05 9.22 -72.65
N PRO C 35 -71.93 8.26 -72.95
CA PRO C 35 -71.51 6.86 -73.00
C PRO C 35 -70.57 6.60 -74.16
N VAL C 36 -69.54 5.78 -73.93
CA VAL C 36 -68.52 5.51 -74.93
C VAL C 36 -68.12 4.04 -74.85
N SER C 37 -67.61 3.54 -75.98
CA SER C 37 -67.16 2.15 -76.10
C SER C 37 -65.65 2.07 -76.22
N TRP C 38 -65.10 0.96 -75.73
CA TRP C 38 -63.66 0.74 -75.69
C TRP C 38 -63.35 -0.56 -76.44
N PHE C 39 -62.25 -0.55 -77.19
CA PHE C 39 -61.79 -1.75 -77.88
C PHE C 39 -60.27 -1.87 -77.76
N ARG C 40 -59.80 -3.11 -77.85
CA ARG C 40 -58.37 -3.38 -77.97
C ARG C 40 -57.97 -3.37 -79.45
N ASP C 41 -56.78 -2.85 -79.74
CA ASP C 41 -56.40 -2.65 -81.13
C ASP C 41 -56.38 -3.97 -81.88
N GLY C 42 -57.12 -4.03 -82.99
CA GLY C 42 -57.19 -5.20 -83.82
C GLY C 42 -58.13 -6.28 -83.34
N GLU C 43 -58.78 -6.10 -82.20
CA GLU C 43 -59.68 -7.12 -81.65
C GLU C 43 -61.03 -6.50 -81.37
N PRO C 44 -62.12 -7.00 -81.96
CA PRO C 44 -63.41 -6.30 -81.90
C PRO C 44 -64.23 -6.48 -80.63
N LYS C 45 -63.86 -7.35 -79.69
CA LYS C 45 -64.75 -7.61 -78.56
C LYS C 45 -64.92 -6.37 -77.69
N LEU C 46 -66.17 -5.98 -77.47
CA LEU C 46 -66.52 -4.87 -76.59
C LEU C 46 -66.21 -5.18 -75.13
N LEU C 47 -65.35 -4.38 -74.50
CA LEU C 47 -64.97 -4.62 -73.13
C LEU C 47 -66.03 -4.02 -72.20
N GLN C 48 -66.17 -4.60 -71.02
CA GLN C 48 -67.19 -4.19 -70.06
C GLN C 48 -66.54 -3.59 -68.81
N GLY C 49 -67.36 -3.09 -67.91
CA GLY C 49 -66.88 -2.50 -66.67
C GLY C 49 -67.95 -2.41 -65.61
N PRO C 50 -67.53 -2.44 -64.34
CA PRO C 50 -68.47 -2.30 -63.22
C PRO C 50 -69.53 -1.21 -63.33
N ASP C 51 -69.23 -0.07 -63.96
CA ASP C 51 -70.22 0.99 -64.09
C ASP C 51 -71.15 0.70 -65.27
N SER C 52 -72.12 -0.17 -65.01
CA SER C 52 -73.12 -0.62 -65.99
C SER C 52 -72.48 -1.27 -67.21
N GLY C 53 -71.57 -0.55 -67.85
CA GLY C 53 -70.84 -1.02 -69.02
C GLY C 53 -70.66 0.09 -70.05
N LEU C 54 -71.03 1.31 -69.68
CA LEU C 54 -70.98 2.43 -70.62
C LEU C 54 -70.93 3.74 -69.81
N GLY C 55 -69.72 4.15 -69.48
CA GLY C 55 -69.54 5.38 -68.73
C GLY C 55 -68.67 6.39 -69.43
N HIS C 56 -67.87 7.16 -68.68
CA HIS C 56 -66.83 8.00 -69.23
C HIS C 56 -65.44 7.43 -69.03
N GLU C 57 -65.30 6.32 -68.30
CA GLU C 57 -63.98 5.83 -67.92
C GLU C 57 -63.96 4.32 -67.93
N LEU C 58 -62.99 3.76 -68.66
CA LEU C 58 -62.75 2.32 -68.66
C LEU C 58 -61.96 1.93 -67.42
N VAL C 59 -62.26 0.77 -66.84
CA VAL C 59 -61.55 0.25 -65.68
C VAL C 59 -61.03 -1.13 -66.02
N LEU C 60 -59.82 -1.43 -65.55
CA LEU C 60 -59.21 -2.75 -65.74
C LEU C 60 -58.80 -3.29 -64.37
N ALA C 61 -59.52 -4.31 -63.90
CA ALA C 61 -59.03 -5.07 -62.74
C ALA C 61 -58.01 -6.13 -63.13
N GLN C 62 -58.05 -6.61 -64.37
CA GLN C 62 -57.03 -7.52 -64.91
C GLN C 62 -55.61 -7.08 -64.62
N ALA C 63 -55.17 -5.97 -65.23
CA ALA C 63 -53.77 -5.57 -65.30
C ALA C 63 -52.82 -6.77 -65.38
N ASP C 64 -52.72 -7.38 -66.56
CA ASP C 64 -51.68 -8.37 -66.85
C ASP C 64 -51.00 -8.02 -68.17
N SER C 65 -50.02 -8.85 -68.55
CA SER C 65 -49.15 -8.50 -69.67
C SER C 65 -49.92 -8.44 -70.98
N THR C 66 -50.95 -9.27 -71.13
CA THR C 66 -51.77 -9.26 -72.33
C THR C 66 -52.48 -7.92 -72.53
N ASP C 67 -52.61 -7.15 -71.45
CA ASP C 67 -53.23 -5.83 -71.46
C ASP C 67 -52.28 -4.73 -71.90
N GLU C 68 -51.02 -5.03 -72.21
CA GLU C 68 -50.08 -4.04 -72.68
C GLU C 68 -50.20 -3.87 -74.19
N GLY C 69 -50.41 -2.63 -74.61
CA GLY C 69 -50.55 -2.31 -76.02
C GLY C 69 -51.20 -0.95 -76.19
N THR C 70 -51.82 -0.78 -77.36
CA THR C 70 -52.47 0.46 -77.76
C THR C 70 -53.98 0.28 -77.65
N TYR C 71 -54.65 1.25 -77.04
CA TYR C 71 -56.10 1.19 -76.87
C TYR C 71 -56.78 2.32 -77.62
N ILE C 72 -57.98 2.02 -78.11
CA ILE C 72 -58.84 2.96 -78.81
C ILE C 72 -60.17 3.09 -78.07
N CYS C 73 -60.61 4.33 -77.87
CA CYS C 73 -61.91 4.63 -77.30
C CYS C 73 -62.74 5.37 -78.34
N GLN C 74 -64.02 5.00 -78.44
CA GLN C 74 -64.96 5.66 -79.32
C GLN C 74 -66.34 5.73 -78.69
N THR C 75 -67.06 6.81 -78.98
CA THR C 75 -68.43 6.94 -78.52
C THR C 75 -69.31 5.94 -79.28
N LEU C 76 -70.49 5.65 -78.72
CA LEU C 76 -71.33 4.65 -79.36
C LEU C 76 -71.77 5.07 -80.75
N ASP C 77 -71.68 6.36 -81.07
CA ASP C 77 -72.00 6.84 -82.41
C ASP C 77 -70.96 6.43 -83.45
N GLY C 78 -69.76 6.04 -83.04
CA GLY C 78 -68.68 5.73 -83.96
C GLY C 78 -67.56 6.74 -83.99
N ALA C 79 -67.76 7.91 -83.37
CA ALA C 79 -66.73 8.95 -83.37
C ALA C 79 -65.52 8.51 -82.55
N LEU C 80 -64.33 8.72 -83.11
CA LEU C 80 -63.08 8.37 -82.46
C LEU C 80 -62.77 9.41 -81.38
N GLY C 81 -62.95 9.02 -80.11
CA GLY C 81 -62.74 9.96 -79.02
C GLY C 81 -61.31 10.13 -78.54
N GLY C 82 -60.37 9.32 -79.05
CA GLY C 82 -58.99 9.45 -78.63
C GLY C 82 -58.28 8.11 -78.49
N THR C 83 -56.97 8.15 -78.25
CA THR C 83 -56.15 6.96 -78.12
C THR C 83 -55.32 7.03 -76.84
N VAL C 84 -55.14 5.88 -76.19
CA VAL C 84 -54.30 5.78 -75.00
C VAL C 84 -53.40 4.55 -75.14
N THR C 85 -52.19 4.65 -74.61
CA THR C 85 -51.23 3.55 -74.61
C THR C 85 -50.97 3.09 -73.18
N LEU C 86 -51.15 1.79 -72.93
CA LEU C 86 -50.91 1.20 -71.62
C LEU C 86 -49.50 0.62 -71.61
N GLN C 87 -48.63 1.21 -70.80
CA GLN C 87 -47.30 0.68 -70.52
C GLN C 87 -47.25 0.15 -69.10
N LEU C 88 -46.80 -1.09 -68.95
CA LEU C 88 -46.77 -1.79 -67.66
C LEU C 88 -45.40 -1.65 -67.01
N GLY C 89 -45.41 -1.66 -65.69
CA GLY C 89 -44.18 -1.49 -64.94
C GLY C 89 -44.35 -1.87 -63.49
N TYR C 90 -43.45 -1.37 -62.66
CA TYR C 90 -43.37 -1.71 -61.24
C TYR C 90 -43.05 -0.46 -60.46
N PRO C 91 -43.47 -0.38 -59.20
CA PRO C 91 -43.11 0.78 -58.38
C PRO C 91 -41.60 0.91 -58.28
N PRO C 92 -41.09 2.10 -57.97
CA PRO C 92 -39.64 2.26 -57.95
C PRO C 92 -39.04 1.54 -56.75
N ALA C 93 -37.82 1.04 -56.92
CA ALA C 93 -37.12 0.60 -55.74
C ALA C 93 -36.43 1.78 -55.05
N ARG C 94 -36.07 1.55 -53.80
CA ARG C 94 -35.33 2.52 -53.02
C ARG C 94 -33.97 2.78 -53.69
N PRO C 95 -33.59 4.02 -53.98
CA PRO C 95 -32.27 4.24 -54.57
C PRO C 95 -31.15 4.12 -53.54
N VAL C 96 -29.94 3.91 -54.05
CA VAL C 96 -28.73 3.75 -53.26
C VAL C 96 -27.93 5.05 -53.31
N VAL C 97 -27.62 5.64 -52.17
CA VAL C 97 -27.01 6.97 -52.15
C VAL C 97 -25.70 6.94 -51.37
N SER C 98 -24.67 7.60 -51.92
CA SER C 98 -23.39 7.84 -51.28
C SER C 98 -23.01 9.29 -51.51
N CYS C 99 -22.29 9.88 -50.55
CA CYS C 99 -21.74 11.22 -50.70
C CYS C 99 -20.23 11.24 -50.49
N GLN C 100 -19.62 12.36 -50.91
CA GLN C 100 -18.19 12.61 -50.74
C GLN C 100 -17.95 14.11 -50.75
N ALA C 101 -16.74 14.52 -50.37
CA ALA C 101 -16.39 15.94 -50.35
C ALA C 101 -14.88 16.12 -50.31
N ALA C 102 -14.32 16.82 -51.30
CA ALA C 102 -12.90 17.12 -51.33
C ALA C 102 -12.55 18.54 -50.91
N ASP C 103 -13.52 19.36 -50.49
CA ASP C 103 -13.25 20.71 -49.98
C ASP C 103 -14.19 21.01 -48.83
N TYR C 104 -13.99 22.17 -48.19
CA TYR C 104 -14.74 22.50 -46.98
C TYR C 104 -16.02 23.25 -47.29
N GLU C 105 -16.28 23.54 -48.57
CA GLU C 105 -17.44 24.31 -48.98
C GLU C 105 -18.55 23.44 -49.53
N ASN C 106 -18.22 22.60 -50.50
CA ASN C 106 -19.20 21.79 -51.20
C ASN C 106 -18.97 20.32 -50.91
N PHE C 107 -20.05 19.55 -51.01
CA PHE C 107 -19.99 18.10 -51.05
C PHE C 107 -20.99 17.63 -52.08
N SER C 108 -20.93 16.34 -52.40
CA SER C 108 -21.73 15.85 -53.50
C SER C 108 -22.12 14.41 -53.23
N CYS C 109 -23.26 14.02 -53.75
CA CYS C 109 -23.85 12.72 -53.53
C CYS C 109 -24.26 12.16 -54.87
N THR C 110 -24.29 10.85 -54.99
CA THR C 110 -24.74 10.23 -56.23
C THR C 110 -25.69 9.09 -55.90
N TRP C 111 -26.45 8.68 -56.91
CA TRP C 111 -27.45 7.66 -56.71
C TRP C 111 -27.67 6.88 -58.01
N SER C 112 -28.03 5.61 -57.84
CA SER C 112 -28.34 4.73 -58.96
C SER C 112 -29.66 4.05 -58.58
N PRO C 113 -30.54 3.80 -59.54
CA PRO C 113 -31.70 2.94 -59.26
C PRO C 113 -31.30 1.52 -58.92
N SER C 114 -32.01 0.96 -57.93
CA SER C 114 -31.89 -0.44 -57.57
C SER C 114 -32.78 -1.30 -58.45
N GLN C 115 -33.66 -0.65 -59.22
CA GLN C 115 -34.63 -1.23 -60.12
C GLN C 115 -35.05 -0.12 -61.06
N ILE C 116 -35.23 -0.45 -62.34
CA ILE C 116 -35.63 0.54 -63.33
C ILE C 116 -37.13 0.51 -63.58
N SER C 117 -37.74 -0.67 -63.50
CA SER C 117 -39.17 -0.88 -63.71
C SER C 117 -39.65 -0.71 -65.15
N GLY C 118 -38.88 -0.05 -66.01
CA GLY C 118 -39.45 0.20 -67.32
C GLY C 118 -40.31 1.44 -67.41
N LEU C 119 -40.34 2.27 -66.36
CA LEU C 119 -41.13 3.47 -66.24
C LEU C 119 -40.25 4.71 -66.26
N PRO C 120 -40.79 5.86 -66.71
CA PRO C 120 -39.99 7.10 -66.76
C PRO C 120 -39.52 7.60 -65.41
N THR C 121 -38.47 6.97 -64.88
CA THR C 121 -38.05 7.14 -63.50
C THR C 121 -37.23 8.42 -63.39
N ARG C 122 -37.93 9.52 -63.09
CA ARG C 122 -37.25 10.76 -62.75
C ARG C 122 -37.12 10.94 -61.25
N TYR C 123 -36.22 11.85 -60.86
CA TYR C 123 -35.76 11.99 -59.49
C TYR C 123 -35.99 13.39 -58.95
N LEU C 124 -36.48 13.47 -57.72
CA LEU C 124 -36.55 14.72 -56.97
C LEU C 124 -35.49 14.66 -55.89
N THR C 125 -34.68 15.71 -55.79
CA THR C 125 -33.59 15.74 -54.83
C THR C 125 -33.65 16.99 -53.98
N SER C 126 -33.37 16.83 -52.69
CA SER C 126 -33.44 17.93 -51.74
C SER C 126 -32.70 17.51 -50.48
N TYR C 127 -32.53 18.48 -49.58
CA TYR C 127 -31.83 18.26 -48.33
C TYR C 127 -32.20 19.37 -47.37
N ARG C 128 -32.05 19.10 -46.08
CA ARG C 128 -32.34 20.09 -45.05
C ARG C 128 -31.29 20.05 -43.95
N LYS C 129 -31.26 21.12 -43.17
CA LYS C 129 -30.36 21.27 -42.03
C LYS C 129 -31.19 20.95 -40.80
N LYS C 130 -30.86 19.85 -40.13
CA LYS C 130 -31.53 19.49 -38.89
C LYS C 130 -31.10 20.39 -37.73
N THR C 131 -32.08 20.75 -36.92
CA THR C 131 -31.93 21.59 -35.75
C THR C 131 -31.94 20.72 -34.48
N VAL C 132 -32.05 21.36 -33.32
CA VAL C 132 -32.02 20.65 -32.05
C VAL C 132 -33.20 20.98 -31.15
N LEU C 133 -33.88 22.11 -31.33
CA LEU C 133 -35.04 22.42 -30.51
C LEU C 133 -36.10 21.33 -30.60
N GLY C 134 -36.44 20.92 -31.83
CA GLY C 134 -37.28 19.76 -32.04
C GLY C 134 -38.68 19.87 -31.49
N ALA C 135 -39.27 21.06 -31.50
CA ALA C 135 -40.68 21.18 -31.15
C ALA C 135 -41.54 20.47 -32.19
N ASP C 136 -41.20 20.66 -33.47
CA ASP C 136 -41.82 19.96 -34.58
C ASP C 136 -40.86 20.02 -35.76
N SER C 137 -41.35 19.68 -36.95
CA SER C 137 -40.58 19.85 -38.17
C SER C 137 -40.67 21.27 -38.73
N GLN C 138 -41.14 22.22 -37.93
CA GLN C 138 -41.36 23.59 -38.36
C GLN C 138 -40.65 24.55 -37.41
N ARG C 139 -39.41 24.90 -37.75
CA ARG C 139 -38.62 25.91 -37.06
C ARG C 139 -37.95 26.82 -38.08
N ARG C 140 -38.66 27.09 -39.18
CA ARG C 140 -38.06 27.64 -40.39
C ARG C 140 -38.27 29.15 -40.50
N SER C 141 -37.59 29.92 -39.64
CA SER C 141 -37.52 31.33 -40.00
C SER C 141 -36.40 31.53 -41.02
N PRO C 142 -35.21 30.91 -40.87
CA PRO C 142 -34.23 30.96 -41.96
C PRO C 142 -34.58 29.99 -43.09
N SER C 143 -35.68 29.27 -42.91
CA SER C 143 -36.24 28.27 -43.80
C SER C 143 -35.24 27.14 -44.04
N THR C 144 -35.18 26.21 -43.09
CA THR C 144 -34.38 24.99 -43.16
C THR C 144 -35.07 23.88 -43.94
N GLY C 145 -36.06 24.21 -44.75
CA GLY C 145 -36.80 23.22 -45.49
C GLY C 145 -36.07 22.54 -46.63
N PRO C 146 -36.83 22.16 -47.65
CA PRO C 146 -36.27 21.47 -48.81
C PRO C 146 -35.61 22.46 -49.78
N TRP C 147 -34.35 22.21 -50.12
CA TRP C 147 -33.66 23.05 -51.07
C TRP C 147 -33.29 22.21 -52.29
N PRO C 148 -33.57 22.70 -53.50
CA PRO C 148 -33.31 21.91 -54.71
C PRO C 148 -31.82 21.69 -54.96
N CYS C 149 -31.51 20.52 -55.51
CA CYS C 149 -30.16 20.21 -55.97
C CYS C 149 -30.18 20.36 -57.47
N PRO C 150 -29.72 21.46 -58.06
CA PRO C 150 -29.98 21.60 -59.50
C PRO C 150 -29.04 20.67 -60.26
N GLN C 151 -29.60 19.99 -61.25
CA GLN C 151 -28.82 19.08 -62.10
C GLN C 151 -28.29 19.83 -63.32
N ASP C 152 -26.97 20.04 -63.39
CA ASP C 152 -26.54 21.07 -64.35
C ASP C 152 -26.94 20.69 -65.80
N PRO C 153 -26.37 19.71 -66.55
CA PRO C 153 -26.97 19.41 -67.86
C PRO C 153 -28.10 18.42 -67.63
N LEU C 154 -28.67 18.48 -66.43
CA LEU C 154 -29.87 17.75 -66.00
C LEU C 154 -29.63 16.25 -65.98
N GLY C 155 -28.36 15.88 -65.82
CA GLY C 155 -27.91 14.51 -65.56
C GLY C 155 -26.80 14.62 -64.54
N ALA C 156 -25.73 13.86 -64.76
CA ALA C 156 -24.60 13.68 -63.83
C ALA C 156 -24.94 12.97 -62.53
N ALA C 157 -26.21 12.71 -62.26
CA ALA C 157 -26.63 11.95 -61.08
C ALA C 157 -25.96 12.45 -59.79
N ARG C 158 -26.07 13.76 -59.51
CA ARG C 158 -25.39 14.27 -58.32
C ARG C 158 -25.98 15.59 -57.86
N CYS C 159 -26.23 15.72 -56.56
CA CYS C 159 -26.57 16.99 -55.97
C CYS C 159 -25.31 17.80 -55.70
N VAL C 160 -25.47 19.12 -55.69
CA VAL C 160 -24.35 20.02 -55.43
C VAL C 160 -24.81 20.89 -54.28
N VAL C 161 -23.94 21.12 -53.30
CA VAL C 161 -24.24 22.03 -52.21
C VAL C 161 -23.29 23.22 -52.23
N HIS C 162 -23.80 24.41 -52.45
CA HIS C 162 -22.89 25.55 -52.40
C HIS C 162 -23.08 26.18 -51.04
N GLY C 163 -22.02 26.78 -50.50
CA GLY C 163 -22.15 27.47 -49.23
C GLY C 163 -22.71 26.54 -48.16
N ALA C 164 -22.16 25.34 -48.01
CA ALA C 164 -22.64 24.44 -46.97
C ALA C 164 -22.03 24.79 -45.61
N GLU C 165 -22.81 24.55 -44.56
CA GLU C 165 -22.30 24.69 -43.20
C GLU C 165 -21.30 23.58 -42.88
N PHE C 166 -20.11 23.95 -42.42
CA PHE C 166 -19.05 22.95 -42.31
C PHE C 166 -19.34 21.93 -41.20
N TRP C 167 -19.83 22.41 -40.05
CA TRP C 167 -20.05 21.57 -38.88
C TRP C 167 -21.46 21.04 -38.70
N SER C 168 -22.45 21.61 -39.37
CA SER C 168 -23.80 21.13 -39.17
C SER C 168 -23.99 19.77 -39.82
N GLN C 169 -25.03 19.08 -39.40
CA GLN C 169 -25.34 17.77 -39.91
C GLN C 169 -26.55 17.92 -40.82
N TYR C 170 -26.52 17.22 -41.94
CA TYR C 170 -27.56 17.33 -42.95
C TYR C 170 -28.18 15.98 -43.22
N ARG C 171 -29.48 15.98 -43.46
CA ARG C 171 -30.21 14.78 -43.83
C ARG C 171 -30.68 15.05 -45.26
N ILE C 172 -30.12 14.32 -46.18
CA ILE C 172 -30.40 14.51 -47.60
C ILE C 172 -31.60 13.65 -47.95
N ASN C 173 -32.49 14.20 -48.76
CA ASN C 173 -33.75 13.53 -49.07
C ASN C 173 -33.74 13.39 -50.59
N VAL C 174 -33.45 12.17 -51.02
CA VAL C 174 -33.53 11.75 -52.42
C VAL C 174 -34.76 10.86 -52.56
N THR C 175 -35.68 11.26 -53.41
CA THR C 175 -36.95 10.58 -53.63
C THR C 175 -37.02 10.12 -55.08
N GLU C 176 -37.14 8.81 -55.28
CA GLU C 176 -37.37 8.30 -56.62
C GLU C 176 -38.88 8.32 -56.77
N VAL C 177 -39.35 8.83 -57.90
CA VAL C 177 -40.77 8.92 -58.18
C VAL C 177 -41.10 8.42 -59.57
N ASN C 178 -42.19 7.66 -59.67
CA ASN C 178 -42.77 7.29 -60.94
C ASN C 178 -44.26 7.66 -60.81
N PRO C 179 -45.11 7.44 -61.82
CA PRO C 179 -46.50 7.93 -61.71
C PRO C 179 -47.32 7.31 -60.58
N LEU C 180 -46.76 6.34 -59.86
CA LEU C 180 -47.52 5.64 -58.84
C LEU C 180 -47.03 5.78 -57.40
N GLY C 181 -45.92 6.46 -57.14
CA GLY C 181 -45.48 6.58 -55.76
C GLY C 181 -44.02 6.99 -55.62
N ALA C 182 -43.52 6.81 -54.40
CA ALA C 182 -42.21 7.29 -53.94
C ALA C 182 -41.60 6.24 -53.03
N SER C 183 -40.27 6.29 -52.90
CA SER C 183 -39.56 5.44 -51.95
C SER C 183 -38.33 6.16 -51.38
N THR C 184 -38.55 7.35 -50.85
CA THR C 184 -37.54 8.31 -50.38
C THR C 184 -36.36 7.66 -49.67
N ARG C 185 -35.16 7.95 -50.17
CA ARG C 185 -33.91 7.67 -49.46
C ARG C 185 -33.46 8.86 -48.63
N LEU C 186 -33.25 8.63 -47.34
CA LEU C 186 -32.70 9.63 -46.43
C LEU C 186 -31.31 9.20 -45.98
N LEU C 187 -30.34 10.11 -46.11
CA LEU C 187 -28.94 9.82 -45.82
C LEU C 187 -28.42 10.93 -44.93
N ASP C 188 -28.02 10.59 -43.71
CA ASP C 188 -27.38 11.57 -42.84
C ASP C 188 -25.93 11.79 -43.26
N VAL C 189 -25.52 13.06 -43.29
CA VAL C 189 -24.20 13.45 -43.76
C VAL C 189 -23.73 14.68 -42.98
N SER C 190 -22.55 14.59 -42.38
CA SER C 190 -21.90 15.76 -41.80
C SER C 190 -20.59 15.98 -42.54
N LEU C 191 -20.39 17.22 -43.01
CA LEU C 191 -19.18 17.57 -43.75
C LEU C 191 -17.91 17.20 -42.99
N GLN C 192 -17.92 17.32 -41.66
CA GLN C 192 -16.73 17.03 -40.88
C GLN C 192 -16.45 15.53 -40.78
N SER C 193 -17.49 14.70 -40.90
CA SER C 193 -17.28 13.25 -40.83
C SER C 193 -17.03 12.64 -42.20
N ILE C 194 -17.76 13.08 -43.22
CA ILE C 194 -17.70 12.46 -44.55
C ILE C 194 -16.48 12.87 -45.36
N LEU C 195 -15.77 13.93 -44.97
CA LEU C 195 -14.76 14.53 -45.84
C LEU C 195 -13.62 13.57 -46.12
N ARG C 196 -13.21 13.50 -47.39
CA ARG C 196 -12.03 12.76 -47.83
C ARG C 196 -11.31 13.45 -48.98
N PRO C 197 -10.11 13.99 -48.76
CA PRO C 197 -9.43 14.74 -49.83
C PRO C 197 -8.90 13.79 -50.89
N ASP C 198 -8.56 14.36 -52.06
CA ASP C 198 -7.91 13.54 -53.07
C ASP C 198 -6.45 13.29 -52.69
N PRO C 199 -5.82 12.24 -53.23
CA PRO C 199 -4.42 11.97 -52.89
C PRO C 199 -3.51 13.06 -53.42
N PRO C 200 -2.33 13.24 -52.81
CA PRO C 200 -1.34 14.15 -53.39
C PRO C 200 -0.93 13.71 -54.79
N GLN C 201 -0.43 14.67 -55.57
CA GLN C 201 -0.01 14.40 -56.94
C GLN C 201 1.50 14.60 -57.05
N GLY C 202 2.08 14.04 -58.10
CA GLY C 202 3.48 14.29 -58.38
C GLY C 202 4.45 13.74 -57.37
N LEU C 203 4.09 12.66 -56.67
CA LEU C 203 5.00 12.06 -55.72
C LEU C 203 6.29 11.66 -56.42
N ARG C 204 7.42 12.17 -55.94
CA ARG C 204 8.74 11.83 -56.45
C ARG C 204 9.65 11.42 -55.30
N VAL C 205 10.52 10.45 -55.57
CA VAL C 205 11.52 9.99 -54.63
C VAL C 205 12.90 10.18 -55.23
N GLU C 206 13.82 10.70 -54.43
CA GLU C 206 15.17 11.04 -54.87
C GLU C 206 16.16 10.49 -53.87
N SER C 207 17.31 10.06 -54.37
CA SER C 207 18.41 9.69 -53.49
C SER C 207 19.00 10.91 -52.79
N VAL C 208 19.63 10.65 -51.65
CA VAL C 208 20.35 11.65 -50.87
C VAL C 208 21.83 11.26 -50.83
N PRO C 209 22.66 11.88 -51.68
CA PRO C 209 24.08 11.54 -51.70
C PRO C 209 24.72 11.63 -50.31
N GLY C 210 25.69 10.75 -50.08
CA GLY C 210 26.34 10.58 -48.79
C GLY C 210 25.65 9.67 -47.80
N TYR C 211 24.36 9.36 -47.96
CA TYR C 211 23.63 8.56 -46.98
C TYR C 211 23.00 7.35 -47.66
N PRO C 212 23.60 6.16 -47.53
CA PRO C 212 23.14 5.00 -48.30
C PRO C 212 21.79 4.44 -47.88
N ARG C 213 21.15 4.98 -46.84
CA ARG C 213 19.90 4.40 -46.35
C ARG C 213 18.84 5.46 -46.09
N ARG C 214 18.96 6.63 -46.70
CA ARG C 214 17.98 7.69 -46.65
C ARG C 214 17.45 7.95 -48.05
N LEU C 215 16.13 8.16 -48.16
CA LEU C 215 15.54 8.70 -49.38
C LEU C 215 14.62 9.86 -49.06
N ARG C 216 14.55 10.80 -49.98
CA ARG C 216 13.69 11.98 -49.88
C ARG C 216 12.46 11.81 -50.78
N ALA C 217 11.29 11.86 -50.16
CA ALA C 217 10.02 11.87 -50.87
C ALA C 217 9.43 13.28 -50.85
N SER C 218 8.88 13.71 -51.98
CA SER C 218 8.20 14.99 -52.06
C SER C 218 6.88 14.81 -52.81
N TRP C 219 5.95 15.73 -52.55
CA TRP C 219 4.62 15.70 -53.13
C TRP C 219 3.99 17.07 -52.91
N THR C 220 2.82 17.27 -53.53
CA THR C 220 2.08 18.51 -53.37
C THR C 220 0.66 18.21 -52.88
N TYR C 221 -0.02 19.26 -52.44
CA TYR C 221 -1.45 19.20 -52.18
C TYR C 221 -2.22 18.74 -53.42
N PRO C 222 -3.41 18.16 -53.24
CA PRO C 222 -4.29 17.95 -54.38
C PRO C 222 -4.86 19.27 -54.86
N ALA C 223 -5.13 19.36 -56.16
CA ALA C 223 -5.61 20.63 -56.70
C ALA C 223 -7.00 20.99 -56.18
N SER C 224 -7.84 19.99 -55.90
CA SER C 224 -9.16 20.27 -55.35
C SER C 224 -9.12 20.75 -53.90
N TRP C 225 -7.95 20.77 -53.27
CA TRP C 225 -7.84 21.23 -51.90
C TRP C 225 -7.01 22.51 -51.85
N PRO C 226 -7.64 23.68 -51.68
CA PRO C 226 -6.83 24.92 -51.55
C PRO C 226 -6.08 24.98 -50.22
N SER C 227 -4.78 25.24 -50.33
CA SER C 227 -3.90 25.36 -49.16
C SER C 227 -4.37 26.53 -48.30
N GLN C 228 -4.69 26.27 -47.03
CA GLN C 228 -5.17 27.35 -46.19
C GLN C 228 -4.74 27.07 -44.76
N PRO C 229 -4.42 28.11 -43.98
CA PRO C 229 -3.84 27.92 -42.64
C PRO C 229 -4.80 27.33 -41.63
N HIS C 230 -6.09 27.28 -41.94
CA HIS C 230 -7.13 26.92 -40.98
C HIS C 230 -7.30 25.40 -40.94
N PHE C 231 -7.25 24.80 -42.11
CA PHE C 231 -7.31 23.35 -42.29
C PHE C 231 -6.06 22.90 -43.05
N LEU C 232 -5.04 22.47 -42.30
CA LEU C 232 -3.90 21.78 -42.88
C LEU C 232 -4.33 20.35 -43.23
N LEU C 233 -3.38 19.53 -43.68
CA LEU C 233 -3.61 18.09 -43.76
C LEU C 233 -2.48 17.33 -43.11
N LYS C 234 -2.81 16.24 -42.42
CA LYS C 234 -1.72 15.37 -42.04
C LYS C 234 -1.53 14.34 -43.15
N PHE C 235 -0.37 13.71 -43.15
CA PHE C 235 -0.03 12.77 -44.21
C PHE C 235 0.53 11.50 -43.59
N ARG C 236 0.40 10.41 -44.34
CA ARG C 236 0.90 9.12 -43.92
C ARG C 236 1.54 8.52 -45.15
N LEU C 237 2.82 8.22 -45.06
CA LEU C 237 3.60 7.73 -46.18
C LEU C 237 3.89 6.26 -45.92
N GLN C 238 3.85 5.48 -46.99
CA GLN C 238 4.18 4.06 -46.91
C GLN C 238 5.24 3.74 -47.93
N TYR C 239 6.12 2.82 -47.56
CA TYR C 239 7.22 2.39 -48.40
C TYR C 239 7.42 0.89 -48.21
N ARG C 240 7.91 0.25 -49.26
CA ARG C 240 8.03 -1.20 -49.26
C ARG C 240 9.08 -1.64 -50.26
N PRO C 241 10.04 -2.46 -49.86
CA PRO C 241 11.02 -2.97 -50.83
C PRO C 241 10.35 -3.97 -51.75
N ALA C 242 10.82 -4.01 -52.99
CA ALA C 242 10.30 -4.95 -53.98
C ALA C 242 10.31 -6.37 -53.44
N GLN C 243 9.25 -7.12 -53.76
CA GLN C 243 9.08 -8.52 -53.38
C GLN C 243 8.71 -8.66 -51.90
N HIS C 244 8.77 -7.54 -51.12
CA HIS C 244 8.35 -7.68 -49.73
C HIS C 244 6.85 -7.47 -49.61
N PRO C 245 6.19 -8.16 -48.67
CA PRO C 245 4.73 -8.15 -48.63
C PRO C 245 4.10 -7.07 -47.76
N ALA C 246 4.84 -6.53 -46.79
CA ALA C 246 4.28 -5.66 -45.77
C ALA C 246 4.75 -4.23 -45.96
N TRP C 247 3.82 -3.29 -45.90
CA TRP C 247 4.14 -1.87 -45.93
C TRP C 247 4.63 -1.37 -44.58
N SER C 248 5.52 -0.38 -44.63
CA SER C 248 5.92 0.40 -43.48
C SER C 248 5.29 1.78 -43.57
N THR C 249 4.84 2.33 -42.43
CA THR C 249 4.10 3.59 -42.43
C THR C 249 4.81 4.63 -41.57
N VAL C 250 4.92 5.84 -42.11
CA VAL C 250 5.36 7.01 -41.35
C VAL C 250 4.34 8.12 -41.59
N GLU C 251 4.36 9.14 -40.71
CA GLU C 251 3.41 10.25 -40.78
C GLU C 251 4.16 11.57 -40.96
N PRO C 252 4.52 11.92 -42.19
CA PRO C 252 5.39 13.09 -42.39
C PRO C 252 4.71 14.40 -42.02
N ALA C 253 5.50 15.31 -41.45
CA ALA C 253 5.14 16.72 -41.38
C ALA C 253 5.41 17.40 -42.71
N GLY C 254 4.42 18.13 -43.23
CA GLY C 254 4.65 18.88 -44.44
C GLY C 254 4.66 18.02 -45.69
N LEU C 255 5.22 18.60 -46.75
CA LEU C 255 5.16 18.03 -48.09
C LEU C 255 6.40 17.22 -48.44
N GLU C 256 7.18 16.83 -47.43
CA GLU C 256 8.45 16.13 -47.63
C GLU C 256 8.62 15.12 -46.51
N GLU C 257 9.40 14.08 -46.80
CA GLU C 257 9.68 13.05 -45.78
C GLU C 257 10.97 12.35 -46.14
N VAL C 258 11.92 12.33 -45.21
CA VAL C 258 13.14 11.56 -45.37
C VAL C 258 12.90 10.17 -44.77
N ILE C 259 12.91 9.15 -45.62
CA ILE C 259 12.85 7.76 -45.18
C ILE C 259 14.24 7.36 -44.71
N THR C 260 14.32 6.67 -43.57
CA THR C 260 15.62 6.37 -43.00
C THR C 260 15.95 4.88 -42.88
N ASP C 261 15.03 3.97 -43.16
CA ASP C 261 15.33 2.56 -43.06
C ASP C 261 15.16 1.85 -44.41
N ALA C 262 15.49 2.53 -45.50
CA ALA C 262 15.43 1.91 -46.80
C ALA C 262 16.55 0.89 -46.96
N VAL C 263 16.22 -0.29 -47.50
CA VAL C 263 17.22 -1.30 -47.74
C VAL C 263 18.13 -0.85 -48.86
N ALA C 264 19.45 -0.95 -48.66
CA ALA C 264 20.38 -0.43 -49.63
C ALA C 264 20.30 -1.22 -50.94
N GLY C 265 20.36 -0.49 -52.05
CA GLY C 265 20.45 -1.09 -53.37
C GLY C 265 19.19 -1.75 -53.92
N LEU C 266 18.02 -1.43 -53.37
CA LEU C 266 16.78 -2.11 -53.73
C LEU C 266 15.71 -1.09 -54.11
N PRO C 267 14.96 -1.35 -55.19
CA PRO C 267 13.79 -0.53 -55.48
C PRO C 267 12.78 -0.52 -54.34
N HIS C 268 12.21 0.65 -54.08
CA HIS C 268 11.20 0.83 -53.05
C HIS C 268 9.95 1.44 -53.68
N ALA C 269 8.79 0.88 -53.34
CA ALA C 269 7.51 1.46 -53.70
C ALA C 269 7.08 2.42 -52.60
N VAL C 270 6.44 3.53 -53.00
CA VAL C 270 5.97 4.52 -52.05
C VAL C 270 4.59 5.03 -52.44
N ARG C 271 3.71 5.13 -51.45
CA ARG C 271 2.37 5.68 -51.66
C ARG C 271 1.99 6.46 -50.39
N VAL C 272 1.13 7.46 -50.57
CA VAL C 272 0.71 8.33 -49.48
C VAL C 272 -0.77 8.65 -49.62
N SER C 273 -1.39 9.01 -48.50
CA SER C 273 -2.79 9.40 -48.48
C SER C 273 -2.93 10.62 -47.57
N ALA C 274 -4.06 11.31 -47.68
CA ALA C 274 -4.24 12.57 -46.98
C ALA C 274 -5.52 12.56 -46.16
N ARG C 275 -5.52 13.37 -45.10
CA ARG C 275 -6.69 13.61 -44.26
C ARG C 275 -6.56 15.00 -43.65
N ASP C 276 -7.70 15.61 -43.32
CA ASP C 276 -7.68 16.87 -42.61
C ASP C 276 -6.81 16.73 -41.36
N PHE C 277 -6.02 17.76 -41.07
CA PHE C 277 -5.03 17.71 -40.01
C PHE C 277 -5.66 17.56 -38.62
N LEU C 278 -6.93 17.90 -38.46
CA LEU C 278 -7.64 17.71 -37.20
C LEU C 278 -8.47 16.43 -37.18
N ASP C 279 -8.06 15.43 -37.96
CA ASP C 279 -8.69 14.11 -37.99
C ASP C 279 -10.17 14.19 -38.35
N ALA C 280 -10.54 15.18 -39.13
CA ALA C 280 -11.90 15.26 -39.65
C ALA C 280 -12.06 14.34 -40.84
N GLY C 281 -13.28 13.84 -41.03
CA GLY C 281 -13.56 12.96 -42.14
C GLY C 281 -12.74 11.69 -42.09
N THR C 282 -12.32 11.22 -43.26
CA THR C 282 -11.65 9.94 -43.39
C THR C 282 -10.44 10.09 -44.31
N TRP C 283 -9.55 9.11 -44.23
CA TRP C 283 -8.34 9.12 -45.04
C TRP C 283 -8.67 8.95 -46.52
N SER C 284 -7.87 9.59 -47.37
CA SER C 284 -8.00 9.48 -48.81
C SER C 284 -7.63 8.08 -49.31
N THR C 285 -7.92 7.83 -50.58
CA THR C 285 -7.39 6.66 -51.26
C THR C 285 -5.88 6.81 -51.44
N TRP C 286 -5.21 5.67 -51.58
CA TRP C 286 -3.76 5.68 -51.83
C TRP C 286 -3.42 6.28 -53.19
N SER C 287 -2.35 7.09 -53.20
CA SER C 287 -1.68 7.63 -54.38
C SER C 287 -1.22 6.54 -55.35
N PRO C 288 -0.95 6.89 -56.62
CA PRO C 288 -0.22 5.98 -57.51
C PRO C 288 1.14 5.61 -56.94
N GLU C 289 1.51 4.34 -57.09
CA GLU C 289 2.82 3.89 -56.60
C GLU C 289 3.94 4.64 -57.29
N ALA C 290 4.97 5.03 -56.52
CA ALA C 290 6.20 5.57 -57.07
C ALA C 290 7.42 4.78 -56.62
N TRP C 291 8.39 4.59 -57.51
CA TRP C 291 9.56 3.77 -57.24
C TRP C 291 10.81 4.64 -57.22
N GLY C 292 11.75 4.29 -56.34
CA GLY C 292 13.06 4.92 -56.33
C GLY C 292 14.11 3.97 -55.80
N THR C 293 15.38 4.32 -56.02
CA THR C 293 16.48 3.42 -55.65
C THR C 293 17.60 4.18 -54.93
N PRO C 294 17.98 3.74 -53.74
CA PRO C 294 19.03 4.45 -52.99
C PRO C 294 20.37 4.42 -53.70
N SER C 295 21.17 5.46 -53.46
CA SER C 295 22.48 5.54 -54.09
C SER C 295 23.41 4.48 -53.52
N THR C 296 24.47 4.18 -54.26
CA THR C 296 25.38 3.12 -53.89
C THR C 296 26.50 3.68 -53.00
N GLY C 297 27.23 2.78 -52.37
CA GLY C 297 28.38 3.15 -51.55
C GLY C 297 28.16 2.94 -50.07
N LEU D 3 -41.12 14.78 -28.71
CA LEU D 3 -39.89 14.36 -29.37
C LEU D 3 -38.72 14.38 -28.41
N LEU D 4 -38.59 15.49 -27.70
CA LEU D 4 -37.52 15.66 -26.73
C LEU D 4 -37.74 14.74 -25.54
N ASP D 5 -36.64 14.48 -24.82
CA ASP D 5 -36.42 13.59 -23.67
C ASP D 5 -36.58 12.14 -24.10
N PRO D 6 -35.86 11.19 -23.47
CA PRO D 6 -35.99 9.78 -23.88
C PRO D 6 -37.43 9.31 -23.84
N CYS D 7 -38.01 8.98 -24.99
CA CYS D 7 -39.38 8.52 -24.98
C CYS D 7 -39.46 7.01 -24.76
N GLY D 8 -40.45 6.65 -23.97
CA GLY D 8 -40.75 5.28 -23.57
C GLY D 8 -39.71 4.77 -22.59
N TYR D 9 -39.73 3.47 -22.35
CA TYR D 9 -38.79 2.85 -21.43
C TYR D 9 -38.60 1.37 -21.71
N ILE D 10 -37.56 0.78 -21.13
CA ILE D 10 -37.29 -0.64 -21.22
C ILE D 10 -37.53 -1.23 -19.85
N SER D 11 -38.15 -2.40 -19.80
CA SER D 11 -38.38 -3.01 -18.51
C SER D 11 -37.89 -4.44 -18.53
N PRO D 12 -37.26 -4.93 -17.46
CA PRO D 12 -36.93 -4.28 -16.18
C PRO D 12 -35.76 -3.30 -16.27
N GLU D 13 -35.78 -2.25 -15.43
CA GLU D 13 -34.81 -1.16 -15.43
C GLU D 13 -33.38 -1.64 -15.67
N SER D 14 -32.85 -2.49 -14.80
CA SER D 14 -31.47 -2.98 -14.94
C SER D 14 -31.40 -4.32 -14.24
N PRO D 15 -31.87 -5.38 -14.91
CA PRO D 15 -31.88 -6.71 -14.32
C PRO D 15 -30.52 -7.39 -14.28
N VAL D 16 -30.40 -8.30 -13.32
CA VAL D 16 -29.25 -9.19 -13.19
C VAL D 16 -29.83 -10.60 -13.13
N VAL D 17 -29.34 -11.49 -13.98
CA VAL D 17 -29.86 -12.85 -14.03
C VAL D 17 -28.72 -13.85 -13.93
N GLN D 18 -29.09 -15.09 -13.62
CA GLN D 18 -28.13 -16.18 -13.50
C GLN D 18 -27.85 -16.80 -14.86
N LEU D 19 -26.59 -17.16 -15.09
CA LEU D 19 -26.21 -17.80 -16.34
C LEU D 19 -27.06 -19.05 -16.57
N HIS D 20 -27.44 -19.28 -17.82
CA HIS D 20 -28.24 -20.43 -18.27
C HIS D 20 -29.71 -20.29 -17.90
N SER D 21 -30.13 -19.13 -17.41
CA SER D 21 -31.51 -18.86 -17.06
C SER D 21 -32.21 -18.19 -18.24
N ASN D 22 -33.47 -17.78 -18.05
CA ASN D 22 -34.19 -17.12 -19.12
C ASN D 22 -34.42 -15.67 -18.75
N PHE D 23 -34.43 -14.81 -19.77
CA PHE D 23 -34.66 -13.38 -19.58
C PHE D 23 -35.55 -12.84 -20.69
N THR D 24 -36.60 -12.12 -20.32
CA THR D 24 -37.51 -11.53 -21.29
C THR D 24 -37.39 -10.01 -21.16
N ALA D 25 -37.16 -9.34 -22.29
CA ALA D 25 -37.03 -7.89 -22.31
C ALA D 25 -38.22 -7.28 -23.06
N VAL D 26 -38.79 -6.21 -22.51
CA VAL D 26 -39.91 -5.53 -23.13
C VAL D 26 -39.60 -4.07 -23.41
N CYS D 27 -39.79 -3.66 -24.66
CA CYS D 27 -39.61 -2.27 -25.09
C CYS D 27 -40.99 -1.69 -25.31
N VAL D 28 -41.31 -0.57 -24.65
CA VAL D 28 -42.62 0.06 -24.83
C VAL D 28 -42.40 1.49 -25.29
N LEU D 29 -43.14 1.88 -26.33
CA LEU D 29 -43.06 3.21 -26.92
C LEU D 29 -44.12 4.14 -26.37
N LYS D 30 -43.73 5.38 -26.08
CA LYS D 30 -44.69 6.37 -25.61
C LYS D 30 -45.60 6.78 -26.77
N GLU D 31 -46.83 7.13 -26.42
CA GLU D 31 -47.82 7.52 -27.42
C GLU D 31 -47.32 8.64 -28.30
N LYS D 32 -46.70 9.67 -27.72
CA LYS D 32 -46.22 10.78 -28.54
C LYS D 32 -45.24 10.33 -29.63
N CYS D 33 -44.29 9.45 -29.29
CA CYS D 33 -43.37 8.98 -30.33
C CYS D 33 -44.08 8.15 -31.39
N MET D 34 -45.00 7.28 -30.95
CA MET D 34 -45.72 6.43 -31.89
C MET D 34 -46.54 7.25 -32.89
N ASP D 35 -47.19 8.32 -32.44
CA ASP D 35 -47.98 9.14 -33.36
C ASP D 35 -47.11 9.88 -34.38
N TYR D 36 -46.06 10.55 -33.91
CA TYR D 36 -45.13 11.34 -34.71
C TYR D 36 -44.48 10.58 -35.85
N PHE D 37 -43.92 9.39 -35.59
CA PHE D 37 -43.25 8.65 -36.65
C PHE D 37 -44.15 7.74 -37.45
N HIS D 38 -45.39 7.53 -37.00
CA HIS D 38 -46.33 6.67 -37.70
C HIS D 38 -45.76 5.25 -37.76
N VAL D 39 -45.40 4.73 -36.60
CA VAL D 39 -44.82 3.40 -36.46
C VAL D 39 -45.47 2.69 -35.29
N ASN D 40 -45.11 1.43 -35.09
CA ASN D 40 -45.61 0.65 -33.97
C ASN D 40 -44.61 -0.46 -33.67
N ALA D 41 -44.94 -1.28 -32.67
CA ALA D 41 -44.12 -2.39 -32.21
C ALA D 41 -43.48 -3.21 -33.34
N ASN D 42 -44.23 -3.46 -34.41
CA ASN D 42 -43.69 -4.24 -35.53
C ASN D 42 -42.47 -3.60 -36.17
N TYR D 43 -42.24 -2.31 -35.95
CA TYR D 43 -41.11 -1.61 -36.53
C TYR D 43 -39.90 -1.56 -35.60
N ILE D 44 -40.02 -2.11 -34.40
CA ILE D 44 -38.92 -2.12 -33.44
C ILE D 44 -37.90 -3.18 -33.82
N VAL D 45 -36.63 -2.79 -33.82
CA VAL D 45 -35.52 -3.70 -34.06
C VAL D 45 -34.61 -3.65 -32.83
N TRP D 46 -34.08 -4.80 -32.45
CA TRP D 46 -33.21 -4.93 -31.29
C TRP D 46 -31.78 -5.21 -31.70
N LYS D 47 -30.84 -4.55 -31.04
CA LYS D 47 -29.42 -4.74 -31.31
C LYS D 47 -28.69 -4.92 -29.98
N THR D 48 -27.62 -5.72 -30.00
CA THR D 48 -26.80 -5.87 -28.82
C THR D 48 -25.34 -5.85 -29.24
N ASN D 49 -24.54 -5.02 -28.57
CA ASN D 49 -23.11 -4.89 -28.83
C ASN D 49 -22.83 -4.83 -30.33
N HIS D 50 -23.55 -3.94 -31.02
CA HIS D 50 -23.39 -3.74 -32.46
C HIS D 50 -23.82 -4.94 -33.30
N PHE D 51 -24.43 -5.97 -32.70
CA PHE D 51 -24.87 -7.13 -33.48
C PHE D 51 -26.38 -7.14 -33.60
N THR D 52 -26.87 -7.24 -34.84
CA THR D 52 -28.29 -7.26 -35.15
C THR D 52 -28.98 -8.55 -34.68
N ILE D 53 -30.03 -8.41 -33.89
CA ILE D 53 -30.80 -9.59 -33.44
C ILE D 53 -31.66 -10.08 -34.60
N PRO D 54 -31.61 -11.37 -34.95
CA PRO D 54 -32.42 -11.87 -36.08
C PRO D 54 -33.92 -11.68 -35.89
N LYS D 55 -34.53 -11.02 -36.88
CA LYS D 55 -35.96 -10.72 -36.98
C LYS D 55 -36.90 -11.81 -36.49
N GLU D 56 -36.50 -13.07 -36.67
CA GLU D 56 -37.32 -14.21 -36.27
C GLU D 56 -37.48 -14.32 -34.75
N GLN D 57 -36.65 -13.62 -33.98
CA GLN D 57 -36.73 -13.68 -32.52
C GLN D 57 -37.63 -12.61 -31.89
N TYR D 58 -38.24 -11.72 -32.68
CA TYR D 58 -39.09 -10.73 -32.02
C TYR D 58 -40.47 -11.32 -31.74
N THR D 59 -41.14 -10.76 -30.74
CA THR D 59 -42.51 -11.12 -30.38
C THR D 59 -43.28 -9.85 -30.02
N ILE D 60 -44.27 -9.49 -30.82
CA ILE D 60 -45.09 -8.32 -30.55
C ILE D 60 -46.13 -8.66 -29.47
N ILE D 61 -45.98 -8.06 -28.28
CA ILE D 61 -46.92 -8.34 -27.20
C ILE D 61 -48.18 -7.48 -27.33
N ASN D 62 -48.04 -6.25 -27.82
CA ASN D 62 -49.18 -5.39 -28.06
C ASN D 62 -48.78 -4.39 -29.13
N ARG D 63 -49.75 -3.63 -29.63
CA ARG D 63 -49.39 -2.69 -30.69
C ARG D 63 -48.45 -1.60 -30.20
N THR D 64 -48.31 -1.43 -28.89
CA THR D 64 -47.46 -0.42 -28.29
C THR D 64 -46.09 -0.94 -27.87
N ALA D 65 -45.94 -2.24 -27.70
CA ALA D 65 -44.69 -2.80 -27.19
C ALA D 65 -44.30 -4.08 -27.91
N SER D 66 -42.99 -4.26 -28.07
CA SER D 66 -42.40 -5.44 -28.68
C SER D 66 -41.50 -6.09 -27.65
N SER D 67 -41.29 -7.40 -27.76
CA SER D 67 -40.43 -8.07 -26.80
C SER D 67 -39.67 -9.22 -27.45
N VAL D 68 -38.54 -9.54 -26.84
CA VAL D 68 -37.66 -10.64 -27.24
C VAL D 68 -37.37 -11.48 -26.01
N THR D 69 -37.11 -12.77 -26.23
CA THR D 69 -36.81 -13.70 -25.15
C THR D 69 -35.51 -14.43 -25.48
N PHE D 70 -34.53 -14.28 -24.60
CA PHE D 70 -33.25 -14.95 -24.72
C PHE D 70 -33.27 -16.21 -23.87
N THR D 71 -32.74 -17.30 -24.41
CA THR D 71 -32.70 -18.55 -23.66
C THR D 71 -31.25 -19.03 -23.55
N ASP D 72 -30.97 -19.69 -22.41
CA ASP D 72 -29.65 -20.23 -22.12
C ASP D 72 -28.58 -19.15 -22.26
N ILE D 73 -28.85 -17.98 -21.68
CA ILE D 73 -27.96 -16.83 -21.73
C ILE D 73 -26.53 -17.25 -21.40
N ALA D 74 -25.59 -16.96 -22.29
CA ALA D 74 -24.20 -17.33 -22.10
C ALA D 74 -23.22 -16.17 -22.16
N SER D 75 -23.67 -14.96 -22.47
CA SER D 75 -22.79 -13.79 -22.52
C SER D 75 -22.86 -13.04 -21.20
N LEU D 76 -21.69 -12.67 -20.69
CA LEU D 76 -21.56 -11.98 -19.42
C LEU D 76 -22.10 -10.54 -19.39
N ASN D 77 -22.11 -9.81 -20.50
CA ASN D 77 -22.54 -8.41 -20.41
C ASN D 77 -23.38 -7.92 -21.59
N ILE D 78 -24.49 -8.59 -21.90
CA ILE D 78 -25.33 -8.12 -23.01
C ILE D 78 -25.73 -6.67 -22.80
N GLN D 79 -25.40 -5.82 -23.77
CA GLN D 79 -25.79 -4.42 -23.78
C GLN D 79 -27.02 -4.36 -24.69
N LEU D 80 -28.18 -4.04 -24.14
CA LEU D 80 -29.41 -4.01 -24.93
C LEU D 80 -29.90 -2.60 -25.22
N THR D 81 -30.26 -2.36 -26.48
CA THR D 81 -30.76 -1.09 -26.98
C THR D 81 -32.04 -1.33 -27.78
N CYS D 82 -32.99 -0.41 -27.67
CA CYS D 82 -34.26 -0.49 -28.38
C CYS D 82 -34.33 0.64 -29.39
N ASN D 83 -34.61 0.32 -30.65
CA ASN D 83 -34.66 1.34 -31.69
C ASN D 83 -35.91 1.19 -32.56
N ILE D 84 -36.25 2.31 -33.19
CA ILE D 84 -37.35 2.45 -34.14
C ILE D 84 -36.77 2.73 -35.52
N LEU D 85 -37.42 2.19 -36.55
CA LEU D 85 -36.94 2.41 -37.91
C LEU D 85 -37.59 3.64 -38.56
N THR D 86 -38.27 4.44 -37.75
CA THR D 86 -38.97 5.68 -38.07
C THR D 86 -39.36 5.84 -39.54
N PHE D 87 -39.00 6.99 -40.11
CA PHE D 87 -39.28 7.35 -41.50
C PHE D 87 -38.93 6.24 -42.48
N GLY D 88 -38.31 5.17 -42.02
CA GLY D 88 -37.90 4.06 -42.86
C GLY D 88 -36.45 4.18 -43.25
N GLN D 89 -35.73 3.07 -43.10
CA GLN D 89 -34.30 2.98 -43.38
C GLN D 89 -33.50 3.97 -42.55
N LEU D 90 -33.93 4.16 -41.31
CA LEU D 90 -33.26 5.05 -40.37
C LEU D 90 -33.56 4.55 -38.97
N GLU D 91 -32.50 4.26 -38.22
CA GLU D 91 -32.61 3.77 -36.85
C GLU D 91 -32.32 4.90 -35.88
N GLN D 92 -33.20 5.06 -34.89
CA GLN D 92 -33.07 6.09 -33.86
C GLN D 92 -33.20 5.41 -32.51
N ASN D 93 -32.43 5.90 -31.54
CA ASN D 93 -32.42 5.28 -30.21
C ASN D 93 -33.61 5.72 -29.36
N VAL D 94 -34.32 4.73 -28.84
CA VAL D 94 -35.48 4.90 -27.98
C VAL D 94 -35.06 4.87 -26.52
N TYR D 95 -34.47 3.74 -26.13
CA TYR D 95 -34.02 3.49 -24.77
C TYR D 95 -32.92 2.44 -24.81
N GLY D 96 -32.33 2.17 -23.65
CA GLY D 96 -31.28 1.17 -23.56
C GLY D 96 -31.12 0.68 -22.14
N ILE D 97 -30.58 -0.54 -22.02
CA ILE D 97 -30.30 -1.14 -20.71
C ILE D 97 -29.08 -2.03 -20.85
N THR D 98 -28.44 -2.31 -19.72
CA THR D 98 -27.29 -3.21 -19.68
C THR D 98 -27.70 -4.46 -18.94
N ILE D 99 -27.49 -5.61 -19.56
CA ILE D 99 -27.81 -6.91 -18.97
C ILE D 99 -26.53 -7.52 -18.42
N ILE D 100 -26.52 -7.79 -17.12
CA ILE D 100 -25.36 -8.40 -16.48
C ILE D 100 -25.79 -9.80 -16.05
N SER D 101 -24.88 -10.76 -16.16
CA SER D 101 -25.19 -12.14 -15.81
C SER D 101 -24.06 -12.74 -14.99
N GLY D 102 -24.40 -13.82 -14.28
CA GLY D 102 -23.43 -14.50 -13.45
C GLY D 102 -24.08 -15.61 -12.65
N LEU D 103 -23.53 -15.84 -11.47
CA LEU D 103 -24.01 -16.86 -10.55
C LEU D 103 -24.06 -16.28 -9.16
N PRO D 104 -24.92 -16.81 -8.29
CA PRO D 104 -24.98 -16.29 -6.93
C PRO D 104 -23.76 -16.77 -6.15
N PRO D 105 -23.36 -16.06 -5.10
CA PRO D 105 -22.16 -16.49 -4.37
C PRO D 105 -22.41 -17.79 -3.62
N GLU D 106 -21.37 -18.61 -3.58
CA GLU D 106 -21.37 -19.88 -2.86
C GLU D 106 -21.11 -19.62 -1.37
N LYS D 107 -21.57 -20.54 -0.54
CA LYS D 107 -21.37 -20.38 0.90
C LYS D 107 -19.90 -20.51 1.21
N PRO D 108 -19.26 -19.45 1.73
CA PRO D 108 -17.82 -19.53 2.05
C PRO D 108 -17.52 -20.71 2.97
N LYS D 109 -16.44 -21.42 2.67
CA LYS D 109 -16.06 -22.57 3.46
C LYS D 109 -14.59 -22.47 3.84
N ASN D 110 -14.21 -23.29 4.80
CA ASN D 110 -12.84 -23.34 5.34
C ASN D 110 -12.47 -21.96 5.87
N LEU D 111 -13.42 -21.33 6.55
CA LEU D 111 -13.22 -20.02 7.14
C LEU D 111 -12.28 -20.15 8.33
N SER D 112 -11.23 -19.32 8.38
CA SER D 112 -10.33 -19.38 9.52
C SER D 112 -9.83 -17.98 9.85
N CYS D 113 -9.53 -17.78 11.14
CA CYS D 113 -9.06 -16.52 11.68
C CYS D 113 -7.76 -16.74 12.43
N ILE D 114 -7.04 -15.64 12.65
CA ILE D 114 -5.74 -15.66 13.34
C ILE D 114 -5.54 -14.31 14.00
N VAL D 115 -5.02 -14.32 15.21
CA VAL D 115 -4.73 -13.11 15.98
C VAL D 115 -3.22 -12.98 16.13
N ASN D 116 -2.56 -12.23 15.25
CA ASN D 116 -1.13 -12.02 15.40
C ASN D 116 -0.90 -11.05 16.56
N GLU D 117 -0.12 -11.46 17.56
CA GLU D 117 0.16 -10.60 18.71
C GLU D 117 0.52 -9.19 18.26
N GLY D 118 -0.14 -8.20 18.85
CA GLY D 118 0.12 -6.81 18.52
C GLY D 118 -0.69 -6.28 17.37
N LYS D 119 -1.39 -7.15 16.63
CA LYS D 119 -2.23 -6.79 15.51
C LYS D 119 -3.65 -7.24 15.81
N LYS D 120 -4.60 -6.71 15.04
CA LYS D 120 -5.98 -7.11 15.26
C LYS D 120 -6.29 -8.39 14.49
N MET D 121 -7.40 -9.03 14.88
CA MET D 121 -7.83 -10.28 14.28
C MET D 121 -7.94 -10.19 12.77
N ARG D 122 -7.50 -11.24 12.08
CA ARG D 122 -7.57 -11.32 10.63
C ARG D 122 -8.19 -12.66 10.30
N CYS D 123 -9.16 -12.67 9.39
CA CYS D 123 -9.83 -13.90 9.00
C CYS D 123 -9.70 -14.16 7.51
N GLU D 124 -9.61 -15.44 7.15
CA GLU D 124 -9.46 -15.88 5.78
C GLU D 124 -10.55 -16.89 5.46
N TRP D 125 -10.96 -16.93 4.19
CA TRP D 125 -11.98 -17.89 3.78
C TRP D 125 -11.77 -18.20 2.30
N ASP D 126 -12.31 -19.35 1.89
CA ASP D 126 -12.24 -19.80 0.50
C ASP D 126 -13.44 -19.30 -0.31
N GLY D 127 -13.16 -18.50 -1.34
CA GLY D 127 -14.21 -18.06 -2.23
C GLY D 127 -14.53 -19.15 -3.25
N GLY D 128 -15.76 -19.17 -3.73
CA GLY D 128 -16.07 -20.22 -4.68
C GLY D 128 -15.89 -19.84 -6.13
N ARG D 129 -16.81 -20.33 -7.00
CA ARG D 129 -16.73 -20.02 -8.42
C ARG D 129 -16.67 -18.52 -8.69
N GLU D 130 -15.89 -18.15 -9.70
CA GLU D 130 -15.81 -16.74 -10.08
C GLU D 130 -17.19 -16.25 -10.51
N THR D 131 -17.57 -15.05 -10.08
CA THR D 131 -18.89 -14.55 -10.43
C THR D 131 -18.87 -13.42 -11.45
N HIS D 132 -17.72 -12.80 -11.69
CA HIS D 132 -17.54 -11.70 -12.64
C HIS D 132 -18.28 -10.42 -12.24
N LEU D 133 -18.90 -10.37 -11.06
CA LEU D 133 -19.61 -9.20 -10.59
C LEU D 133 -18.97 -8.70 -9.30
N GLU D 134 -19.15 -7.41 -9.03
CA GLU D 134 -18.60 -6.83 -7.81
C GLU D 134 -19.32 -7.47 -6.62
N THR D 135 -18.60 -8.24 -5.82
CA THR D 135 -19.17 -8.93 -4.68
C THR D 135 -18.54 -8.41 -3.39
N ASN D 136 -19.39 -8.03 -2.45
CA ASN D 136 -18.93 -7.52 -1.17
C ASN D 136 -18.86 -8.66 -0.16
N PHE D 137 -17.83 -8.59 0.70
CA PHE D 137 -17.63 -9.56 1.75
C PHE D 137 -17.57 -8.76 3.04
N THR D 138 -18.38 -9.18 4.02
CA THR D 138 -18.47 -8.50 5.30
C THR D 138 -18.34 -9.53 6.41
N LEU D 139 -17.36 -9.33 7.28
CA LEU D 139 -17.17 -10.24 8.39
C LEU D 139 -18.11 -9.81 9.49
N LYS D 140 -18.96 -10.73 9.93
CA LYS D 140 -19.94 -10.46 10.96
C LYS D 140 -19.55 -11.17 12.25
N SER D 141 -19.77 -10.52 13.38
CA SER D 141 -19.46 -11.11 14.66
C SER D 141 -20.40 -10.53 15.70
N GLU D 142 -20.95 -11.39 16.56
CA GLU D 142 -21.88 -10.88 17.55
C GLU D 142 -22.02 -11.84 18.73
N TRP D 143 -22.24 -11.26 19.90
CA TRP D 143 -22.55 -12.06 21.08
C TRP D 143 -24.06 -12.24 21.10
N ALA D 144 -24.53 -13.14 21.97
CA ALA D 144 -25.97 -13.35 22.04
C ALA D 144 -26.70 -12.08 22.44
N THR D 145 -26.01 -11.10 23.02
CA THR D 145 -26.59 -9.86 23.48
C THR D 145 -25.93 -8.63 22.86
N HIS D 146 -25.20 -8.79 21.75
CA HIS D 146 -24.51 -7.65 21.15
C HIS D 146 -23.88 -7.90 19.78
N LYS D 147 -24.09 -6.98 18.85
CA LYS D 147 -23.55 -7.06 17.49
C LYS D 147 -22.31 -6.18 17.40
N PHE D 148 -21.24 -6.73 16.85
CA PHE D 148 -19.98 -5.99 16.68
C PHE D 148 -19.92 -5.28 15.34
N ALA D 149 -19.00 -4.31 15.26
CA ALA D 149 -18.80 -3.54 14.04
C ALA D 149 -18.51 -4.46 12.85
N ASP D 150 -19.17 -4.19 11.73
CA ASP D 150 -18.91 -4.95 10.51
C ASP D 150 -17.50 -4.73 9.99
N CYS D 151 -16.94 -5.77 9.40
CA CYS D 151 -15.61 -5.73 8.80
C CYS D 151 -15.80 -5.84 7.29
N LYS D 152 -15.45 -4.79 6.55
CA LYS D 152 -15.61 -4.79 5.10
C LYS D 152 -14.32 -5.21 4.42
N ALA D 153 -14.37 -6.29 3.65
CA ALA D 153 -13.19 -6.77 2.95
C ALA D 153 -12.66 -5.72 1.98
N LYS D 154 -11.35 -5.75 1.74
CA LYS D 154 -10.74 -4.81 0.81
C LYS D 154 -10.85 -5.32 -0.62
N ARG D 155 -10.96 -4.39 -1.57
CA ARG D 155 -11.04 -4.74 -2.99
C ARG D 155 -9.91 -5.68 -3.40
N ASP D 156 -8.69 -5.36 -2.97
CA ASP D 156 -7.51 -6.18 -3.31
C ASP D 156 -7.62 -7.58 -2.71
N THR D 157 -7.99 -7.66 -1.43
CA THR D 157 -8.11 -8.92 -0.71
C THR D 157 -9.57 -9.24 -0.39
N PRO D 158 -10.32 -9.75 -1.37
CA PRO D 158 -11.74 -10.07 -1.13
C PRO D 158 -11.95 -11.33 -0.30
N THR D 159 -10.91 -12.13 -0.08
CA THR D 159 -11.04 -13.36 0.68
C THR D 159 -10.51 -13.21 2.11
N SER D 160 -10.23 -12.00 2.54
CA SER D 160 -9.70 -11.74 3.87
C SER D 160 -10.22 -10.39 4.33
N CYS D 161 -10.39 -10.24 5.65
CA CYS D 161 -10.82 -8.98 6.24
C CYS D 161 -10.11 -8.83 7.57
N THR D 162 -9.87 -7.58 7.98
CA THR D 162 -9.21 -7.29 9.26
C THR D 162 -10.08 -6.32 10.04
N VAL D 163 -10.67 -6.82 11.13
CA VAL D 163 -11.56 -6.02 11.96
C VAL D 163 -10.87 -4.75 12.47
N ASP D 164 -11.69 -3.80 12.91
CA ASP D 164 -11.21 -2.52 13.40
C ASP D 164 -11.19 -2.42 14.92
N TYR D 165 -11.56 -3.48 15.63
CA TYR D 165 -11.57 -3.48 17.09
C TYR D 165 -10.46 -4.39 17.60
N SER D 166 -9.86 -4.02 18.72
CA SER D 166 -8.79 -4.83 19.27
C SER D 166 -9.32 -6.13 19.86
N THR D 167 -8.51 -7.17 19.75
CA THR D 167 -8.87 -8.49 20.24
C THR D 167 -9.02 -8.51 21.75
N VAL D 168 -10.05 -9.19 22.23
CA VAL D 168 -10.32 -9.36 23.66
C VAL D 168 -10.34 -10.85 23.96
N TYR D 169 -9.25 -11.33 24.57
CA TYR D 169 -9.08 -12.74 24.91
C TYR D 169 -9.98 -13.16 26.08
N PHE D 170 -10.20 -14.48 26.16
CA PHE D 170 -10.96 -15.16 27.21
C PHE D 170 -12.47 -14.97 27.15
N VAL D 171 -13.00 -14.48 26.03
CA VAL D 171 -14.43 -14.32 25.85
C VAL D 171 -14.79 -14.94 24.51
N ASN D 172 -15.77 -15.84 24.51
CA ASN D 172 -16.17 -16.46 23.26
C ASN D 172 -16.85 -15.45 22.36
N ILE D 173 -16.46 -15.45 21.09
CA ILE D 173 -17.02 -14.55 20.09
C ILE D 173 -17.53 -15.40 18.93
N GLU D 174 -18.71 -15.05 18.42
CA GLU D 174 -19.31 -15.80 17.32
C GLU D 174 -18.97 -15.04 16.05
N VAL D 175 -18.30 -15.71 15.10
CA VAL D 175 -17.88 -15.05 13.87
C VAL D 175 -18.30 -15.84 12.64
N TRP D 176 -18.61 -15.12 11.56
CA TRP D 176 -18.99 -15.69 10.27
C TRP D 176 -18.87 -14.60 9.23
N VAL D 177 -18.81 -15.00 7.96
CA VAL D 177 -18.69 -14.06 6.85
C VAL D 177 -19.95 -14.15 6.00
N GLU D 178 -20.41 -12.99 5.53
CA GLU D 178 -21.62 -12.86 4.72
C GLU D 178 -21.24 -12.39 3.32
N ALA D 179 -21.53 -13.21 2.31
CA ALA D 179 -21.25 -12.87 0.93
C ALA D 179 -22.56 -12.49 0.26
N GLU D 180 -22.57 -11.34 -0.41
CA GLU D 180 -23.77 -10.85 -1.06
C GLU D 180 -23.42 -10.05 -2.30
N ASN D 181 -24.20 -10.25 -3.36
CA ASN D 181 -24.05 -9.49 -4.59
C ASN D 181 -25.43 -9.33 -5.22
N ALA D 182 -25.49 -8.43 -6.21
CA ALA D 182 -26.72 -8.08 -6.92
C ALA D 182 -27.63 -9.26 -7.26
N LEU D 183 -27.05 -10.45 -7.44
CA LEU D 183 -27.81 -11.64 -7.81
C LEU D 183 -28.18 -12.54 -6.63
N GLY D 184 -27.71 -12.24 -5.42
CA GLY D 184 -28.07 -13.11 -4.31
C GLY D 184 -27.38 -12.83 -3.00
N LYS D 185 -27.98 -13.30 -1.89
CA LYS D 185 -27.41 -13.13 -0.56
C LYS D 185 -27.33 -14.50 0.10
N VAL D 186 -26.19 -14.77 0.75
CA VAL D 186 -26.00 -16.02 1.45
C VAL D 186 -24.99 -15.80 2.57
N THR D 187 -25.09 -16.60 3.62
CA THR D 187 -24.21 -16.51 4.77
C THR D 187 -23.45 -17.82 4.94
N SER D 188 -22.20 -17.73 5.38
CA SER D 188 -21.45 -18.96 5.61
C SER D 188 -21.93 -19.58 6.93
N ASP D 189 -21.43 -20.76 7.24
CA ASP D 189 -21.81 -21.35 8.52
C ASP D 189 -21.16 -20.56 9.66
N HIS D 190 -21.82 -20.56 10.81
CA HIS D 190 -21.28 -19.86 11.97
C HIS D 190 -20.29 -20.73 12.73
N ILE D 191 -19.19 -20.11 13.20
CA ILE D 191 -18.21 -20.78 14.03
C ILE D 191 -18.16 -20.08 15.38
N ASN D 192 -17.69 -20.80 16.39
CA ASN D 192 -17.63 -20.27 17.74
C ASN D 192 -16.28 -20.66 18.33
N PHE D 193 -15.58 -19.70 18.91
CA PHE D 193 -14.26 -19.96 19.47
C PHE D 193 -13.87 -18.82 20.38
N ASP D 194 -12.86 -19.09 21.21
CA ASP D 194 -12.27 -18.10 22.09
C ASP D 194 -11.05 -17.55 21.39
N PRO D 195 -10.97 -16.25 21.08
CA PRO D 195 -9.79 -15.72 20.38
C PRO D 195 -8.46 -16.17 20.94
N VAL D 196 -8.39 -16.50 22.24
CA VAL D 196 -7.14 -16.93 22.85
C VAL D 196 -6.58 -18.18 22.17
N TYR D 197 -7.43 -18.95 21.49
CA TYR D 197 -6.99 -20.16 20.80
C TYR D 197 -6.67 -19.93 19.34
N LYS D 198 -6.61 -18.68 18.89
CA LYS D 198 -6.30 -18.37 17.50
C LYS D 198 -5.18 -17.35 17.42
N VAL D 199 -4.33 -17.30 18.45
CA VAL D 199 -3.23 -16.35 18.50
C VAL D 199 -2.02 -16.91 17.76
N LYS D 200 -1.30 -16.04 17.06
CA LYS D 200 -0.08 -16.40 16.34
C LYS D 200 1.00 -15.48 16.89
N PRO D 201 1.68 -15.87 17.96
CA PRO D 201 2.72 -15.02 18.54
C PRO D 201 3.88 -14.79 17.59
N ASN D 202 4.65 -13.75 17.86
CA ASN D 202 5.84 -13.49 17.09
C ASN D 202 6.92 -14.47 17.55
N PRO D 203 7.96 -14.68 16.76
CA PRO D 203 9.00 -15.62 17.18
C PRO D 203 9.93 -14.98 18.19
N PRO D 204 10.58 -15.79 19.02
CA PRO D 204 11.52 -15.24 20.01
C PRO D 204 12.62 -14.41 19.36
N HIS D 205 13.04 -13.36 20.06
CA HIS D 205 14.09 -12.49 19.54
C HIS D 205 15.17 -12.35 20.60
N ASN D 206 16.24 -11.64 20.23
CA ASN D 206 17.39 -11.41 21.11
C ASN D 206 18.05 -12.75 21.43
N LEU D 207 18.09 -13.65 20.44
CA LEU D 207 18.67 -14.97 20.63
C LEU D 207 20.19 -14.88 20.74
N SER D 208 20.74 -15.48 21.78
CA SER D 208 22.18 -15.47 21.99
C SER D 208 22.65 -16.88 22.35
N VAL D 209 23.79 -17.27 21.80
CA VAL D 209 24.40 -18.57 22.08
C VAL D 209 25.66 -18.33 22.90
N ILE D 210 25.73 -18.94 24.07
CA ILE D 210 26.87 -18.75 24.95
C ILE D 210 27.38 -20.13 25.37
N ASN D 211 28.69 -20.30 25.33
CA ASN D 211 29.33 -21.53 25.75
C ASN D 211 29.45 -21.59 27.27
N SER D 212 30.19 -22.58 27.76
CA SER D 212 30.43 -22.83 29.16
C SER D 212 31.83 -23.41 29.19
N GLU D 213 32.75 -22.74 29.89
CA GLU D 213 34.10 -23.29 29.88
C GLU D 213 34.32 -24.55 30.72
N GLU D 214 33.28 -25.38 30.91
CA GLU D 214 33.46 -26.60 31.69
C GLU D 214 33.81 -27.78 30.78
N LEU D 215 32.84 -28.25 30.01
CA LEU D 215 32.93 -29.34 29.05
C LEU D 215 32.74 -28.79 27.65
N SER D 216 32.90 -29.68 26.67
CA SER D 216 32.81 -29.34 25.26
C SER D 216 31.52 -29.79 24.58
N SER D 217 30.57 -30.41 25.28
CA SER D 217 29.36 -30.88 24.61
C SER D 217 28.10 -30.14 25.05
N ILE D 218 28.23 -28.93 25.60
CA ILE D 218 27.10 -28.13 26.07
C ILE D 218 27.25 -26.67 25.62
N LEU D 219 26.14 -26.11 25.14
CA LEU D 219 25.98 -24.73 24.71
C LEU D 219 24.70 -24.23 25.35
N LYS D 220 24.71 -23.02 25.89
CA LYS D 220 23.53 -22.46 26.55
C LYS D 220 22.84 -21.44 25.65
N LEU D 221 21.55 -21.65 25.42
CA LEU D 221 20.71 -20.79 24.60
C LEU D 221 19.94 -19.82 25.47
N THR D 222 19.94 -18.55 25.09
CA THR D 222 19.17 -17.53 25.78
C THR D 222 18.40 -16.72 24.74
N TRP D 223 17.26 -16.19 25.15
CA TRP D 223 16.39 -15.43 24.26
C TRP D 223 15.37 -14.68 25.09
N THR D 224 14.65 -13.76 24.43
CA THR D 224 13.61 -12.98 25.06
C THR D 224 12.28 -13.48 24.52
N ASN D 225 11.40 -13.94 25.42
CA ASN D 225 10.09 -14.42 25.01
C ASN D 225 9.21 -13.27 24.51
N PRO D 226 8.21 -13.58 23.69
CA PRO D 226 7.30 -12.54 23.21
C PRO D 226 6.34 -12.10 24.30
N SER D 227 5.96 -10.81 24.23
CA SER D 227 5.05 -10.24 25.23
C SER D 227 3.81 -11.09 25.47
N ILE D 228 3.35 -11.83 24.45
CA ILE D 228 2.15 -12.65 24.56
C ILE D 228 2.23 -13.68 25.68
N LYS D 229 3.38 -13.83 26.34
CA LYS D 229 3.49 -14.79 27.43
C LYS D 229 2.61 -14.44 28.62
N SER D 230 2.12 -13.20 28.68
CA SER D 230 1.25 -12.77 29.77
C SER D 230 -0.15 -13.36 29.69
N VAL D 231 -0.55 -13.88 28.53
CA VAL D 231 -1.89 -14.43 28.35
C VAL D 231 -1.85 -15.95 28.18
N ILE D 232 -0.86 -16.48 27.49
CA ILE D 232 -0.76 -17.92 27.25
C ILE D 232 0.61 -18.41 27.70
N ILE D 233 0.68 -19.70 27.97
CA ILE D 233 1.94 -20.35 28.34
C ILE D 233 2.58 -20.86 27.04
N LEU D 234 3.85 -20.52 26.85
CA LEU D 234 4.54 -20.88 25.62
C LEU D 234 5.20 -22.25 25.66
N LYS D 235 5.31 -22.85 24.47
CA LYS D 235 5.93 -24.14 24.21
C LYS D 235 6.93 -23.87 23.09
N TYR D 236 8.00 -24.66 23.00
CA TYR D 236 8.98 -24.38 21.96
C TYR D 236 9.41 -25.62 21.19
N ASN D 237 10.07 -25.36 20.06
CA ASN D 237 10.66 -26.36 19.18
C ASN D 237 12.08 -25.89 18.87
N ILE D 238 13.09 -26.63 19.35
CA ILE D 238 14.48 -26.29 19.12
C ILE D 238 15.07 -27.26 18.11
N GLN D 239 15.60 -26.71 17.02
CA GLN D 239 16.24 -27.48 15.96
C GLN D 239 17.72 -27.13 15.90
N TYR D 240 18.54 -28.11 15.52
CA TYR D 240 19.98 -27.87 15.45
C TYR D 240 20.65 -28.81 14.45
N ARG D 241 21.76 -28.33 13.90
CA ARG D 241 22.54 -29.08 12.92
C ARG D 241 23.95 -28.49 12.91
N THR D 242 24.88 -29.23 12.29
CA THR D 242 26.24 -28.75 12.18
C THR D 242 26.31 -27.72 11.06
N LYS D 243 27.28 -26.79 11.17
CA LYS D 243 27.44 -25.75 10.17
C LYS D 243 27.47 -26.28 8.74
N ASP D 244 27.82 -27.55 8.54
CA ASP D 244 27.89 -28.10 7.20
C ASP D 244 26.75 -29.06 6.88
N ALA D 245 26.01 -29.52 7.90
CA ALA D 245 24.88 -30.41 7.66
C ALA D 245 23.85 -29.74 6.75
N SER D 246 23.08 -30.55 6.04
CA SER D 246 22.06 -30.03 5.13
C SER D 246 20.66 -30.02 5.73
N THR D 247 20.38 -30.88 6.71
CA THR D 247 19.06 -30.94 7.33
C THR D 247 19.13 -30.67 8.83
N TRP D 248 17.98 -30.27 9.37
CA TRP D 248 17.80 -29.98 10.78
C TRP D 248 17.32 -31.19 11.58
N SER D 249 17.76 -31.26 12.83
CA SER D 249 17.32 -32.27 13.78
C SER D 249 16.38 -31.56 14.74
N GLN D 250 15.77 -32.32 15.66
CA GLN D 250 14.85 -31.62 16.55
C GLN D 250 14.81 -32.27 17.94
N ILE D 251 14.75 -31.42 18.95
CA ILE D 251 14.65 -31.81 20.36
C ILE D 251 13.27 -32.42 20.56
N PRO D 252 13.10 -33.43 21.41
CA PRO D 252 11.77 -34.00 21.62
C PRO D 252 10.81 -32.96 22.18
N PRO D 253 9.69 -32.70 21.48
CA PRO D 253 8.71 -31.69 21.94
C PRO D 253 8.39 -31.75 23.42
N GLU D 254 8.29 -32.97 23.97
CA GLU D 254 7.98 -33.14 25.39
C GLU D 254 8.99 -32.44 26.27
N ASP D 255 10.24 -32.33 25.83
CA ASP D 255 11.29 -31.70 26.62
C ASP D 255 11.19 -30.18 26.63
N THR D 256 10.47 -29.59 25.68
CA THR D 256 10.28 -28.14 25.59
C THR D 256 8.80 -27.82 25.56
N ALA D 257 8.02 -28.45 26.44
CA ALA D 257 6.57 -28.30 26.47
C ALA D 257 6.07 -27.20 27.41
N SER D 258 6.94 -26.37 27.98
CA SER D 258 6.42 -25.32 28.85
C SER D 258 7.32 -24.10 28.84
N THR D 259 6.70 -22.96 29.16
CA THR D 259 7.33 -21.63 29.18
C THR D 259 8.71 -21.65 29.81
N ARG D 260 9.66 -21.01 29.14
CA ARG D 260 11.04 -20.90 29.61
C ARG D 260 11.73 -19.84 28.77
N SER D 261 12.86 -19.35 29.28
CA SER D 261 13.62 -18.31 28.59
C SER D 261 15.06 -18.71 28.34
N SER D 262 15.37 -20.00 28.48
CA SER D 262 16.72 -20.51 28.27
C SER D 262 16.63 -22.02 28.08
N PHE D 263 17.70 -22.59 27.52
CA PHE D 263 17.75 -24.02 27.30
C PHE D 263 19.19 -24.46 27.07
N THR D 264 19.56 -25.57 27.69
CA THR D 264 20.89 -26.15 27.59
C THR D 264 20.87 -27.36 26.66
N VAL D 265 21.56 -27.25 25.53
CA VAL D 265 21.65 -28.33 24.55
C VAL D 265 22.85 -29.20 24.91
N GLN D 266 22.64 -30.52 24.93
CA GLN D 266 23.66 -31.48 25.27
C GLN D 266 23.95 -32.38 24.06
N ASP D 267 24.92 -33.27 24.21
CA ASP D 267 25.32 -34.22 23.16
C ASP D 267 25.77 -33.54 21.87
N LEU D 268 26.50 -32.42 21.97
CA LEU D 268 27.00 -31.75 20.78
C LEU D 268 28.41 -32.23 20.45
N LYS D 269 28.71 -32.26 19.15
CA LYS D 269 30.04 -32.71 18.73
C LYS D 269 31.10 -31.66 19.10
N PRO D 270 32.30 -32.10 19.48
CA PRO D 270 33.34 -31.14 19.84
C PRO D 270 33.75 -30.26 18.67
N PHE D 271 34.20 -29.05 19.01
CA PHE D 271 34.64 -28.02 18.06
C PHE D 271 33.84 -27.93 16.77
N THR D 272 32.53 -27.97 16.89
CA THR D 272 31.69 -27.85 15.72
C THR D 272 30.87 -26.59 15.91
N GLU D 273 30.65 -25.84 14.83
CA GLU D 273 29.87 -24.63 14.95
C GLU D 273 28.41 -24.98 14.65
N TYR D 274 27.50 -24.52 15.51
CA TYR D 274 26.09 -24.81 15.35
C TYR D 274 25.27 -23.53 15.23
N VAL D 275 24.23 -23.61 14.42
CA VAL D 275 23.29 -22.53 14.18
C VAL D 275 21.97 -22.99 14.75
N PHE D 276 21.27 -22.10 15.46
CA PHE D 276 20.01 -22.47 16.07
C PHE D 276 18.90 -21.53 15.62
N ARG D 277 17.68 -22.06 15.64
CA ARG D 277 16.47 -21.33 15.31
C ARG D 277 15.34 -21.96 16.10
N ILE D 278 14.41 -21.13 16.58
CA ILE D 278 13.31 -21.56 17.44
C ILE D 278 11.99 -20.88 17.08
N ARG D 279 10.90 -21.53 17.47
CA ARG D 279 9.54 -21.06 17.28
C ARG D 279 8.75 -21.47 18.51
N CYS D 280 7.64 -20.77 18.77
CA CYS D 280 6.87 -21.09 19.95
C CYS D 280 5.37 -20.97 19.73
N MET D 281 4.62 -21.62 20.62
CA MET D 281 3.16 -21.55 20.58
C MET D 281 2.57 -22.03 21.90
N LYS D 282 1.27 -21.82 22.05
CA LYS D 282 0.50 -22.25 23.21
C LYS D 282 0.69 -23.75 23.44
N GLU D 283 0.85 -24.15 24.70
CA GLU D 283 1.07 -25.55 25.03
C GLU D 283 0.04 -26.52 24.45
N ASP D 284 -1.23 -26.11 24.31
CA ASP D 284 -2.19 -27.07 23.78
C ASP D 284 -2.26 -27.23 22.26
N GLY D 285 -1.40 -26.61 21.45
CA GLY D 285 -1.57 -26.91 20.04
C GLY D 285 -2.76 -26.33 19.29
N LYS D 286 -3.57 -25.46 19.89
CA LYS D 286 -4.74 -24.91 19.19
C LYS D 286 -4.42 -23.56 18.55
N GLY D 287 -4.23 -23.58 17.23
CA GLY D 287 -3.91 -22.41 16.44
C GLY D 287 -2.92 -22.77 15.34
N TYR D 288 -2.17 -21.77 14.88
CA TYR D 288 -1.17 -21.91 13.83
C TYR D 288 0.20 -21.52 14.36
N TRP D 289 1.20 -22.29 13.93
CA TRP D 289 2.60 -22.08 14.29
C TRP D 289 3.17 -20.77 13.77
N SER D 290 3.96 -20.11 14.63
CA SER D 290 4.62 -18.86 14.30
C SER D 290 5.80 -19.11 13.36
N ASP D 291 6.38 -18.02 12.86
CA ASP D 291 7.55 -18.13 11.99
C ASP D 291 8.79 -18.48 12.81
N TRP D 292 9.86 -18.85 12.10
CA TRP D 292 11.13 -19.17 12.74
C TRP D 292 11.83 -17.93 13.26
N SER D 293 12.46 -18.05 14.43
CA SER D 293 13.22 -16.94 14.99
C SER D 293 14.47 -16.66 14.14
N GLU D 294 15.22 -15.65 14.53
CA GLU D 294 16.48 -15.34 13.87
C GLU D 294 17.51 -16.42 14.19
N GLU D 295 18.40 -16.69 13.24
CA GLU D 295 19.43 -17.69 13.49
C GLU D 295 20.48 -17.18 14.46
N ALA D 296 21.07 -18.10 15.21
CA ALA D 296 22.11 -17.81 16.21
C ALA D 296 23.26 -18.80 16.04
N SER D 297 24.49 -18.32 16.20
CA SER D 297 25.68 -19.15 16.04
C SER D 297 26.47 -19.23 17.35
N GLY D 298 27.21 -20.34 17.50
CA GLY D 298 28.02 -20.56 18.67
C GLY D 298 29.12 -21.58 18.43
N ILE D 299 30.11 -21.58 19.31
CA ILE D 299 31.25 -22.49 19.23
C ILE D 299 31.48 -23.15 20.59
N THR D 300 31.73 -24.45 20.58
CA THR D 300 31.99 -25.22 21.79
C THR D 300 33.40 -24.97 22.35
N TYR D 301 33.57 -25.31 23.62
CA TYR D 301 34.82 -25.16 24.34
C TYR D 301 35.84 -26.22 23.90
N GLU D 302 37.09 -26.00 24.32
CA GLU D 302 38.19 -26.92 24.05
C GLU D 302 38.13 -28.22 24.85
N ASP D 303 38.75 -29.24 24.27
CA ASP D 303 38.85 -30.61 24.78
C ASP D 303 40.01 -31.24 24.02
N ARG D 304 40.46 -32.43 24.44
CA ARG D 304 41.75 -32.87 23.95
C ARG D 304 41.63 -34.09 23.01
N PRO D 305 42.70 -34.43 22.27
CA PRO D 305 42.64 -35.58 21.36
C PRO D 305 42.34 -36.91 22.04
N SER D 306 41.57 -37.76 21.35
CA SER D 306 41.00 -38.94 21.98
C SER D 306 41.90 -40.17 21.82
N LYS D 307 42.91 -40.08 20.96
CA LYS D 307 43.89 -41.14 20.73
C LYS D 307 45.18 -40.49 20.23
N ALA D 308 46.27 -41.23 20.29
CA ALA D 308 47.52 -40.70 19.76
C ALA D 308 47.51 -40.68 18.23
N PRO D 309 48.17 -39.70 17.63
CA PRO D 309 48.28 -39.65 16.16
C PRO D 309 49.12 -40.81 15.60
N SER D 310 48.88 -41.11 14.33
CA SER D 310 49.79 -41.98 13.60
C SER D 310 51.15 -41.30 13.47
N PHE D 311 52.21 -42.10 13.56
CA PHE D 311 53.55 -41.57 13.77
C PHE D 311 54.54 -42.50 13.09
N TRP D 312 55.40 -41.95 12.23
CA TRP D 312 56.41 -42.75 11.55
C TRP D 312 57.62 -41.86 11.25
N TYR D 313 58.61 -42.41 10.55
CA TYR D 313 59.83 -41.65 10.30
C TYR D 313 60.54 -42.16 9.05
N LYS D 314 61.49 -41.35 8.58
CA LYS D 314 62.41 -41.69 7.51
C LYS D 314 63.82 -41.34 7.97
N ILE D 315 64.79 -42.14 7.52
CA ILE D 315 66.17 -42.02 7.99
C ILE D 315 67.13 -42.02 6.81
N ASP D 316 68.15 -41.17 6.87
CA ASP D 316 69.14 -41.01 5.82
C ASP D 316 70.49 -40.74 6.47
N PRO D 317 71.59 -40.97 5.74
CA PRO D 317 72.91 -40.67 6.29
C PRO D 317 73.10 -39.16 6.52
N SER D 318 73.75 -38.83 7.63
CA SER D 318 74.01 -37.42 7.92
C SER D 318 75.29 -36.96 7.22
N HIS D 319 75.42 -35.63 7.10
CA HIS D 319 76.67 -35.05 6.62
C HIS D 319 77.76 -35.00 7.69
N THR D 320 77.44 -35.31 8.94
CA THR D 320 78.42 -35.30 10.02
C THR D 320 78.81 -36.73 10.36
N GLN D 321 80.10 -37.04 10.23
CA GLN D 321 80.58 -38.40 10.47
C GLN D 321 80.16 -38.90 11.85
N GLY D 322 79.57 -40.09 11.88
CA GLY D 322 79.15 -40.70 13.12
C GLY D 322 77.72 -40.44 13.52
N TYR D 323 76.99 -39.62 12.77
CA TYR D 323 75.62 -39.25 13.09
C TYR D 323 74.69 -39.72 11.99
N ARG D 324 73.41 -39.82 12.32
CA ARG D 324 72.37 -40.18 11.36
C ARG D 324 71.29 -39.10 11.37
N THR D 325 70.86 -38.67 10.19
CA THR D 325 69.76 -37.73 10.05
C THR D 325 68.43 -38.48 9.99
N VAL D 326 67.57 -38.27 10.98
CA VAL D 326 66.28 -38.96 11.05
C VAL D 326 65.21 -37.91 10.83
N GLN D 327 64.38 -38.12 9.80
CA GLN D 327 63.24 -37.24 9.50
C GLN D 327 61.97 -37.83 10.09
N LEU D 328 61.51 -37.26 11.20
CA LEU D 328 60.23 -37.68 11.75
C LEU D 328 59.10 -36.94 11.03
N VAL D 329 58.07 -37.68 10.66
CA VAL D 329 56.92 -37.12 9.96
C VAL D 329 55.66 -37.70 10.58
N TRP D 330 54.59 -36.90 10.55
CA TRP D 330 53.29 -37.34 11.03
C TRP D 330 52.21 -36.63 10.23
N LYS D 331 50.97 -37.08 10.42
CA LYS D 331 49.81 -36.56 9.71
C LYS D 331 48.92 -35.76 10.65
N THR D 332 48.40 -34.64 10.15
CA THR D 332 47.42 -33.86 10.86
C THR D 332 46.22 -34.74 11.21
N LEU D 333 45.85 -34.75 12.50
CA LEU D 333 44.70 -35.50 12.97
C LEU D 333 43.44 -35.10 12.19
N PRO D 334 42.52 -36.02 11.96
CA PRO D 334 41.24 -35.64 11.38
C PRO D 334 40.50 -34.70 12.31
N PRO D 335 39.68 -33.79 11.78
CA PRO D 335 39.00 -32.81 12.64
C PRO D 335 38.24 -33.45 13.80
N PHE D 336 37.55 -34.58 13.56
CA PHE D 336 36.78 -35.19 14.63
C PHE D 336 37.68 -35.80 15.70
N GLU D 337 38.93 -36.09 15.34
CA GLU D 337 39.93 -36.60 16.27
C GLU D 337 40.81 -35.52 16.87
N ALA D 338 41.00 -34.42 16.14
CA ALA D 338 41.84 -33.34 16.63
C ALA D 338 41.22 -32.69 17.85
N ASN D 339 39.89 -32.59 17.87
CA ASN D 339 39.13 -32.02 18.98
C ASN D 339 39.49 -30.56 19.23
N GLY D 340 39.80 -29.83 18.15
CA GLY D 340 40.14 -28.43 18.28
C GLY D 340 41.32 -27.89 17.52
N LYS D 341 41.59 -26.61 17.71
CA LYS D 341 42.71 -25.95 17.06
C LYS D 341 43.99 -26.56 17.59
N ILE D 342 44.84 -27.04 16.69
CA ILE D 342 46.16 -27.49 17.12
C ILE D 342 47.01 -26.29 17.49
N LEU D 343 47.47 -26.27 18.74
CA LEU D 343 48.30 -25.17 19.22
C LEU D 343 49.76 -25.39 18.87
N ASP D 344 50.28 -26.58 19.17
CA ASP D 344 51.66 -26.96 18.86
C ASP D 344 51.82 -28.46 19.13
N TYR D 345 53.02 -28.96 18.88
CA TYR D 345 53.39 -30.34 19.10
C TYR D 345 54.55 -30.43 20.07
N GLU D 346 54.69 -31.59 20.72
CA GLU D 346 55.88 -31.86 21.53
C GLU D 346 56.46 -33.21 21.14
N VAL D 347 57.75 -33.23 20.82
CA VAL D 347 58.49 -34.44 20.54
C VAL D 347 59.44 -34.71 21.71
N THR D 348 59.52 -35.97 22.14
CA THR D 348 60.57 -36.40 23.06
C THR D 348 61.44 -37.50 22.47
N LEU D 349 62.69 -37.53 22.92
CA LEU D 349 63.70 -38.49 22.48
C LEU D 349 64.45 -38.96 23.71
N THR D 350 64.49 -40.27 23.94
CA THR D 350 65.18 -40.83 25.10
C THR D 350 66.12 -41.94 24.67
N ARG D 351 67.41 -41.78 24.94
CA ARG D 351 68.36 -42.84 24.66
C ARG D 351 68.33 -43.83 25.81
N TRP D 352 68.49 -45.11 25.50
CA TRP D 352 68.50 -46.15 26.51
C TRP D 352 69.38 -45.76 27.69
N LYS D 353 68.75 -45.63 28.87
CA LYS D 353 69.45 -45.32 30.11
C LYS D 353 70.08 -43.93 30.10
N SER D 354 69.50 -42.98 29.36
CA SER D 354 70.03 -41.61 29.32
C SER D 354 68.90 -40.62 29.63
N HIS D 355 69.26 -39.34 29.68
CA HIS D 355 68.33 -38.28 30.05
C HIS D 355 67.45 -37.89 28.87
N LEU D 356 66.15 -37.72 29.14
CA LEU D 356 65.21 -37.35 28.10
C LEU D 356 65.46 -35.93 27.57
N GLN D 357 65.36 -35.79 26.26
CA GLN D 357 65.34 -34.50 25.56
C GLN D 357 63.94 -34.26 25.00
N ASN D 358 63.47 -33.02 25.10
CA ASN D 358 62.17 -32.66 24.54
C ASN D 358 62.33 -31.47 23.59
N TYR D 359 61.54 -31.47 22.52
CA TYR D 359 61.54 -30.41 21.52
C TYR D 359 60.11 -30.05 21.16
N THR D 360 59.75 -28.79 21.30
CA THR D 360 58.48 -28.28 20.79
C THR D 360 58.61 -27.87 19.33
N VAL D 361 57.68 -28.34 18.51
CA VAL D 361 57.74 -28.18 17.06
C VAL D 361 56.38 -27.69 16.56
N ASN D 362 56.39 -26.69 15.69
CA ASN D 362 55.17 -26.16 15.09
C ASN D 362 55.21 -26.42 13.59
N ALA D 363 55.06 -27.70 13.22
CA ALA D 363 55.21 -28.19 11.86
C ALA D 363 55.00 -29.70 11.87
N THR D 364 55.10 -30.35 10.71
CA THR D 364 54.88 -31.80 10.65
C THR D 364 56.14 -32.54 10.25
N LYS D 365 57.30 -31.95 10.49
CA LYS D 365 58.59 -32.58 10.18
C LYS D 365 59.64 -31.94 11.07
N LEU D 366 60.64 -32.72 11.45
CA LEU D 366 61.76 -32.19 12.23
C LEU D 366 63.04 -32.91 11.85
N THR D 367 64.09 -32.14 11.55
CA THR D 367 65.40 -32.72 11.27
C THR D 367 66.26 -32.59 12.51
N VAL D 368 66.79 -33.72 12.99
CA VAL D 368 67.64 -33.77 14.16
C VAL D 368 68.88 -34.59 13.83
N ASN D 369 69.98 -34.32 14.53
CA ASN D 369 71.19 -35.10 14.37
C ASN D 369 71.28 -36.06 15.55
N LEU D 370 71.20 -37.35 15.27
CA LEU D 370 71.25 -38.39 16.28
C LEU D 370 72.55 -39.18 16.15
N THR D 371 73.02 -39.75 17.25
CA THR D 371 74.16 -40.65 17.20
C THR D 371 73.72 -41.99 16.59
N ASN D 372 74.62 -42.97 16.63
CA ASN D 372 74.35 -44.30 16.11
C ASN D 372 73.70 -45.23 17.14
N ASP D 373 73.37 -44.73 18.33
CA ASP D 373 72.73 -45.58 19.32
C ASP D 373 71.22 -45.66 19.09
N ARG D 374 70.59 -46.57 19.83
CA ARG D 374 69.14 -46.72 19.78
C ARG D 374 68.46 -45.64 20.60
N TYR D 375 67.38 -45.08 20.04
CA TYR D 375 66.58 -44.07 20.73
C TYR D 375 65.13 -44.49 20.77
N LEU D 376 64.44 -44.06 21.83
CA LEU D 376 62.98 -44.10 21.91
C LEU D 376 62.40 -42.73 21.58
N ALA D 377 61.49 -42.68 20.60
CA ALA D 377 60.85 -41.42 20.22
C ALA D 377 59.36 -41.48 20.52
N THR D 378 58.84 -40.40 21.09
CA THR D 378 57.42 -40.24 21.39
C THR D 378 56.93 -38.91 20.84
N LEU D 379 55.64 -38.85 20.52
CA LEU D 379 55.02 -37.60 20.07
C LEU D 379 53.66 -37.43 20.73
N THR D 380 53.46 -36.28 21.35
CA THR D 380 52.17 -35.85 21.87
C THR D 380 51.80 -34.51 21.26
N VAL D 381 50.51 -34.25 21.16
CA VAL D 381 49.99 -32.97 20.70
C VAL D 381 49.26 -32.31 21.86
N ARG D 382 49.42 -31.00 22.00
CA ARG D 382 48.89 -30.29 23.15
C ARG D 382 47.91 -29.21 22.70
N ASN D 383 46.80 -29.12 23.40
CA ASN D 383 45.86 -28.02 23.30
C ASN D 383 45.69 -27.40 24.69
N LEU D 384 44.76 -26.44 24.79
CA LEU D 384 44.55 -25.73 26.05
C LEU D 384 44.27 -26.69 27.21
N VAL D 385 43.67 -27.84 26.94
CA VAL D 385 43.27 -28.73 28.03
C VAL D 385 44.43 -29.63 28.47
N GLY D 386 45.25 -30.10 27.54
CA GLY D 386 46.36 -30.96 27.90
C GLY D 386 46.99 -31.61 26.69
N LYS D 387 47.78 -32.65 26.96
CA LYS D 387 48.53 -33.37 25.95
C LYS D 387 47.91 -34.72 25.66
N SER D 388 48.00 -35.18 24.41
CA SER D 388 47.51 -36.50 24.08
C SER D 388 48.44 -37.57 24.65
N ASP D 389 47.93 -38.80 24.71
CA ASP D 389 48.81 -39.95 24.86
C ASP D 389 49.84 -40.01 23.72
N ALA D 390 50.97 -40.64 24.02
CA ALA D 390 52.10 -40.65 23.09
C ALA D 390 52.01 -41.88 22.18
N ALA D 391 52.43 -41.72 20.93
CA ALA D 391 52.75 -42.83 20.06
C ALA D 391 54.19 -43.25 20.28
N VAL D 392 54.43 -44.55 20.50
CA VAL D 392 55.76 -45.04 20.81
C VAL D 392 56.14 -46.11 19.79
N LEU D 393 57.38 -46.03 19.30
CA LEU D 393 57.95 -46.98 18.36
C LEU D 393 59.36 -47.33 18.81
N THR D 394 59.79 -48.56 18.54
CA THR D 394 61.21 -48.89 18.61
C THR D 394 61.78 -48.76 17.21
N ILE D 395 62.77 -47.88 17.06
CA ILE D 395 63.60 -47.81 15.86
C ILE D 395 64.88 -48.60 16.10
N PRO D 396 65.07 -49.76 15.47
CA PRO D 396 66.20 -50.61 15.84
C PRO D 396 67.52 -49.99 15.41
N ALA D 397 68.61 -50.50 15.97
CA ALA D 397 69.93 -50.09 15.53
C ALA D 397 70.20 -50.52 14.10
N CYS D 398 71.19 -49.88 13.48
CA CYS D 398 71.43 -50.06 12.05
C CYS D 398 71.89 -51.47 11.71
N ASP D 399 72.38 -52.23 12.70
CA ASP D 399 72.85 -53.59 12.50
C ASP D 399 71.78 -54.64 12.79
N PHE D 400 70.57 -54.23 13.10
CA PHE D 400 69.49 -55.15 13.43
C PHE D 400 69.08 -55.98 12.22
N PRO E 5 -17.32 -25.47 39.92
CA PRO E 5 -17.63 -24.08 39.59
C PRO E 5 -18.33 -23.95 38.26
N ARG E 6 -18.27 -22.76 37.65
CA ARG E 6 -18.89 -22.50 36.36
C ARG E 6 -17.86 -21.89 35.42
N ALA E 7 -18.03 -22.21 34.13
CA ALA E 7 -17.14 -21.72 33.08
C ALA E 7 -17.23 -20.21 32.89
N GLU E 8 -18.43 -19.63 33.03
CA GLU E 8 -18.56 -18.18 32.88
C GLU E 8 -17.80 -17.45 33.98
N LEU E 9 -17.85 -17.96 35.22
CA LEU E 9 -17.10 -17.32 36.29
C LEU E 9 -15.58 -17.48 36.10
N ASP E 10 -15.11 -18.65 35.66
CA ASP E 10 -13.69 -18.82 35.36
C ASP E 10 -13.19 -17.81 34.34
N SER E 11 -13.94 -17.64 33.26
CA SER E 11 -13.51 -16.76 32.17
C SER E 11 -13.38 -15.30 32.60
N THR E 12 -14.32 -14.78 33.39
CA THR E 12 -14.22 -13.37 33.78
C THR E 12 -13.00 -13.09 34.64
N VAL E 13 -12.64 -13.99 35.56
CA VAL E 13 -11.45 -13.73 36.38
C VAL E 13 -10.19 -13.76 35.52
N LEU E 14 -10.13 -14.71 34.57
CA LEU E 14 -8.99 -14.81 33.67
C LEU E 14 -8.79 -13.54 32.83
N LEU E 15 -9.88 -12.97 32.31
CA LEU E 15 -9.76 -11.75 31.51
C LEU E 15 -9.34 -10.56 32.35
N THR E 16 -9.77 -10.50 33.60
CA THR E 16 -9.33 -9.40 34.45
C THR E 16 -7.83 -9.48 34.70
N ARG E 17 -7.31 -10.68 34.93
CA ARG E 17 -5.88 -10.84 35.10
C ARG E 17 -5.14 -10.41 33.84
N SER E 18 -5.69 -10.71 32.66
CA SER E 18 -5.12 -10.26 31.41
C SER E 18 -5.11 -8.73 31.33
N LEU E 19 -6.24 -8.11 31.67
CA LEU E 19 -6.34 -6.65 31.64
C LEU E 19 -5.46 -6.02 32.70
N LEU E 20 -5.37 -6.65 33.88
CA LEU E 20 -4.49 -6.15 34.93
C LEU E 20 -3.05 -6.09 34.46
N ALA E 21 -2.58 -7.16 33.78
CA ALA E 21 -1.23 -7.16 33.25
C ALA E 21 -1.05 -6.05 32.22
N ASP E 22 -2.05 -5.84 31.37
CA ASP E 22 -1.96 -4.79 30.37
C ASP E 22 -1.89 -3.43 31.06
N THR E 23 -2.66 -3.24 32.13
CA THR E 23 -2.68 -1.94 32.80
C THR E 23 -1.36 -1.67 33.52
N ARG E 24 -0.82 -2.68 34.21
CA ARG E 24 0.47 -2.52 34.87
C ARG E 24 1.58 -2.17 33.88
N GLN E 25 1.62 -2.84 32.72
CA GLN E 25 2.70 -2.58 31.77
C GLN E 25 2.61 -1.16 31.23
N LEU E 26 1.40 -0.71 30.88
CA LEU E 26 1.25 0.64 30.33
C LEU E 26 1.52 1.68 31.40
N ALA E 27 1.06 1.45 32.63
CA ALA E 27 1.38 2.38 33.71
C ALA E 27 2.87 2.49 33.98
N ALA E 28 3.60 1.37 33.93
CA ALA E 28 5.04 1.47 34.19
C ALA E 28 5.78 2.09 33.02
N GLN E 29 5.40 1.74 31.78
CA GLN E 29 5.99 2.40 30.62
C GLN E 29 5.72 3.90 30.62
N LEU E 30 4.49 4.31 30.97
CA LEU E 30 4.16 5.73 30.93
C LEU E 30 4.97 6.53 31.96
N ARG E 31 5.07 6.04 33.19
CA ARG E 31 5.87 6.79 34.17
C ARG E 31 7.34 6.75 33.77
N ASP E 32 7.73 5.69 33.06
CA ASP E 32 9.12 5.56 32.58
C ASP E 32 9.43 6.66 31.58
N LYS E 33 8.44 7.04 30.76
CA LYS E 33 8.60 8.04 29.72
C LYS E 33 8.31 9.44 30.25
N PHE E 34 7.37 9.58 31.18
CA PHE E 34 6.98 10.88 31.72
C PHE E 34 7.05 10.64 33.22
N PRO E 35 8.27 10.70 33.78
CA PRO E 35 8.49 10.46 35.20
C PRO E 35 7.76 11.35 36.19
N ALA E 36 6.45 11.22 36.37
CA ALA E 36 5.85 12.12 37.33
C ALA E 36 6.33 11.68 38.71
N ASP E 37 6.69 12.63 39.54
CA ASP E 37 7.15 12.33 40.89
C ASP E 37 6.16 12.97 41.85
N GLY E 38 5.63 12.18 42.77
CA GLY E 38 4.67 12.73 43.70
C GLY E 38 3.32 12.06 43.53
N ASP E 39 2.49 12.08 44.57
CA ASP E 39 1.17 11.48 44.46
C ASP E 39 0.15 12.41 43.82
N HIS E 40 -0.41 11.95 42.70
CA HIS E 40 -1.31 12.73 41.86
C HIS E 40 -2.75 12.34 42.19
N ASN E 41 -3.66 13.31 42.19
CA ASN E 41 -5.06 12.98 42.47
C ASN E 41 -6.02 13.65 41.51
N LEU E 42 -7.22 13.09 41.44
CA LEU E 42 -8.38 13.60 40.71
C LEU E 42 -9.58 13.46 41.63
N ASP E 43 -10.41 14.51 41.71
CA ASP E 43 -11.55 14.45 42.62
C ASP E 43 -12.56 13.38 42.23
N SER E 44 -12.68 13.05 40.95
CA SER E 44 -13.69 12.11 40.50
C SER E 44 -13.34 10.64 40.75
N LEU E 45 -12.06 10.30 41.17
CA LEU E 45 -12.10 8.84 41.28
C LEU E 45 -12.62 8.39 42.65
N PRO E 46 -13.20 7.19 42.71
CA PRO E 46 -13.72 6.70 43.99
C PRO E 46 -12.60 6.39 44.97
N THR E 47 -12.90 6.51 46.26
CA THR E 47 -11.97 6.00 47.29
C THR E 47 -12.19 4.50 47.44
N LEU E 48 -11.13 3.71 47.23
CA LEU E 48 -11.23 2.26 47.32
C LEU E 48 -11.14 1.82 48.79
N ALA E 49 -12.23 2.06 49.51
CA ALA E 49 -12.28 1.83 50.95
C ALA E 49 -12.52 0.35 51.23
N MET E 50 -11.46 -0.45 51.11
CA MET E 50 -11.51 -1.89 51.33
C MET E 50 -10.16 -2.34 51.88
N SER E 51 -10.15 -2.85 53.11
CA SER E 51 -8.95 -3.33 53.79
C SER E 51 -8.59 -4.79 53.57
N ALA E 52 -9.39 -5.58 52.84
CA ALA E 52 -9.02 -6.96 52.52
C ALA E 52 -8.88 -7.77 53.79
N GLY E 53 -9.36 -7.20 54.89
CA GLY E 53 -9.36 -7.76 56.22
C GLY E 53 -10.17 -9.01 56.14
N ALA E 54 -11.44 -8.79 55.80
CA ALA E 54 -12.43 -9.83 55.59
C ALA E 54 -13.21 -9.42 54.35
N LEU E 55 -13.17 -10.30 53.35
CA LEU E 55 -13.76 -10.06 52.04
C LEU E 55 -14.66 -11.23 51.67
N GLY E 56 -14.45 -12.39 52.31
CA GLY E 56 -15.37 -13.49 52.09
C GLY E 56 -16.72 -13.12 52.65
N ALA E 57 -16.71 -12.40 53.79
CA ALA E 57 -17.93 -12.12 54.54
C ALA E 57 -18.93 -11.37 53.67
N LEU E 58 -18.44 -10.42 52.86
CA LEU E 58 -19.32 -9.58 52.07
C LEU E 58 -20.17 -10.45 51.15
N GLN E 59 -21.39 -10.00 50.92
CA GLN E 59 -22.34 -10.77 50.13
C GLN E 59 -22.19 -10.46 48.64
N LEU E 60 -22.89 -11.26 47.83
CA LEU E 60 -22.67 -11.25 46.39
C LEU E 60 -23.06 -9.94 45.71
N PRO E 61 -24.24 -9.34 45.96
CA PRO E 61 -24.56 -8.08 45.27
C PRO E 61 -23.58 -6.94 45.49
N GLY E 62 -23.09 -6.77 46.71
CA GLY E 62 -22.19 -5.66 46.98
C GLY E 62 -20.85 -5.74 46.26
N VAL E 63 -20.22 -6.91 46.21
CA VAL E 63 -18.95 -7.03 45.50
C VAL E 63 -19.12 -6.64 44.04
N LEU E 64 -20.17 -7.15 43.40
CA LEU E 64 -20.40 -6.86 41.99
C LEU E 64 -20.85 -5.42 41.77
N THR E 65 -21.69 -4.89 42.66
CA THR E 65 -22.15 -3.51 42.58
C THR E 65 -20.99 -2.52 42.66
N ARG E 66 -20.07 -2.73 43.60
CA ARG E 66 -18.95 -1.80 43.74
C ARG E 66 -18.05 -1.83 42.52
N LEU E 67 -17.77 -3.02 41.98
CA LEU E 67 -16.96 -3.11 40.78
C LEU E 67 -17.61 -2.35 39.62
N ARG E 68 -18.92 -2.52 39.43
CA ARG E 68 -19.60 -1.85 38.33
C ARG E 68 -19.52 -0.33 38.45
N ALA E 69 -19.76 0.21 39.64
CA ALA E 69 -19.70 1.66 39.81
C ALA E 69 -18.30 2.19 39.56
N ASP E 70 -17.29 1.52 40.11
CA ASP E 70 -15.92 1.96 39.94
C ASP E 70 -15.49 1.86 38.48
N LEU E 71 -15.78 0.73 37.85
CA LEU E 71 -15.37 0.50 36.46
C LEU E 71 -16.06 1.46 35.50
N LEU E 72 -17.33 1.80 35.76
CA LEU E 72 -18.01 2.78 34.92
C LEU E 72 -17.35 4.16 35.03
N SER E 73 -16.95 4.55 36.24
CA SER E 73 -16.22 5.82 36.37
C SER E 73 -14.90 5.78 35.63
N TYR E 74 -14.17 4.67 35.75
CA TYR E 74 -12.90 4.55 35.04
C TYR E 74 -13.10 4.54 33.53
N LEU E 75 -14.17 3.89 33.05
CA LEU E 75 -14.44 3.89 31.62
C LEU E 75 -14.68 5.29 31.06
N ARG E 76 -15.52 6.08 31.72
CA ARG E 76 -15.73 7.46 31.28
C ARG E 76 -14.40 8.19 31.22
N HIS E 77 -13.56 7.98 32.24
CA HIS E 77 -12.29 8.70 32.32
C HIS E 77 -11.35 8.26 31.23
N VAL E 78 -11.35 6.97 30.89
CA VAL E 78 -10.52 6.51 29.78
C VAL E 78 -11.00 7.16 28.49
N GLN E 79 -12.32 7.17 28.29
CA GLN E 79 -12.92 7.81 27.13
C GLN E 79 -12.61 9.31 27.12
N TRP E 80 -12.69 9.94 28.29
CA TRP E 80 -12.35 11.36 28.43
C TRP E 80 -10.92 11.64 27.96
N LEU E 81 -9.97 10.76 28.31
CA LEU E 81 -8.60 10.97 27.86
C LEU E 81 -8.51 10.97 26.34
N ARG E 82 -9.18 10.03 25.67
CA ARG E 82 -9.08 9.94 24.22
C ARG E 82 -9.66 11.16 23.52
N ARG E 83 -10.81 11.66 23.99
CA ARG E 83 -11.51 12.71 23.24
C ARG E 83 -10.81 14.06 23.40
N ALA E 84 -10.72 14.56 24.63
CA ALA E 84 -10.20 15.89 24.90
C ALA E 84 -8.74 15.87 25.36
N GLY E 85 -8.09 14.72 25.30
CA GLY E 85 -6.71 14.64 25.78
C GLY E 85 -5.74 15.41 24.91
N GLY E 86 -4.63 15.78 25.52
CA GLY E 86 -3.60 16.54 24.83
C GLY E 86 -2.73 15.67 23.94
N SER E 87 -2.14 16.31 22.93
CA SER E 87 -1.32 15.60 21.95
C SER E 87 -0.14 14.90 22.60
N SER E 88 0.25 15.32 23.81
CA SER E 88 1.40 14.74 24.50
C SER E 88 1.24 13.25 24.72
N LEU E 89 0.00 12.76 24.79
CA LEU E 89 -0.29 11.38 25.16
C LEU E 89 -0.64 10.51 23.97
N LYS E 90 -0.48 11.03 22.75
CA LYS E 90 -0.69 10.23 21.56
C LYS E 90 0.26 9.03 21.52
N THR E 91 1.40 9.13 22.20
CA THR E 91 2.35 8.04 22.28
C THR E 91 1.80 6.82 23.03
N LEU E 92 0.71 6.97 23.78
CA LEU E 92 0.16 5.83 24.50
C LEU E 92 -0.79 4.97 23.68
N GLU E 93 -1.13 5.39 22.46
CA GLU E 93 -1.82 4.51 21.55
C GLU E 93 -0.82 3.64 20.78
N PRO E 94 -1.24 2.47 20.27
CA PRO E 94 -2.62 1.99 20.33
C PRO E 94 -2.88 1.25 21.62
N GLU E 95 -1.88 1.29 22.51
CA GLU E 95 -1.99 0.52 23.74
C GLU E 95 -3.15 1.02 24.59
N LEU E 96 -3.37 2.35 24.59
CA LEU E 96 -4.47 2.91 25.38
C LEU E 96 -5.83 2.53 24.78
N GLY E 97 -5.93 2.52 23.46
CA GLY E 97 -7.17 2.11 22.81
C GLY E 97 -7.53 0.64 22.97
N THR E 98 -6.53 -0.24 22.96
CA THR E 98 -6.84 -1.65 23.23
C THR E 98 -7.39 -1.83 24.64
N LEU E 99 -6.80 -1.14 25.62
CA LEU E 99 -7.32 -1.18 26.97
C LEU E 99 -8.75 -0.67 27.02
N GLN E 100 -9.03 0.44 26.32
CA GLN E 100 -10.40 0.95 26.25
C GLN E 100 -11.34 -0.11 25.67
N ALA E 101 -10.91 -0.74 24.57
CA ALA E 101 -11.75 -1.74 23.92
C ALA E 101 -11.93 -2.98 24.79
N ARG E 102 -11.00 -3.23 25.71
CA ARG E 102 -11.03 -4.39 26.58
C ARG E 102 -11.77 -4.11 27.89
N LEU E 103 -11.53 -2.96 28.51
CA LEU E 103 -12.23 -2.65 29.75
C LEU E 103 -13.71 -2.41 29.53
N ASP E 104 -14.05 -1.68 28.47
CA ASP E 104 -15.45 -1.50 28.11
C ASP E 104 -16.12 -2.85 27.87
N ARG E 105 -15.42 -3.74 27.16
CA ARG E 105 -15.96 -5.05 26.85
C ARG E 105 -16.19 -5.88 28.13
N LEU E 106 -15.24 -5.84 29.06
CA LEU E 106 -15.41 -6.57 30.31
C LEU E 106 -16.53 -6.02 31.18
N LEU E 107 -16.67 -4.69 31.24
CA LEU E 107 -17.78 -4.11 31.98
C LEU E 107 -19.12 -4.55 31.42
N ARG E 108 -19.26 -4.58 30.09
CA ARG E 108 -20.49 -5.04 29.48
C ARG E 108 -20.77 -6.50 29.80
N ARG E 109 -19.73 -7.33 29.74
CA ARG E 109 -19.84 -8.75 30.03
C ARG E 109 -20.31 -8.99 31.45
N LEU E 110 -19.90 -8.11 32.37
CA LEU E 110 -20.31 -8.22 33.77
C LEU E 110 -21.81 -8.01 33.89
N GLN E 111 -22.38 -7.08 33.11
CA GLN E 111 -23.83 -6.92 33.17
C GLN E 111 -24.51 -8.21 32.70
N LEU E 112 -23.91 -8.89 31.72
CA LEU E 112 -24.47 -10.15 31.25
C LEU E 112 -24.35 -11.18 32.35
N LEU E 113 -23.19 -11.20 33.01
CA LEU E 113 -22.93 -12.04 34.17
C LEU E 113 -24.00 -11.86 35.24
N MET E 114 -24.39 -10.61 35.49
CA MET E 114 -25.38 -10.33 36.53
C MET E 114 -26.73 -10.93 36.18
N SER E 115 -27.10 -10.91 34.90
CA SER E 115 -28.38 -11.47 34.50
C SER E 115 -28.39 -12.98 34.68
N ARG E 116 -27.34 -13.66 34.21
CA ARG E 116 -27.26 -15.11 34.32
C ARG E 116 -27.20 -15.57 35.77
N LEU E 117 -26.58 -14.80 36.66
CA LEU E 117 -26.56 -15.14 38.08
C LEU E 117 -27.75 -14.57 38.85
N ALA E 118 -28.70 -13.92 38.17
CA ALA E 118 -29.95 -13.47 38.79
C ALA E 118 -29.69 -12.51 39.95
N LEU E 119 -28.65 -11.69 39.86
CA LEU E 119 -28.40 -10.73 40.93
C LEU E 119 -29.28 -9.50 40.75
N PRO E 120 -29.68 -8.85 41.84
CA PRO E 120 -30.54 -7.66 41.74
C PRO E 120 -29.85 -6.55 40.95
N GLN E 121 -30.58 -5.99 39.99
CA GLN E 121 -29.78 -4.98 39.30
C GLN E 121 -29.91 -3.63 39.99
N PRO E 122 -28.82 -2.87 40.05
CA PRO E 122 -28.90 -1.56 40.69
C PRO E 122 -29.83 -0.65 39.92
N PRO E 123 -30.40 0.35 40.58
CA PRO E 123 -31.23 1.33 39.88
C PRO E 123 -30.36 2.21 38.98
N PRO E 124 -30.86 2.57 37.80
CA PRO E 124 -30.09 3.48 36.93
C PRO E 124 -29.67 4.76 37.62
N ASP E 125 -28.39 4.87 37.97
CA ASP E 125 -27.94 6.01 38.74
C ASP E 125 -27.76 7.21 37.82
N PRO E 126 -27.77 8.43 38.36
CA PRO E 126 -27.60 9.59 37.50
C PRO E 126 -26.14 9.78 37.10
N PRO E 127 -25.85 9.74 35.81
CA PRO E 127 -24.46 9.86 35.36
C PRO E 127 -23.84 11.19 35.78
N ALA E 128 -22.54 11.16 36.04
CA ALA E 128 -21.89 12.36 36.53
C ALA E 128 -21.71 13.31 35.34
N PRO E 129 -21.83 14.62 35.56
CA PRO E 129 -21.69 15.55 34.43
C PRO E 129 -20.31 15.46 33.81
N PRO E 130 -20.10 16.06 32.64
CA PRO E 130 -18.80 15.91 31.96
C PRO E 130 -17.67 16.57 32.72
N LEU E 131 -16.49 15.95 32.60
CA LEU E 131 -15.26 16.51 33.14
C LEU E 131 -14.79 17.61 32.20
N ALA E 132 -14.39 18.75 32.76
CA ALA E 132 -13.81 19.78 31.90
C ALA E 132 -12.56 19.21 31.23
N PRO E 133 -12.25 19.65 30.02
CA PRO E 133 -11.00 19.23 29.37
C PRO E 133 -9.80 19.70 30.17
N PRO E 134 -8.65 19.03 30.02
CA PRO E 134 -7.46 19.48 30.71
C PRO E 134 -7.05 20.87 30.26
N SER E 135 -6.43 21.61 31.18
CA SER E 135 -5.99 22.96 30.92
C SER E 135 -4.69 23.00 30.13
N SER E 136 -4.00 21.87 30.05
CA SER E 136 -2.73 21.78 29.34
C SER E 136 -2.44 20.31 29.06
N ALA E 137 -1.44 20.11 28.20
CA ALA E 137 -1.01 18.75 27.86
C ALA E 137 -0.47 18.02 29.08
N TRP E 138 0.29 18.71 29.92
CA TRP E 138 0.83 18.05 31.12
C TRP E 138 -0.25 17.75 32.13
N GLY E 139 -1.30 18.57 32.21
CA GLY E 139 -2.43 18.22 33.05
C GLY E 139 -3.07 16.93 32.56
N GLY E 140 -3.07 16.73 31.25
CA GLY E 140 -3.56 15.48 30.68
C GLY E 140 -2.67 14.30 31.03
N ILE E 141 -1.35 14.51 31.03
CA ILE E 141 -0.41 13.47 31.42
C ILE E 141 -0.65 13.06 32.87
N ARG E 142 -0.82 14.02 33.76
CA ARG E 142 -1.10 13.69 35.16
C ARG E 142 -2.40 12.90 35.27
N ALA E 143 -3.39 13.26 34.45
CA ALA E 143 -4.67 12.55 34.44
C ALA E 143 -4.51 11.11 33.96
N ALA E 144 -3.66 10.89 32.96
CA ALA E 144 -3.35 9.54 32.48
C ALA E 144 -2.77 8.68 33.60
N HIS E 145 -1.86 9.22 34.39
CA HIS E 145 -1.30 8.47 35.50
C HIS E 145 -2.38 8.06 36.50
N ALA E 146 -3.33 8.96 36.78
CA ALA E 146 -4.38 8.64 37.75
C ALA E 146 -5.28 7.52 37.25
N ILE E 147 -5.63 7.53 35.97
CA ILE E 147 -6.55 6.51 35.47
C ILE E 147 -5.86 5.15 35.45
N LEU E 148 -4.66 5.08 34.88
CA LEU E 148 -3.96 3.79 34.84
C LEU E 148 -3.52 3.36 36.23
N GLY E 149 -3.03 4.31 37.05
CA GLY E 149 -2.66 3.95 38.41
C GLY E 149 -3.87 3.52 39.22
N GLY E 150 -4.98 4.26 39.06
CA GLY E 150 -6.19 3.92 39.77
C GLY E 150 -6.80 2.63 39.28
N LEU E 151 -6.71 2.38 37.96
CA LEU E 151 -7.25 1.16 37.38
C LEU E 151 -6.52 -0.09 37.86
N HIS E 152 -5.18 -0.06 37.94
CA HIS E 152 -4.45 -1.26 38.33
C HIS E 152 -4.64 -1.60 39.80
N LEU E 153 -5.51 -0.88 40.50
CA LEU E 153 -5.97 -1.28 41.81
C LEU E 153 -7.37 -1.88 41.76
N THR E 154 -8.28 -1.26 40.99
CA THR E 154 -9.63 -1.76 40.83
C THR E 154 -9.61 -3.18 40.25
N LEU E 155 -8.76 -3.38 39.23
CA LEU E 155 -8.65 -4.68 38.57
C LEU E 155 -8.02 -5.71 39.49
N ASP E 156 -7.05 -5.30 40.32
CA ASP E 156 -6.47 -6.25 41.26
C ASP E 156 -7.54 -6.78 42.20
N TRP E 157 -8.41 -5.90 42.70
CA TRP E 157 -9.48 -6.35 43.57
C TRP E 157 -10.58 -7.06 42.78
N ALA E 158 -10.69 -6.76 41.49
CA ALA E 158 -11.62 -7.50 40.64
C ALA E 158 -11.20 -8.95 40.52
N VAL E 159 -9.92 -9.21 40.26
CA VAL E 159 -9.45 -10.59 40.24
C VAL E 159 -9.80 -11.24 41.57
N ARG E 160 -9.51 -10.55 42.66
CA ARG E 160 -9.74 -11.07 44.00
C ARG E 160 -11.23 -11.35 44.22
N GLY E 161 -12.09 -10.40 43.85
CA GLY E 161 -13.52 -10.57 44.11
C GLY E 161 -14.08 -11.75 43.34
N LEU E 162 -13.70 -11.87 42.06
CA LEU E 162 -14.20 -12.96 41.23
C LEU E 162 -13.69 -14.29 41.80
N LEU E 163 -12.47 -14.30 42.31
CA LEU E 163 -11.91 -15.52 42.92
C LEU E 163 -12.70 -15.89 44.16
N LEU E 164 -13.19 -14.90 44.92
CA LEU E 164 -14.02 -15.22 46.07
C LEU E 164 -15.29 -15.90 45.58
N LEU E 165 -15.89 -15.37 44.53
CA LEU E 165 -17.09 -15.99 43.97
C LEU E 165 -16.78 -17.41 43.48
N LYS E 166 -15.62 -17.59 42.84
CA LYS E 166 -15.22 -18.89 42.32
C LYS E 166 -15.17 -19.98 43.38
N THR E 167 -14.73 -19.66 44.61
CA THR E 167 -14.65 -20.72 45.61
C THR E 167 -16.03 -21.29 45.95
N ARG E 168 -17.10 -20.56 45.64
CA ARG E 168 -18.46 -21.01 45.94
C ARG E 168 -19.23 -21.47 44.71
N LEU E 169 -19.43 -20.59 43.73
CA LEU E 169 -19.99 -20.96 42.44
C LEU E 169 -18.92 -21.20 41.38
N PRO F 4 8.00 28.97 88.98
CA PRO F 4 7.40 28.83 87.65
C PRO F 4 8.43 28.84 86.53
N CYS F 5 8.98 27.67 86.22
CA CYS F 5 9.94 27.49 85.14
C CYS F 5 9.50 26.30 84.29
N PRO F 6 10.01 26.18 83.05
CA PRO F 6 9.64 25.03 82.21
C PRO F 6 9.80 23.70 82.94
N GLN F 7 8.72 22.92 83.07
CA GLN F 7 8.85 21.61 83.68
C GLN F 7 9.88 20.77 82.93
N ALA F 8 10.57 19.90 83.66
CA ALA F 8 11.77 19.29 83.13
C ALA F 8 11.41 18.30 82.02
N TRP F 9 12.44 17.64 81.48
CA TRP F 9 12.25 16.73 80.36
C TRP F 9 12.24 15.30 80.89
N GLY F 10 13.40 14.88 81.40
CA GLY F 10 13.57 13.62 82.07
C GLY F 10 13.41 13.80 83.57
N PRO F 11 14.51 13.60 84.29
CA PRO F 11 14.49 13.74 85.75
C PRO F 11 14.09 15.15 86.14
N PRO F 12 13.66 15.37 87.40
CA PRO F 12 12.91 16.58 87.73
C PRO F 12 13.76 17.82 87.94
N GLY F 13 15.08 17.68 88.12
CA GLY F 13 15.89 18.84 88.43
C GLY F 13 17.09 19.02 87.52
N VAL F 14 17.00 18.51 86.29
CA VAL F 14 18.07 18.59 85.32
C VAL F 14 17.53 19.24 84.05
N GLN F 15 18.33 20.09 83.41
CA GLN F 15 17.97 20.70 82.15
C GLN F 15 19.08 20.46 81.13
N TYR F 16 18.77 20.73 79.86
CA TYR F 16 19.63 20.33 78.77
C TYR F 16 19.90 21.53 77.85
N GLY F 17 20.98 21.46 77.10
CA GLY F 17 21.28 22.52 76.14
C GLY F 17 22.21 22.05 75.06
N GLN F 18 22.29 22.85 73.98
CA GLN F 18 23.18 22.55 72.87
C GLN F 18 24.34 23.56 72.86
N PRO F 19 25.57 23.12 72.62
CA PRO F 19 26.69 24.07 72.51
C PRO F 19 26.48 25.13 71.44
N GLY F 20 27.09 26.29 71.67
CA GLY F 20 27.00 27.41 70.76
C GLY F 20 25.65 28.06 70.64
N ARG F 21 24.63 27.56 71.32
CA ARG F 21 23.29 28.12 71.31
C ARG F 21 23.16 28.95 72.60
N SER F 22 21.94 29.35 72.97
CA SER F 22 21.72 29.96 74.27
C SER F 22 20.92 29.03 75.17
N VAL F 23 21.38 28.88 76.42
CA VAL F 23 20.68 28.05 77.40
C VAL F 23 20.39 28.88 78.63
N LYS F 24 19.20 28.70 79.20
CA LYS F 24 18.68 29.58 80.23
C LYS F 24 18.30 28.71 81.42
N LEU F 25 19.15 28.70 82.44
CA LEU F 25 18.92 27.89 83.63
C LEU F 25 18.08 28.66 84.64
N CYS F 26 17.28 27.91 85.40
CA CYS F 26 16.43 28.49 86.44
C CYS F 26 16.79 27.82 87.75
N CYS F 27 16.60 28.55 88.85
CA CYS F 27 16.81 27.98 90.17
C CYS F 27 15.55 27.31 90.65
N PRO F 28 15.55 25.98 90.84
CA PRO F 28 14.30 25.25 91.11
C PRO F 28 13.53 25.67 92.37
N GLY F 29 14.17 25.57 93.53
CA GLY F 29 13.52 25.82 94.80
C GLY F 29 13.62 27.23 95.36
N VAL F 30 13.30 28.24 94.57
CA VAL F 30 13.33 29.63 95.01
C VAL F 30 12.09 30.34 94.50
N THR F 31 11.44 31.10 95.38
CA THR F 31 10.26 31.86 95.00
C THR F 31 10.61 32.82 93.87
N ALA F 32 9.77 32.84 92.83
CA ALA F 32 9.97 33.76 91.71
C ALA F 32 9.96 35.20 92.18
N GLY F 33 11.09 35.88 91.97
CA GLY F 33 11.30 37.23 92.43
C GLY F 33 12.43 37.36 93.43
N ASP F 34 12.86 36.25 94.03
CA ASP F 34 13.99 36.27 94.96
C ASP F 34 15.30 36.32 94.17
N PRO F 35 16.19 37.26 94.47
CA PRO F 35 17.52 37.23 93.84
C PRO F 35 18.35 36.05 94.33
N VAL F 36 19.09 35.43 93.41
CA VAL F 36 19.86 34.23 93.72
C VAL F 36 21.20 34.30 92.98
N SER F 37 22.18 33.58 93.52
CA SER F 37 23.51 33.51 92.96
C SER F 37 23.79 32.12 92.39
N TRP F 38 24.64 32.09 91.36
CA TRP F 38 24.97 30.87 90.64
C TRP F 38 26.49 30.67 90.69
N PHE F 39 26.92 29.42 90.84
CA PHE F 39 28.34 29.08 90.82
C PHE F 39 28.55 27.80 90.03
N ARG F 40 29.75 27.67 89.47
CA ARG F 40 30.19 26.41 88.87
C ARG F 40 30.85 25.55 89.93
N ASP F 41 30.63 24.24 89.86
CA ASP F 41 31.07 23.35 90.93
C ASP F 41 32.58 23.43 91.09
N GLY F 42 33.02 23.73 92.31
CA GLY F 42 34.43 23.81 92.63
C GLY F 42 35.10 25.11 92.25
N GLU F 43 34.39 26.05 91.63
CA GLU F 43 34.98 27.31 91.20
C GLU F 43 34.16 28.47 91.76
N PRO F 44 34.76 29.36 92.54
CA PRO F 44 33.97 30.36 93.29
C PRO F 44 33.51 31.59 92.51
N LYS F 45 33.93 31.81 91.27
CA LYS F 45 33.58 33.08 90.61
C LYS F 45 32.08 33.19 90.38
N LEU F 46 31.52 34.30 90.86
CA LEU F 46 30.10 34.62 90.66
C LEU F 46 29.80 34.93 89.19
N LEU F 47 28.91 34.16 88.60
CA LEU F 47 28.56 34.36 87.19
C LEU F 47 27.53 35.48 87.08
N GLN F 48 27.53 36.17 85.94
CA GLN F 48 26.65 37.31 85.72
C GLN F 48 25.66 36.99 84.61
N GLY F 49 24.73 37.92 84.38
CA GLY F 49 23.72 37.75 83.34
C GLY F 49 23.08 39.05 82.94
N PRO F 50 22.62 39.13 81.68
CA PRO F 50 21.92 40.32 81.20
C PRO F 50 20.88 40.96 82.12
N ASP F 51 20.15 40.16 82.90
CA ASP F 51 19.14 40.72 83.81
C ASP F 51 19.82 41.23 85.09
N SER F 52 20.39 42.42 84.98
CA SER F 52 21.10 43.10 86.07
C SER F 52 22.27 42.27 86.60
N GLY F 53 21.99 41.03 86.99
CA GLY F 53 22.98 40.11 87.50
C GLY F 53 22.45 39.29 88.67
N LEU F 54 21.15 39.42 88.93
CA LEU F 54 20.55 38.76 90.10
C LEU F 54 19.04 38.65 89.85
N GLY F 55 18.64 37.56 89.19
CA GLY F 55 17.23 37.34 88.92
C GLY F 55 16.72 36.03 89.49
N HIS F 56 15.79 35.39 88.78
CA HIS F 56 15.38 34.03 89.11
C HIS F 56 15.94 33.00 88.14
N GLU F 57 16.64 33.42 87.10
CA GLU F 57 17.05 32.49 86.04
C GLU F 57 18.43 32.88 85.52
N LEU F 58 19.34 31.90 85.52
CA LEU F 58 20.65 32.07 84.92
C LEU F 58 20.56 31.88 83.41
N VAL F 59 21.33 32.67 82.66
CA VAL F 59 21.36 32.57 81.20
C VAL F 59 22.81 32.36 80.78
N LEU F 60 23.01 31.50 79.77
CA LEU F 60 24.34 31.24 79.21
C LEU F 60 24.29 31.49 77.72
N ALA F 61 24.93 32.57 77.26
CA ALA F 61 25.17 32.73 75.84
C ALA F 61 26.39 31.97 75.35
N GLN F 62 27.35 31.70 76.24
CA GLN F 62 28.50 30.84 75.94
C GLN F 62 28.13 29.54 75.25
N ALA F 63 27.43 28.64 75.96
CA ALA F 63 27.25 27.26 75.56
C ALA F 63 28.45 26.69 74.82
N ASP F 64 29.52 26.35 75.54
CA ASP F 64 30.63 25.58 74.99
C ASP F 64 30.95 24.42 75.94
N SER F 65 31.96 23.62 75.55
CA SER F 65 32.22 22.36 76.24
C SER F 65 32.63 22.58 77.69
N THR F 66 33.34 23.68 77.96
CA THR F 66 33.76 24.00 79.32
C THR F 66 32.56 24.21 80.24
N ASP F 67 31.40 24.49 79.67
CA ASP F 67 30.15 24.70 80.40
C ASP F 67 29.43 23.39 80.74
N GLU F 68 29.98 22.25 80.36
CA GLU F 68 29.38 20.97 80.70
C GLU F 68 29.85 20.51 82.07
N GLY F 69 28.90 20.21 82.94
CA GLY F 69 29.20 19.77 84.29
C GLY F 69 27.98 19.94 85.19
N THR F 70 28.26 20.04 86.48
CA THR F 70 27.24 20.16 87.52
C THR F 70 27.20 21.61 88.01
N TYR F 71 26.00 22.16 88.12
CA TYR F 71 25.84 23.54 88.57
C TYR F 71 25.07 23.60 89.88
N ILE F 72 25.43 24.59 90.69
CA ILE F 72 24.79 24.86 91.97
C ILE F 72 24.22 26.28 91.97
N CYS F 73 22.98 26.41 92.41
CA CYS F 73 22.34 27.71 92.59
C CYS F 73 22.02 27.90 94.06
N GLN F 74 22.27 29.11 94.57
CA GLN F 74 21.95 29.48 95.94
C GLN F 74 21.48 30.92 96.01
N THR F 75 20.56 31.17 96.94
CA THR F 75 20.11 32.54 97.18
C THR F 75 21.23 33.32 97.84
N LEU F 76 21.13 34.66 97.77
CA LEU F 76 22.22 35.47 98.32
C LEU F 76 22.39 35.26 99.82
N ASP F 77 21.38 34.71 100.49
CA ASP F 77 21.48 34.42 101.92
C ASP F 77 22.40 33.23 102.20
N GLY F 78 22.70 32.39 101.21
CA GLY F 78 23.48 31.20 101.42
C GLY F 78 22.70 29.91 101.31
N ALA F 79 21.38 29.98 101.29
CA ALA F 79 20.54 28.79 101.21
C ALA F 79 20.71 28.10 99.86
N LEU F 80 20.88 26.78 99.90
CA LEU F 80 21.04 25.98 98.69
C LEU F 80 19.68 25.80 98.03
N GLY F 81 19.47 26.49 96.91
CA GLY F 81 18.19 26.43 96.22
C GLY F 81 17.98 25.27 95.28
N GLY F 82 19.02 24.46 95.03
CA GLY F 82 18.87 23.33 94.13
C GLY F 82 20.08 23.09 93.25
N THR F 83 20.08 21.99 92.51
CA THR F 83 21.18 21.62 91.63
C THR F 83 20.66 21.29 90.24
N VAL F 84 21.43 21.66 89.21
CA VAL F 84 21.10 21.35 87.83
C VAL F 84 22.36 20.82 87.15
N THR F 85 22.17 19.89 86.22
CA THR F 85 23.26 19.31 85.43
C THR F 85 23.09 19.70 83.97
N LEU F 86 24.13 20.29 83.39
CA LEU F 86 24.13 20.69 81.98
C LEU F 86 24.80 19.58 81.17
N GLN F 87 24.01 18.91 80.33
CA GLN F 87 24.51 17.95 79.35
C GLN F 87 24.39 18.54 77.95
N LEU F 88 25.48 18.52 77.20
CA LEU F 88 25.57 19.13 75.88
C LEU F 88 25.30 18.09 74.80
N GLY F 89 24.75 18.55 73.69
CA GLY F 89 24.40 17.67 72.60
C GLY F 89 24.12 18.42 71.32
N TYR F 90 23.40 17.77 70.43
CA TYR F 90 23.12 18.28 69.10
C TYR F 90 21.68 17.92 68.74
N PRO F 91 21.03 18.72 67.89
CA PRO F 91 19.69 18.37 67.44
C PRO F 91 19.68 17.01 66.77
N PRO F 92 18.53 16.35 66.70
CA PRO F 92 18.53 15.00 66.13
C PRO F 92 18.73 15.07 64.63
N ALA F 93 19.38 14.05 64.07
CA ALA F 93 19.33 13.95 62.63
C ALA F 93 18.06 13.25 62.17
N ARG F 94 17.77 13.42 60.90
CA ARG F 94 16.63 12.76 60.27
C ARG F 94 16.83 11.24 60.33
N PRO F 95 15.88 10.47 60.84
CA PRO F 95 16.07 9.02 60.85
C PRO F 95 15.86 8.41 59.48
N VAL F 96 16.37 7.19 59.33
CA VAL F 96 16.31 6.43 58.09
C VAL F 96 15.25 5.34 58.24
N VAL F 97 14.26 5.29 57.35
CA VAL F 97 13.12 4.39 57.55
C VAL F 97 12.95 3.50 56.33
N SER F 98 12.69 2.22 56.58
CA SER F 98 12.34 1.21 55.59
C SER F 98 11.17 0.40 56.11
N CYS F 99 10.30 -0.07 55.21
CA CYS F 99 9.22 -0.97 55.58
C CYS F 99 9.27 -2.27 54.77
N GLN F 100 8.50 -3.26 55.25
CA GLN F 100 8.35 -4.55 54.58
C GLN F 100 7.03 -5.17 55.01
N ALA F 101 6.63 -6.23 54.32
CA ALA F 101 5.38 -6.92 54.64
C ALA F 101 5.35 -8.30 54.03
N ALA F 102 5.20 -9.34 54.86
CA ALA F 102 5.09 -10.72 54.39
C ALA F 102 3.66 -11.26 54.39
N ASP F 103 2.65 -10.46 54.72
CA ASP F 103 1.25 -10.89 54.65
C ASP F 103 0.39 -9.72 54.19
N TYR F 104 -0.90 -9.99 53.98
CA TYR F 104 -1.79 -8.99 53.39
C TYR F 104 -2.46 -8.14 54.46
N GLU F 105 -2.20 -8.42 55.74
CA GLU F 105 -2.85 -7.72 56.84
C GLU F 105 -1.94 -6.69 57.47
N ASN F 106 -0.74 -7.10 57.86
CA ASN F 106 0.18 -6.23 58.58
C ASN F 106 1.41 -5.96 57.72
N PHE F 107 2.04 -4.82 58.00
CA PHE F 107 3.36 -4.50 57.49
C PHE F 107 4.11 -3.83 58.63
N SER F 108 5.41 -3.64 58.43
CA SER F 108 6.25 -3.18 59.51
C SER F 108 7.38 -2.36 58.94
N CYS F 109 7.83 -1.40 59.74
CA CYS F 109 8.85 -0.45 59.36
C CYS F 109 9.89 -0.40 60.46
N THR F 110 11.12 -0.07 60.11
CA THR F 110 12.15 0.07 61.13
C THR F 110 12.94 1.35 60.85
N TRP F 111 13.66 1.79 61.88
CA TRP F 111 14.39 3.03 61.80
C TRP F 111 15.62 2.99 62.69
N SER F 112 16.65 3.71 62.28
CA SER F 112 17.89 3.84 63.03
C SER F 112 18.20 5.33 63.04
N PRO F 113 18.75 5.85 64.13
CA PRO F 113 19.28 7.22 64.09
C PRO F 113 20.46 7.37 63.14
N SER F 114 20.47 8.49 62.43
CA SER F 114 21.59 8.88 61.58
C SER F 114 22.64 9.61 62.41
N GLN F 115 22.29 9.95 63.65
CA GLN F 115 23.10 10.67 64.61
C GLN F 115 22.46 10.43 65.96
N ILE F 116 23.27 10.24 66.99
CA ILE F 116 22.77 9.98 68.33
C ILE F 116 22.75 11.26 69.17
N SER F 117 23.71 12.15 68.95
CA SER F 117 23.84 13.42 69.66
C SER F 117 24.25 13.31 71.12
N GLY F 118 24.10 12.14 71.75
CA GLY F 118 24.38 12.13 73.17
C GLY F 118 23.21 12.55 74.04
N LEU F 119 22.02 12.71 73.46
CA LEU F 119 20.80 13.15 74.12
C LEU F 119 19.79 12.02 74.20
N PRO F 120 18.89 12.04 75.20
CA PRO F 120 17.87 10.98 75.32
C PRO F 120 16.90 10.89 74.17
N THR F 121 17.36 10.29 73.06
CA THR F 121 16.66 10.36 71.78
C THR F 121 15.54 9.32 71.79
N ARG F 122 14.36 9.75 72.22
CA ARG F 122 13.17 8.93 72.08
C ARG F 122 12.38 9.28 70.82
N TYR F 123 11.49 8.37 70.44
CA TYR F 123 10.83 8.39 69.14
C TYR F 123 9.31 8.40 69.28
N LEU F 124 8.67 9.26 68.48
CA LEU F 124 7.22 9.25 68.33
C LEU F 124 6.92 8.69 66.94
N THR F 125 6.02 7.71 66.87
CA THR F 125 5.70 7.05 65.62
C THR F 125 4.20 7.07 65.37
N SER F 126 3.83 7.31 64.11
CA SER F 126 2.43 7.41 63.73
C SER F 126 2.34 7.29 62.22
N TYR F 127 1.10 7.19 61.73
CA TYR F 127 0.85 7.06 60.30
C TYR F 127 -0.61 7.43 60.05
N ARG F 128 -0.88 7.82 58.81
CA ARG F 128 -2.25 8.16 58.43
C ARG F 128 -2.57 7.61 57.05
N LYS F 129 -3.86 7.57 56.75
CA LYS F 129 -4.38 7.12 55.47
C LYS F 129 -4.71 8.38 54.68
N LYS F 130 -3.97 8.59 53.60
CA LYS F 130 -4.24 9.72 52.71
C LYS F 130 -5.49 9.51 51.88
N THR F 131 -6.26 10.58 51.74
CA THR F 131 -7.51 10.62 50.98
C THR F 131 -7.26 11.30 49.63
N VAL F 132 -8.34 11.62 48.93
CA VAL F 132 -8.23 12.23 47.60
C VAL F 132 -9.03 13.51 47.46
N LEU F 133 -10.05 13.77 48.30
CA LEU F 133 -10.80 15.01 48.22
C LEU F 133 -9.88 16.22 48.37
N GLY F 134 -9.03 16.21 49.39
CA GLY F 134 -7.98 17.19 49.52
C GLY F 134 -8.45 18.62 49.69
N ALA F 135 -9.59 18.83 50.35
CA ALA F 135 -9.98 20.19 50.72
C ALA F 135 -8.99 20.79 51.71
N ASP F 136 -8.58 19.99 52.69
CA ASP F 136 -7.54 20.36 53.65
C ASP F 136 -7.00 19.06 54.25
N SER F 137 -6.24 19.18 55.33
CA SER F 137 -5.79 18.02 56.09
C SER F 137 -6.84 17.53 57.08
N GLN F 138 -8.09 17.98 56.94
CA GLN F 138 -9.16 17.67 57.88
C GLN F 138 -10.35 17.09 57.10
N ARG F 139 -10.38 15.77 56.99
CA ARG F 139 -11.51 15.03 56.42
C ARG F 139 -11.83 13.84 57.31
N ARG F 140 -11.68 14.02 58.62
CA ARG F 140 -11.60 12.91 59.57
C ARG F 140 -12.93 12.66 60.27
N SER F 141 -13.92 12.15 59.53
CA SER F 141 -15.02 11.58 60.29
C SER F 141 -14.65 10.16 60.73
N PRO F 142 -14.05 9.32 59.89
CA PRO F 142 -13.52 8.04 60.41
C PRO F 142 -12.21 8.23 61.16
N SER F 143 -11.75 9.47 61.23
CA SER F 143 -10.53 9.92 61.87
C SER F 143 -9.32 9.24 61.24
N THR F 144 -8.87 9.77 60.10
CA THR F 144 -7.67 9.34 59.40
C THR F 144 -6.41 9.99 59.96
N GLY F 145 -6.45 10.52 61.17
CA GLY F 145 -5.32 11.19 61.77
C GLY F 145 -4.16 10.32 62.17
N PRO F 146 -3.46 10.75 63.22
CA PRO F 146 -2.29 10.02 63.72
C PRO F 146 -2.70 8.84 64.59
N TRP F 147 -2.20 7.65 64.24
CA TRP F 147 -2.48 6.47 65.04
C TRP F 147 -1.18 5.94 65.61
N PRO F 148 -1.13 5.66 66.92
CA PRO F 148 0.12 5.20 67.53
C PRO F 148 0.57 3.84 67.05
N CYS F 149 1.90 3.68 66.96
CA CYS F 149 2.51 2.39 66.67
C CYS F 149 3.01 1.84 67.98
N PRO F 150 2.32 0.93 68.67
CA PRO F 150 2.78 0.63 70.02
C PRO F 150 4.04 -0.23 69.94
N GLN F 151 5.02 0.11 70.77
CA GLN F 151 6.27 -0.64 70.84
C GLN F 151 6.17 -1.74 71.89
N ASP F 152 6.15 -3.01 71.46
CA ASP F 152 5.67 -4.00 72.44
C ASP F 152 6.57 -4.04 73.69
N PRO F 153 7.85 -4.56 73.73
CA PRO F 153 8.61 -4.39 74.98
C PRO F 153 9.28 -3.03 74.94
N LEU F 154 8.67 -2.12 74.18
CA LEU F 154 9.02 -0.70 74.08
C LEU F 154 10.37 -0.50 73.44
N GLY F 155 10.78 -1.49 72.63
CA GLY F 155 11.94 -1.45 71.77
C GLY F 155 11.53 -2.12 70.46
N ALA F 156 12.42 -2.96 69.93
CA ALA F 156 12.29 -3.60 68.62
C ALA F 156 12.35 -2.65 67.43
N ALA F 157 12.33 -1.35 67.66
CA ALA F 157 12.46 -0.35 66.58
C ALA F 157 11.54 -0.64 65.39
N ARG F 158 10.24 -0.81 65.66
CA ARG F 158 9.34 -1.13 64.56
C ARG F 158 7.89 -0.80 64.88
N CYS F 159 7.21 -0.16 63.93
CA CYS F 159 5.77 0.01 64.03
C CYS F 159 5.05 -1.24 63.56
N VAL F 160 3.84 -1.44 64.07
CA VAL F 160 3.05 -2.60 63.69
C VAL F 160 1.73 -2.02 63.22
N VAL F 161 1.20 -2.53 62.12
CA VAL F 161 -0.12 -2.12 61.64
C VAL F 161 -1.08 -3.30 61.66
N HIS F 162 -2.12 -3.23 62.49
CA HIS F 162 -3.06 -4.34 62.46
C HIS F 162 -4.22 -3.86 61.60
N GLY F 163 -4.88 -4.79 60.91
CA GLY F 163 -6.05 -4.41 60.16
C GLY F 163 -5.74 -3.29 59.18
N ALA F 164 -4.66 -3.41 58.39
CA ALA F 164 -4.35 -2.38 57.42
C ALA F 164 -5.18 -2.55 56.15
N GLU F 165 -5.49 -1.42 55.51
CA GLU F 165 -6.14 -1.44 54.20
C GLU F 165 -5.17 -1.94 53.13
N PHE F 166 -5.59 -2.96 52.36
CA PHE F 166 -4.62 -3.60 51.47
C PHE F 166 -4.20 -2.69 50.32
N TRP F 167 -5.18 -1.97 49.73
CA TRP F 167 -4.94 -1.15 48.55
C TRP F 167 -4.69 0.33 48.82
N SER F 168 -5.02 0.83 50.01
CA SER F 168 -4.81 2.25 50.24
C SER F 168 -3.32 2.54 50.40
N GLN F 169 -2.99 3.82 50.24
CA GLN F 169 -1.62 4.26 50.34
C GLN F 169 -1.49 5.00 51.66
N TYR F 170 -0.38 4.77 52.36
CA TYR F 170 -0.17 5.33 53.68
C TYR F 170 1.11 6.15 53.70
N ARG F 171 1.07 7.23 54.45
CA ARG F 171 2.23 8.08 54.66
C ARG F 171 2.56 7.94 56.14
N ILE F 172 3.66 7.31 56.43
CA ILE F 172 4.05 7.01 57.80
C ILE F 172 4.86 8.20 58.30
N ASN F 173 4.62 8.59 59.54
CA ASN F 173 5.22 9.78 60.11
C ASN F 173 6.00 9.29 61.32
N VAL F 174 7.31 9.20 61.14
CA VAL F 174 8.27 8.90 62.19
C VAL F 174 9.01 10.19 62.52
N THR F 175 8.91 10.62 63.78
CA THR F 175 9.49 11.87 64.26
C THR F 175 10.50 11.54 65.33
N GLU F 176 11.76 11.93 65.10
CA GLU F 176 12.76 11.82 66.14
C GLU F 176 12.65 13.12 66.92
N VAL F 177 12.63 13.01 68.24
CA VAL F 177 12.51 14.18 69.11
C VAL F 177 13.53 14.12 70.24
N ASN F 178 14.13 15.27 70.52
CA ASN F 178 14.94 15.45 71.70
C ASN F 178 14.41 16.72 72.35
N PRO F 179 14.95 17.21 73.49
CA PRO F 179 14.32 18.36 74.14
C PRO F 179 14.32 19.65 73.35
N LEU F 180 14.94 19.67 72.16
CA LEU F 180 15.06 20.89 71.38
C LEU F 180 14.37 20.90 70.02
N GLY F 181 13.77 19.82 69.57
CA GLY F 181 13.12 19.86 68.28
C GLY F 181 12.84 18.49 67.69
N ALA F 182 12.52 18.51 66.38
CA ALA F 182 12.03 17.37 65.63
C ALA F 182 12.65 17.41 64.22
N SER F 183 12.68 16.25 63.58
CA SER F 183 13.12 16.17 62.19
C SER F 183 12.36 15.07 61.43
N THR F 184 11.03 15.13 61.50
CA THR F 184 10.09 14.13 61.00
C THR F 184 10.49 13.48 59.69
N ARG F 185 10.55 12.15 59.69
CA ARG F 185 10.64 11.35 58.47
C ARG F 185 9.26 10.92 58.00
N LEU F 186 8.95 11.24 56.75
CA LEU F 186 7.71 10.79 56.10
C LEU F 186 8.05 9.82 54.99
N LEU F 187 7.39 8.66 55.00
CA LEU F 187 7.66 7.57 54.06
C LEU F 187 6.34 7.10 53.48
N ASP F 188 6.17 7.26 52.17
CA ASP F 188 4.99 6.73 51.51
C ASP F 188 5.11 5.23 51.32
N VAL F 189 4.03 4.51 51.62
CA VAL F 189 4.01 3.06 51.59
C VAL F 189 2.62 2.58 51.16
N SER F 190 2.57 1.75 50.12
CA SER F 190 1.34 1.04 49.78
C SER F 190 1.59 -0.44 49.91
N LEU F 191 0.70 -1.12 50.65
CA LEU F 191 0.82 -2.55 50.86
C LEU F 191 0.96 -3.34 49.57
N GLN F 192 0.28 -2.90 48.50
CA GLN F 192 0.33 -3.63 47.24
C GLN F 192 1.66 -3.44 46.53
N SER F 193 2.36 -2.34 46.77
CA SER F 193 3.65 -2.10 46.13
C SER F 193 4.82 -2.64 46.96
N ILE F 194 4.78 -2.45 48.27
CA ILE F 194 5.90 -2.81 49.13
C ILE F 194 6.00 -4.29 49.45
N LEU F 195 4.96 -5.07 49.18
CA LEU F 195 4.89 -6.44 49.69
C LEU F 195 6.00 -7.32 49.10
N ARG F 196 6.64 -8.11 49.97
CA ARG F 196 7.61 -9.13 49.58
C ARG F 196 7.55 -10.35 50.48
N PRO F 197 7.09 -11.50 49.98
CA PRO F 197 6.94 -12.68 50.83
C PRO F 197 8.30 -13.27 51.17
N ASP F 198 8.33 -14.13 52.20
CA ASP F 198 9.57 -14.84 52.47
C ASP F 198 9.77 -15.97 51.46
N PRO F 199 11.00 -16.43 51.28
CA PRO F 199 11.25 -17.51 50.31
C PRO F 199 10.60 -18.81 50.75
N PRO F 200 10.28 -19.70 49.80
CA PRO F 200 9.82 -21.04 50.17
C PRO F 200 10.85 -21.77 51.02
N GLN F 201 10.37 -22.74 51.79
CA GLN F 201 11.23 -23.53 52.66
C GLN F 201 11.26 -24.97 52.18
N GLY F 202 12.27 -25.71 52.62
CA GLY F 202 12.29 -27.14 52.35
C GLY F 202 12.47 -27.51 50.90
N LEU F 203 13.10 -26.65 50.10
CA LEU F 203 13.34 -26.99 48.71
C LEU F 203 14.13 -28.28 48.61
N ARG F 204 13.57 -29.27 47.90
CA ARG F 204 14.24 -30.54 47.64
C ARG F 204 14.21 -30.85 46.17
N VAL F 205 15.28 -31.48 45.68
CA VAL F 205 15.40 -31.93 44.30
C VAL F 205 15.61 -33.43 44.29
N GLU F 206 14.90 -34.12 43.41
CA GLU F 206 14.94 -35.57 43.32
C GLU F 206 15.10 -35.97 41.87
N SER F 207 15.81 -37.07 41.65
CA SER F 207 15.88 -37.65 40.33
C SER F 207 14.55 -38.26 39.91
N VAL F 208 14.38 -38.37 38.60
CA VAL F 208 13.22 -39.01 37.98
C VAL F 208 13.71 -40.22 37.19
N PRO F 209 13.59 -41.42 37.76
CA PRO F 209 14.05 -42.62 37.05
C PRO F 209 13.45 -42.74 35.66
N GLY F 210 14.24 -43.30 34.74
CA GLY F 210 13.91 -43.39 33.34
C GLY F 210 14.23 -42.18 32.48
N TYR F 211 14.45 -41.00 33.07
CA TYR F 211 14.67 -39.79 32.28
C TYR F 211 15.99 -39.14 32.70
N PRO F 212 17.07 -39.32 31.92
CA PRO F 212 18.39 -38.86 32.36
C PRO F 212 18.57 -37.35 32.37
N ARG F 213 17.59 -36.55 31.96
CA ARG F 213 17.77 -35.11 31.89
C ARG F 213 16.60 -34.34 32.49
N ARG F 214 15.81 -34.99 33.35
CA ARG F 214 14.74 -34.36 34.09
C ARG F 214 15.04 -34.43 35.58
N LEU F 215 14.78 -33.34 36.31
CA LEU F 215 14.75 -33.38 37.77
C LEU F 215 13.47 -32.74 38.28
N ARG F 216 13.00 -33.26 39.43
CA ARG F 216 11.82 -32.76 40.10
C ARG F 216 12.23 -31.93 41.31
N ALA F 217 11.80 -30.67 41.33
CA ALA F 217 11.96 -29.78 42.46
C ALA F 217 10.62 -29.61 43.17
N SER F 218 10.66 -29.61 44.50
CA SER F 218 9.47 -29.38 45.31
C SER F 218 9.81 -28.41 46.43
N TRP F 219 8.78 -27.72 46.93
CA TRP F 219 8.93 -26.72 47.97
C TRP F 219 7.53 -26.43 48.53
N THR F 220 7.50 -25.66 49.60
CA THR F 220 6.24 -25.26 50.21
C THR F 220 6.15 -23.74 50.30
N TYR F 221 4.94 -23.25 50.59
CA TYR F 221 4.75 -21.86 50.96
C TYR F 221 5.61 -21.47 52.16
N PRO F 222 5.93 -20.19 52.31
CA PRO F 222 6.52 -19.73 53.57
C PRO F 222 5.47 -19.74 54.67
N ALA F 223 5.92 -19.97 55.91
CA ALA F 223 4.95 -20.06 57.00
C ALA F 223 4.27 -18.73 57.28
N SER F 224 4.96 -17.61 57.06
CA SER F 224 4.34 -16.30 57.25
C SER F 224 3.31 -15.96 56.19
N TRP F 225 3.13 -16.81 55.18
CA TRP F 225 2.15 -16.55 54.13
C TRP F 225 1.05 -17.62 54.20
N PRO F 226 -0.13 -17.32 54.72
CA PRO F 226 -1.21 -18.31 54.69
C PRO F 226 -1.76 -18.56 53.30
N SER F 227 -1.81 -19.82 52.91
CA SER F 227 -2.33 -20.24 51.61
C SER F 227 -3.80 -19.84 51.49
N GLN F 228 -4.12 -19.04 50.48
CA GLN F 228 -5.50 -18.60 50.35
C GLN F 228 -5.82 -18.42 48.87
N PRO F 229 -7.06 -18.71 48.45
CA PRO F 229 -7.39 -18.73 47.02
C PRO F 229 -7.40 -17.35 46.38
N HIS F 230 -7.35 -16.28 47.16
CA HIS F 230 -7.53 -14.92 46.68
C HIS F 230 -6.21 -14.35 46.19
N PHE F 231 -5.16 -14.64 46.94
CA PHE F 231 -3.79 -14.26 46.61
C PHE F 231 -2.93 -15.53 46.57
N LEU F 232 -2.76 -16.07 45.36
CA LEU F 232 -1.78 -17.12 45.12
C LEU F 232 -0.38 -16.48 45.10
N LEU F 233 0.64 -17.27 44.78
CA LEU F 233 1.94 -16.70 44.45
C LEU F 233 2.46 -17.29 43.16
N LYS F 234 3.13 -16.47 42.35
CA LYS F 234 3.86 -17.09 41.27
C LYS F 234 5.27 -17.36 41.76
N PHE F 235 5.96 -18.25 41.05
CA PHE F 235 7.29 -18.66 41.46
C PHE F 235 8.22 -18.61 40.27
N ARG F 236 9.50 -18.47 40.58
CA ARG F 236 10.54 -18.43 39.55
C ARG F 236 11.67 -19.27 40.11
N LEU F 237 12.04 -20.31 39.39
CA LEU F 237 13.04 -21.27 39.81
C LEU F 237 14.28 -21.05 38.98
N GLN F 238 15.43 -21.18 39.61
CA GLN F 238 16.70 -21.08 38.92
C GLN F 238 17.54 -22.30 39.21
N TYR F 239 18.29 -22.72 38.20
CA TYR F 239 19.16 -23.88 38.29
C TYR F 239 20.44 -23.59 37.53
N ARG F 240 21.51 -24.22 37.98
CA ARG F 240 22.82 -23.95 37.42
C ARG F 240 23.76 -25.13 37.66
N PRO F 241 24.42 -25.64 36.63
CA PRO F 241 25.39 -26.71 36.86
C PRO F 241 26.62 -26.15 37.57
N ALA F 242 27.23 -27.01 38.39
CA ALA F 242 28.44 -26.63 39.10
C ALA F 242 29.49 -26.08 38.15
N GLN F 243 30.19 -25.04 38.62
CA GLN F 243 31.26 -24.37 37.88
C GLN F 243 30.72 -23.49 36.75
N HIS F 244 29.39 -23.57 36.47
CA HIS F 244 28.90 -22.68 35.43
C HIS F 244 28.49 -21.34 36.04
N PRO F 245 28.64 -20.24 35.30
CA PRO F 245 28.48 -18.91 35.89
C PRO F 245 27.06 -18.34 35.80
N ALA F 246 26.25 -18.81 34.86
CA ALA F 246 24.98 -18.17 34.54
C ALA F 246 23.82 -19.06 35.00
N TRP F 247 22.85 -18.44 35.67
CA TRP F 247 21.62 -19.12 36.05
C TRP F 247 20.64 -19.22 34.89
N SER F 248 19.87 -20.30 34.89
CA SER F 248 18.71 -20.48 34.03
C SER F 248 17.44 -20.30 34.86
N THR F 249 16.43 -19.65 34.29
CA THR F 249 15.22 -19.31 35.03
C THR F 249 13.99 -19.93 34.38
N VAL F 250 13.13 -20.55 35.20
CA VAL F 250 11.82 -20.99 34.79
C VAL F 250 10.81 -20.44 35.80
N GLU F 251 9.53 -20.43 35.41
CA GLU F 251 8.45 -19.90 36.25
C GLU F 251 7.42 -20.99 36.55
N PRO F 252 7.66 -21.83 37.55
CA PRO F 252 6.79 -23.00 37.75
C PRO F 252 5.39 -22.60 38.18
N ALA F 253 4.40 -23.36 37.69
CA ALA F 253 3.07 -23.38 38.27
C ALA F 253 3.04 -24.28 39.50
N GLY F 254 2.51 -23.75 40.60
CA GLY F 254 2.37 -24.58 41.78
C GLY F 254 3.67 -24.80 42.53
N LEU F 255 3.67 -25.83 43.37
CA LEU F 255 4.74 -26.07 44.33
C LEU F 255 5.74 -27.11 43.81
N GLU F 256 5.75 -27.36 42.50
CA GLU F 256 6.58 -28.38 41.88
C GLU F 256 7.03 -27.87 40.52
N GLU F 257 8.18 -28.38 40.08
CA GLU F 257 8.70 -28.02 38.75
C GLU F 257 9.63 -29.12 38.25
N VAL F 258 9.33 -29.65 37.07
CA VAL F 258 10.23 -30.59 36.42
C VAL F 258 11.19 -29.80 35.53
N ILE F 259 12.47 -29.84 35.88
CA ILE F 259 13.53 -29.26 35.07
C ILE F 259 13.83 -30.22 33.94
N THR F 260 13.97 -29.73 32.72
CA THR F 260 14.14 -30.61 31.59
C THR F 260 15.46 -30.49 30.83
N ASP F 261 16.30 -29.51 31.14
CA ASP F 261 17.57 -29.37 30.43
C ASP F 261 18.76 -29.50 31.38
N ALA F 262 18.63 -30.35 32.40
CA ALA F 262 19.75 -30.58 33.30
C ALA F 262 20.85 -31.37 32.60
N VAL F 263 22.10 -30.94 32.79
CA VAL F 263 23.22 -31.66 32.20
C VAL F 263 23.38 -33.00 32.93
N ALA F 264 23.51 -34.07 32.15
CA ALA F 264 23.56 -35.40 32.75
C ALA F 264 24.81 -35.57 33.60
N GLY F 265 24.64 -36.19 34.77
CA GLY F 265 25.75 -36.57 35.62
C GLY F 265 26.44 -35.47 36.39
N LEU F 266 25.81 -34.30 36.53
CA LEU F 266 26.44 -33.12 37.12
C LEU F 266 25.57 -32.57 38.25
N PRO F 267 26.19 -32.19 39.38
CA PRO F 267 25.45 -31.47 40.42
C PRO F 267 24.86 -30.17 39.89
N HIS F 268 23.63 -29.88 40.31
CA HIS F 268 22.93 -28.66 39.95
C HIS F 268 22.53 -27.91 41.22
N ALA F 269 22.77 -26.60 41.23
CA ALA F 269 22.27 -25.73 42.27
C ALA F 269 20.90 -25.21 41.88
N VAL F 270 20.01 -25.08 42.86
CA VAL F 270 18.65 -24.59 42.61
C VAL F 270 18.23 -23.61 43.71
N ARG F 271 17.62 -22.50 43.29
CA ARG F 271 17.07 -21.52 44.22
C ARG F 271 15.81 -20.94 43.59
N VAL F 272 14.89 -20.49 44.45
CA VAL F 272 13.60 -19.98 44.01
C VAL F 272 13.22 -18.78 44.87
N SER F 273 12.36 -17.93 44.33
CA SER F 273 11.84 -16.77 45.04
C SER F 273 10.36 -16.65 44.75
N ALA F 274 9.67 -15.85 45.57
CA ALA F 274 8.21 -15.78 45.49
C ALA F 274 7.74 -14.34 45.35
N ARG F 275 6.57 -14.19 44.74
CA ARG F 275 5.88 -12.92 44.61
C ARG F 275 4.38 -13.19 44.54
N ASP F 276 3.58 -12.21 44.95
CA ASP F 276 2.13 -12.31 44.79
C ASP F 276 1.82 -12.63 43.33
N PHE F 277 0.86 -13.51 43.11
CA PHE F 277 0.55 -14.02 41.78
C PHE F 277 0.04 -12.94 40.84
N LEU F 278 -0.48 -11.82 41.36
CA LEU F 278 -0.91 -10.70 40.54
C LEU F 278 0.14 -9.61 40.44
N ASP F 279 1.42 -9.99 40.57
CA ASP F 279 2.55 -9.08 40.40
C ASP F 279 2.49 -7.89 41.36
N ALA F 280 1.89 -8.09 42.52
CA ALA F 280 1.89 -7.06 43.55
C ALA F 280 3.21 -7.09 44.30
N GLY F 281 3.62 -5.92 44.80
CA GLY F 281 4.86 -5.83 45.54
C GLY F 281 6.06 -6.21 44.71
N THR F 282 7.02 -6.86 45.35
CA THR F 282 8.30 -7.18 44.73
C THR F 282 8.68 -8.62 45.04
N TRP F 283 9.62 -9.14 44.25
CA TRP F 283 10.08 -10.50 44.42
C TRP F 283 10.84 -10.67 45.74
N SER F 284 10.68 -11.85 46.33
CA SER F 284 11.39 -12.22 47.55
C SER F 284 12.89 -12.35 47.32
N THR F 285 13.64 -12.45 48.43
CA THR F 285 15.03 -12.86 48.36
C THR F 285 15.12 -14.32 47.92
N TRP F 286 16.28 -14.67 47.36
CA TRP F 286 16.53 -16.06 46.96
C TRP F 286 16.60 -17.00 48.16
N SER F 287 15.98 -18.18 48.00
CA SER F 287 16.07 -19.34 48.88
C SER F 287 17.51 -19.80 49.12
N PRO F 288 17.75 -20.57 50.19
CA PRO F 288 19.03 -21.29 50.31
C PRO F 288 19.27 -22.22 49.13
N GLU F 289 20.51 -22.28 48.65
CA GLU F 289 20.83 -23.15 47.53
C GLU F 289 20.57 -24.61 47.89
N ALA F 290 19.99 -25.36 46.96
CA ALA F 290 19.87 -26.81 47.07
C ALA F 290 20.51 -27.55 45.90
N TRP F 291 21.16 -28.66 46.18
CA TRP F 291 21.91 -29.42 45.17
C TRP F 291 21.24 -30.76 44.92
N GLY F 292 21.27 -31.22 43.66
CA GLY F 292 20.84 -32.55 43.32
C GLY F 292 21.58 -33.05 42.09
N THR F 293 21.48 -34.37 41.86
CA THR F 293 22.24 -34.99 40.79
C THR F 293 21.38 -35.95 39.97
N PRO F 294 21.30 -35.77 38.65
CA PRO F 294 20.45 -36.63 37.83
C PRO F 294 20.93 -38.09 37.84
N SER F 295 19.97 -38.99 37.66
CA SER F 295 20.29 -40.41 37.67
C SER F 295 21.11 -40.77 36.42
N THR F 296 21.80 -41.90 36.50
CA THR F 296 22.68 -42.32 35.42
C THR F 296 21.91 -43.16 34.40
N GLY F 297 22.53 -43.35 33.24
CA GLY F 297 21.97 -44.20 32.21
C GLY F 297 21.51 -43.44 30.98
C1 NAG G . -38.67 14.05 -48.84
C2 NAG G . -39.68 14.18 -47.69
C3 NAG G . -41.06 13.70 -48.13
C4 NAG G . -41.50 14.41 -49.40
C5 NAG G . -40.44 14.22 -50.47
C6 NAG G . -40.76 14.94 -51.76
C7 NAG G . -38.76 14.04 -45.41
C8 NAG G . -38.72 15.53 -45.44
N2 NAG G . -39.23 13.44 -46.52
O3 NAG G . -42.00 13.94 -47.09
O4 NAG G . -42.69 13.79 -49.88
O5 NAG G . -39.18 14.72 -50.02
O6 NAG G . -39.85 16.00 -52.00
O7 NAG G . -38.39 13.39 -44.44
C1 NAG G . -43.87 14.57 -49.76
C2 NAG G . -44.88 13.97 -50.74
C3 NAG G . -46.24 14.65 -50.65
C4 NAG G . -46.72 14.68 -49.20
C5 NAG G . -45.64 15.28 -48.29
C6 NAG G . -46.00 15.21 -46.82
C7 NAG G . -44.04 14.91 -52.95
C8 NAG G . -44.16 16.32 -52.43
N2 NAG G . -44.39 13.90 -52.12
O3 NAG G . -47.17 13.94 -51.45
O4 NAG G . -47.95 15.39 -49.03
O5 NAG G . -44.41 14.55 -48.45
O6 NAG G . -45.42 14.07 -46.20
O7 NAG G . -43.65 14.68 -54.09
C1 BMA G . -48.15 16.51 -49.94
C2 BMA G . -49.41 16.19 -50.79
C3 BMA G . -49.79 17.40 -51.63
C4 BMA G . -49.89 18.67 -50.79
C5 BMA G . -48.56 18.88 -50.04
C6 BMA G . -48.59 20.10 -49.14
O2 BMA G . -50.53 15.90 -49.96
O3 BMA G . -51.01 17.19 -52.33
O4 BMA G . -50.14 19.79 -51.61
O5 BMA G . -48.31 17.72 -49.22
O6 BMA G . -49.65 19.94 -48.19
C1 NAG H . 4.14 14.15 62.18
C2 NAG H . 3.44 15.42 61.69
C3 NAG H . 3.92 16.64 62.48
C4 NAG H . 3.78 16.40 63.98
C5 NAG H . 4.52 15.13 64.36
C6 NAG H . 4.38 14.78 65.83
C7 NAG H . 2.71 15.42 59.35
C8 NAG H . 1.37 14.97 59.87
N2 NAG H . 3.65 15.62 60.27
O3 NAG H . 3.16 17.77 62.10
O4 NAG H . 4.42 17.47 64.67
O5 NAG H . 4.00 14.03 63.62
O6 NAG H . 3.61 13.60 66.00
O7 NAG H . 2.90 15.60 58.15
C1 NAG H . 3.53 18.38 65.34
C2 NAG H . 4.39 19.10 66.38
C3 NAG H . 3.60 20.17 67.12
C4 NAG H . 2.91 21.10 66.11
C5 NAG H . 2.10 20.28 65.11
C6 NAG H . 1.50 21.12 64.01
C7 NAG H . 4.57 17.33 68.20
C8 NAG H . 3.07 17.24 68.31
N2 NAG H . 5.10 18.20 67.30
O3 NAG H . 4.49 20.92 67.94
O4 NAG H . 2.07 22.07 66.75
O5 NAG H . 2.95 19.32 64.47
O6 NAG H . 2.32 21.15 62.85
O7 NAG H . 5.30 16.64 68.90
C1 BMA H . 1.44 21.65 67.98
C2 BMA H . 1.95 22.57 69.12
C3 BMA H . 1.19 22.30 70.41
C4 BMA H . -0.32 22.34 70.17
C5 BMA H . -0.70 21.35 69.05
C6 BMA H . -2.18 21.37 68.73
O2 BMA H . 1.75 23.93 68.80
O3 BMA H . 1.55 23.22 71.43
O4 BMA H . -1.01 21.99 71.37
O5 BMA H . 0.02 21.72 67.86
O6 BMA H . -2.54 22.69 68.35
C1 NAG I . 8.22 37.71 40.69
C2 NAG I . 6.81 38.24 40.47
C3 NAG I . 6.13 37.46 39.34
C4 NAG I . 7.00 37.47 38.09
C5 NAG I . 8.41 36.99 38.42
C6 NAG I . 9.35 37.06 37.25
C7 NAG I . 4.99 38.97 41.94
C8 NAG I . 4.29 38.74 43.26
N2 NAG I . 6.02 38.15 41.69
O3 NAG I . 4.86 38.04 39.06
O4 NAG I . 6.42 36.64 37.09
O5 NAG I . 8.98 37.79 39.47
O6 NAG I . 9.20 35.95 36.38
O7 NAG I . 4.64 39.85 41.16
C1 NAG I . 5.90 37.45 36.01
C2 NAG I . 5.23 36.55 34.97
C3 NAG I . 4.63 37.39 33.85
C4 NAG I . 3.71 38.46 34.42
C5 NAG I . 4.45 39.28 35.47
C6 NAG I . 3.55 40.30 36.15
C7 NAG I . 5.78 34.44 33.84
C8 NAG I . 6.87 33.56 33.34
N2 NAG I . 6.16 35.57 34.44
O3 NAG I . 3.90 36.55 32.95
O4 NAG I . 3.26 39.31 33.38
O5 NAG I . 4.96 38.42 36.49
O6 NAG I . 2.62 40.87 35.25
O7 NAG I . 4.59 34.14 33.71
C1 NAG J . -50.40 -3.33 -24.46
C2 NAG J . -50.93 -2.28 -23.49
C3 NAG J . -49.82 -1.85 -22.52
C4 NAG J . -49.21 -3.08 -21.83
C5 NAG J . -48.76 -4.10 -22.88
C6 NAG J . -48.24 -5.38 -22.27
C7 NAG J . -52.40 -0.33 -23.69
C8 NAG J . -52.82 0.81 -24.56
N2 NAG J . -51.45 -1.13 -24.20
O3 NAG J . -50.35 -0.96 -21.54
O4 NAG J . -48.09 -2.68 -21.04
O5 NAG J . -49.87 -4.45 -23.72
O6 NAG J . -46.88 -5.23 -21.87
O7 NAG J . -52.89 -0.51 -22.58
C1 NAG J . -48.42 -2.81 -19.64
C2 NAG J . -47.24 -2.31 -18.80
C3 NAG J . -47.58 -2.39 -17.31
C4 NAG J . -48.88 -1.65 -17.03
C5 NAG J . -49.99 -2.17 -17.93
C6 NAG J . -51.29 -1.41 -17.78
C7 NAG J . -44.80 -2.63 -18.81
C8 NAG J . -43.68 -3.56 -19.16
N2 NAG J . -46.04 -3.08 -19.08
O3 NAG J . -46.53 -1.82 -16.54
O4 NAG J . -49.26 -1.84 -15.66
O5 NAG J . -49.59 -2.05 -19.31
O6 NAG J . -51.51 -1.04 -16.43
O7 NAG J . -44.61 -1.53 -18.30
C1 NAG K . 23.96 31.75 25.16
C2 NAG K . 24.94 30.94 26.03
C3 NAG K . 26.38 31.51 25.93
C4 NAG K . 26.78 31.66 24.47
C5 NAG K . 25.73 32.46 23.70
C6 NAG K . 26.02 32.57 22.23
C7 NAG K . 24.32 31.75 28.36
C8 NAG K . 24.56 33.18 27.96
N2 NAG K . 24.52 30.80 27.43
O3 NAG K . 27.28 30.63 26.59
O4 NAG K . 28.03 32.33 24.38
O5 NAG K . 24.45 31.81 23.82
O6 NAG K . 25.05 33.36 21.55
O7 NAG K . 23.96 31.45 29.50
C1 NAG L . 2.12 18.97 9.98
C2 NAG L . 1.59 20.10 10.85
C3 NAG L . 0.72 19.55 11.97
C4 NAG L . -0.38 18.65 11.40
C5 NAG L . 0.24 17.57 10.53
C6 NAG L . -0.80 16.71 9.84
C7 NAG L . 2.73 22.23 11.29
C8 NAG L . 3.92 22.88 11.94
N2 NAG L . 2.68 20.91 11.40
O3 NAG L . 0.13 20.63 12.69
O4 NAG L . -1.11 18.05 12.46
O5 NAG L . 1.03 18.17 9.50
O6 NAG L . -1.52 17.45 8.87
O7 NAG L . 1.86 22.87 10.72
C1 NAG M . -36.82 -21.27 -20.23
C2 NAG M . -36.35 -21.63 -21.66
C3 NAG M . -36.66 -23.11 -21.98
C4 NAG M . -36.14 -24.02 -20.87
C5 NAG M . -36.64 -23.55 -19.52
C6 NAG M . -36.09 -24.37 -18.36
C7 NAG M . -38.13 -20.48 -23.06
C8 NAG M . -39.23 -21.21 -22.34
N2 NAG M . -36.85 -20.73 -22.69
O3 NAG M . -36.07 -23.45 -23.22
O4 NAG M . -36.58 -25.35 -21.10
O5 NAG M . -36.24 -22.20 -19.29
O6 NAG M . -36.61 -23.93 -17.11
O7 NAG M . -38.38 -19.68 -23.95
C1 NAG N . -21.15 -3.50 -2.62
C2 NAG N . -22.59 -3.02 -2.74
C3 NAG N . -22.67 -1.70 -3.50
C4 NAG N . -21.73 -0.67 -2.86
C5 NAG N . -20.32 -1.24 -2.77
C6 NAG N . -19.36 -0.31 -2.05
C7 NAG N . -24.58 -4.46 -2.86
C8 NAG N . -25.32 -5.48 -3.68
N2 NAG N . -23.43 -4.02 -3.39
O3 NAG N . -24.01 -1.21 -3.49
O4 NAG N . -21.72 0.51 -3.65
O5 NAG N . -20.34 -2.47 -2.04
O6 NAG N . -19.69 -0.21 -0.67
O7 NAG N . -25.01 -4.05 -1.78
#